data_6H4W
#
_entry.id   6H4W
#
_cell.length_a   57.557
_cell.length_b   101.487
_cell.length_c   142.308
_cell.angle_alpha   90.00
_cell.angle_beta   99.07
_cell.angle_gamma   90.00
#
_symmetry.space_group_name_H-M   'P 1 21 1'
#
loop_
_entity.id
_entity.type
_entity.pdbx_description
1 polymer 'Lysine-specific demethylase 4A'
2 non-polymer 'ZINC ION'
3 non-polymer 8-[4-[2-[4-(3-chlorophenyl)-4-methyl-piperidin-1-yl]ethyl]pyrazol-1-yl]-3~{H}-pyrido[3,4-d]pyrimidin-4-one
4 non-polymer 'DIMETHYL SULFOXIDE'
5 non-polymer 'CHLORIDE ION'
6 water water
#
_entity_poly.entity_id   1
_entity_poly.type   'polypeptide(L)'
_entity_poly.pdbx_seq_one_letter_code
;SMASESETLNPSARIMTFYPTMEEFRNFSRYIAYIESQGAHRAGLAKVVPPKEWKPRASYDDIDDLVIPAPIQQLVTGQS
GLFTQYNIQKKAMTVREFRKIANSDKYCTPRYSEFEELERKYWKNLTFNPPIYGADVNGTLYEKHVDEWNIGRLRTILDL
VEKESGITIEGVNTPYLYFGMWKTSFAWHTEDMDLYSINYLHFGEPKSWYSVPPEHGKRLERLAKGFFPGSAQSCEAFLR
HKMTLISPLMLKKYGIPFDKVTQEAGEFMITFPYGYHAGFNHGFNCAESTNFATRRWIEYGKQAVLCSCRKDMVKISMDV
FVRKFQPERYKLWKAGKDNTVIDHTLPTPEAAEFLKESEL
;
_entity_poly.pdbx_strand_id   A,B,C,D
#
loop_
_chem_comp.id
_chem_comp.type
_chem_comp.name
_chem_comp.formula
CL non-polymer 'CHLORIDE ION' 'Cl -1'
DMS non-polymer 'DIMETHYL SULFOXIDE' 'C2 H6 O S'
FQQ non-polymer 8-[4-[2-[4-(3-chlorophenyl)-4-methyl-piperidin-1-yl]ethyl]pyrazol-1-yl]-3~{H}-pyrido[3,4-d]pyrimidin-4-one 'C24 H25 Cl N6 O'
ZN non-polymer 'ZINC ION' 'Zn 2'
#
# COMPACT_ATOMS: atom_id res chain seq x y z
N ASN A 10 42.48 15.34 6.96
CA ASN A 10 41.63 15.32 8.17
C ASN A 10 42.12 14.22 9.15
N PRO A 11 43.30 14.39 9.80
CA PRO A 11 43.78 13.34 10.72
C PRO A 11 42.97 13.22 11.99
N SER A 12 42.24 14.29 12.37
CA SER A 12 41.38 14.30 13.54
C SER A 12 40.06 13.54 13.25
N ALA A 13 39.68 13.44 11.95
CA ALA A 13 38.46 12.80 11.46
C ALA A 13 37.23 13.45 12.09
N ARG A 14 37.23 14.79 12.10
CA ARG A 14 36.18 15.63 12.66
C ARG A 14 35.19 15.99 11.56
N ILE A 15 33.91 16.19 11.97
CA ILE A 15 32.82 16.55 11.05
C ILE A 15 33.17 17.91 10.43
N MET A 16 33.31 17.92 9.10
CA MET A 16 33.63 19.10 8.30
C MET A 16 32.40 19.73 7.70
N THR A 17 32.40 21.07 7.57
CA THR A 17 31.31 21.84 6.98
C THR A 17 31.83 22.53 5.72
N PHE A 18 31.03 22.48 4.65
CA PHE A 18 31.39 23.04 3.35
C PHE A 18 30.37 24.08 2.90
N TYR A 19 30.83 25.17 2.28
CA TYR A 19 29.97 26.24 1.82
C TYR A 19 30.18 26.44 0.31
N PRO A 20 29.71 25.50 -0.54
CA PRO A 20 29.94 25.63 -1.98
C PRO A 20 29.27 26.84 -2.58
N THR A 21 29.96 27.46 -3.54
CA THR A 21 29.48 28.57 -4.35
C THR A 21 28.57 27.92 -5.40
N MET A 22 27.63 28.68 -6.00
CA MET A 22 26.72 28.14 -7.02
C MET A 22 27.42 27.28 -8.10
N GLU A 23 28.62 27.70 -8.59
CA GLU A 23 29.41 26.98 -9.61
C GLU A 23 29.89 25.61 -9.12
N GLU A 24 30.38 25.57 -7.86
CA GLU A 24 30.86 24.35 -7.17
C GLU A 24 29.72 23.33 -6.92
N PHE A 25 28.56 23.84 -6.48
CA PHE A 25 27.33 23.16 -6.15
C PHE A 25 26.68 22.51 -7.36
N ARG A 26 26.62 23.18 -8.52
CA ARG A 26 25.97 22.71 -9.76
C ARG A 26 26.13 21.19 -10.03
N ASN A 27 27.38 20.66 -9.89
CA ASN A 27 27.66 19.22 -10.05
C ASN A 27 27.78 18.57 -8.68
N PHE A 28 26.90 17.57 -8.41
CA PHE A 28 26.81 16.83 -7.16
C PHE A 28 27.99 15.86 -6.92
N SER A 29 28.12 14.83 -7.80
CA SER A 29 29.18 13.80 -7.76
C SER A 29 30.53 14.45 -7.74
N ARG A 30 30.70 15.60 -8.46
CA ARG A 30 31.97 16.33 -8.50
C ARG A 30 32.25 16.95 -7.16
N TYR A 31 31.22 17.60 -6.53
CA TYR A 31 31.42 18.18 -5.21
C TYR A 31 31.68 17.11 -4.17
N ILE A 32 30.98 15.95 -4.29
CA ILE A 32 31.19 14.82 -3.38
C ILE A 32 32.64 14.36 -3.50
N ALA A 33 33.21 14.41 -4.71
CA ALA A 33 34.61 14.05 -4.97
C ALA A 33 35.53 15.03 -4.30
N TYR A 34 35.21 16.35 -4.40
CA TYR A 34 35.98 17.43 -3.81
C TYR A 34 36.03 17.33 -2.29
N ILE A 35 34.85 17.18 -1.64
CA ILE A 35 34.78 17.13 -0.19
C ILE A 35 35.64 16.00 0.26
N GLU A 36 35.56 14.82 -0.42
CA GLU A 36 36.36 13.63 -0.14
C GLU A 36 37.87 13.95 -0.19
N SER A 37 38.33 14.76 -1.22
CA SER A 37 39.73 15.18 -1.38
C SER A 37 40.23 15.96 -0.17
N GLN A 38 39.29 16.63 0.55
CA GLN A 38 39.52 17.41 1.77
C GLN A 38 39.54 16.51 3.03
N GLY A 39 39.12 15.24 2.87
CA GLY A 39 39.10 14.19 3.89
C GLY A 39 37.84 14.11 4.72
N ALA A 40 36.73 14.65 4.18
CA ALA A 40 35.40 14.70 4.82
C ALA A 40 34.90 13.32 5.27
N HIS A 41 35.12 12.31 4.40
CA HIS A 41 34.76 10.88 4.55
C HIS A 41 35.37 10.20 5.77
N ARG A 42 36.46 10.76 6.31
CA ARG A 42 37.15 10.21 7.47
C ARG A 42 36.34 10.31 8.75
N ALA A 43 35.46 11.33 8.82
CA ALA A 43 34.54 11.56 9.95
C ALA A 43 33.34 10.61 9.92
N GLY A 44 32.93 10.19 8.70
CA GLY A 44 31.76 9.35 8.45
C GLY A 44 30.53 10.19 8.13
N LEU A 45 30.59 11.49 8.44
CA LEU A 45 29.52 12.48 8.31
C LEU A 45 30.08 13.85 7.98
N ALA A 46 29.36 14.60 7.15
CA ALA A 46 29.75 15.97 6.77
C ALA A 46 28.53 16.84 6.48
N LYS A 47 28.71 18.15 6.63
CA LYS A 47 27.67 19.15 6.43
C LYS A 47 27.95 20.03 5.19
N VAL A 48 26.94 20.20 4.35
CA VAL A 48 27.06 21.08 3.18
C VAL A 48 25.95 22.12 3.28
N VAL A 49 26.36 23.39 3.21
CA VAL A 49 25.49 24.53 3.24
C VAL A 49 25.29 25.03 1.79
N PRO A 50 24.05 24.97 1.24
CA PRO A 50 23.86 25.37 -0.16
C PRO A 50 23.91 26.88 -0.36
N PRO A 51 24.26 27.39 -1.58
CA PRO A 51 24.28 28.84 -1.82
C PRO A 51 22.93 29.50 -1.50
N LYS A 52 22.98 30.72 -0.92
CA LYS A 52 21.82 31.51 -0.47
C LYS A 52 20.65 31.55 -1.46
N GLU A 53 20.93 31.69 -2.76
CA GLU A 53 19.96 31.72 -3.85
C GLU A 53 19.17 30.42 -4.00
N TRP A 54 19.82 29.28 -3.75
CA TRP A 54 19.26 27.95 -3.91
C TRP A 54 18.13 27.58 -2.93
N LYS A 55 16.96 27.22 -3.52
CA LYS A 55 15.74 26.74 -2.86
C LYS A 55 15.13 25.55 -3.68
N PRO A 56 14.93 24.36 -3.08
CA PRO A 56 14.39 23.22 -3.85
C PRO A 56 12.87 23.29 -4.13
N ARG A 57 12.16 24.07 -3.33
CA ARG A 57 10.72 24.32 -3.36
C ARG A 57 10.54 25.76 -2.94
N ALA A 58 9.57 26.42 -3.57
CA ALA A 58 9.26 27.81 -3.35
C ALA A 58 8.55 28.07 -2.04
N SER A 59 7.56 27.23 -1.68
CA SER A 59 6.79 27.32 -0.43
C SER A 59 6.32 25.94 0.05
N TYR A 60 6.50 25.68 1.36
CA TYR A 60 6.12 24.44 2.04
C TYR A 60 4.74 24.57 2.75
N ASP A 61 3.88 25.46 2.24
N ASP A 61 3.86 25.44 2.25
CA ASP A 61 2.54 25.73 2.81
CA ASP A 61 2.56 25.65 2.89
C ASP A 61 1.44 24.79 2.28
C ASP A 61 1.42 24.78 2.29
N ASP A 62 1.63 24.26 1.08
CA ASP A 62 0.68 23.40 0.37
C ASP A 62 0.70 21.92 0.77
N ILE A 63 1.66 21.51 1.61
CA ILE A 63 1.83 20.10 1.96
C ILE A 63 0.98 19.62 3.16
N ASP A 64 0.03 20.41 3.68
CA ASP A 64 -0.78 19.98 4.84
C ASP A 64 -1.60 18.70 4.62
N ASP A 65 -2.06 18.46 3.37
CA ASP A 65 -2.88 17.30 3.04
C ASP A 65 -2.09 16.15 2.42
N LEU A 66 -0.78 16.14 2.69
CA LEU A 66 0.13 15.07 2.29
C LEU A 66 -0.06 13.95 3.31
N VAL A 67 -0.06 12.71 2.85
CA VAL A 67 -0.28 11.55 3.70
C VAL A 67 1.03 10.85 4.13
N ILE A 68 1.21 10.70 5.46
CA ILE A 68 2.22 9.91 6.13
C ILE A 68 1.47 8.54 6.32
N PRO A 69 1.74 7.50 5.46
CA PRO A 69 0.96 6.25 5.56
C PRO A 69 1.27 5.36 6.76
N ALA A 70 2.53 5.38 7.22
CA ALA A 70 2.94 4.52 8.32
C ALA A 70 3.66 5.29 9.44
N PRO A 71 2.91 6.07 10.23
CA PRO A 71 3.56 6.79 11.34
C PRO A 71 4.05 5.76 12.37
N ILE A 72 5.24 5.96 12.98
CA ILE A 72 5.73 4.98 13.99
C ILE A 72 5.85 5.57 15.42
N GLN A 73 5.09 5.03 16.35
CA GLN A 73 5.26 5.49 17.71
C GLN A 73 6.47 4.71 18.20
N GLN A 74 7.52 5.46 18.49
CA GLN A 74 8.80 4.94 18.88
C GLN A 74 8.81 4.76 20.38
N LEU A 75 8.86 3.49 20.82
CA LEU A 75 8.95 3.09 22.21
C LEU A 75 10.35 2.66 22.54
N VAL A 76 10.98 3.33 23.49
CA VAL A 76 12.34 3.03 23.89
C VAL A 76 12.34 2.41 25.30
N THR A 77 13.15 1.36 25.44
CA THR A 77 13.33 0.63 26.70
C THR A 77 14.84 0.58 26.99
N GLY A 78 15.22 0.73 28.24
CA GLY A 78 16.63 0.70 28.61
C GLY A 78 17.06 1.57 29.78
N GLN A 79 18.36 1.49 30.12
CA GLN A 79 18.92 2.21 31.24
C GLN A 79 20.39 2.46 31.06
N SER A 80 20.89 3.43 31.83
CA SER A 80 22.28 3.86 31.91
C SER A 80 23.00 3.96 30.54
N GLY A 81 22.41 4.71 29.64
CA GLY A 81 23.01 4.95 28.34
C GLY A 81 22.80 3.92 27.26
N LEU A 82 22.18 2.79 27.61
CA LEU A 82 21.90 1.71 26.66
C LEU A 82 20.41 1.48 26.49
N PHE A 83 19.93 1.60 25.25
CA PHE A 83 18.50 1.46 24.95
C PHE A 83 18.15 0.65 23.69
N THR A 84 16.87 0.26 23.56
CA THR A 84 16.29 -0.44 22.41
C THR A 84 14.99 0.27 22.00
N GLN A 85 14.88 0.66 20.71
CA GLN A 85 13.70 1.35 20.19
C GLN A 85 12.80 0.37 19.45
N TYR A 86 11.52 0.34 19.79
CA TYR A 86 10.46 -0.49 19.24
C TYR A 86 9.51 0.41 18.44
N ASN A 87 9.36 0.13 17.14
CA ASN A 87 8.55 0.95 16.25
C ASN A 87 7.15 0.38 16.12
N ILE A 88 6.16 0.98 16.80
CA ILE A 88 4.75 0.59 16.82
C ILE A 88 4.02 1.34 15.71
N GLN A 89 3.74 0.66 14.57
CA GLN A 89 3.08 1.33 13.45
C GLN A 89 1.68 1.80 13.80
N LYS A 90 1.39 3.02 13.38
CA LYS A 90 0.12 3.69 13.61
C LYS A 90 -0.65 3.85 12.30
N LYS A 91 -1.92 4.26 12.41
CA LYS A 91 -2.78 4.47 11.25
C LYS A 91 -2.25 5.70 10.51
N ALA A 92 -2.42 5.70 9.18
CA ALA A 92 -2.01 6.77 8.29
C ALA A 92 -2.58 8.12 8.74
N MET A 93 -1.75 9.15 8.73
CA MET A 93 -2.19 10.50 9.11
C MET A 93 -1.60 11.57 8.19
N THR A 94 -2.26 12.74 8.12
CA THR A 94 -1.76 13.81 7.26
C THR A 94 -0.64 14.56 7.96
N VAL A 95 0.02 15.47 7.21
CA VAL A 95 1.07 16.35 7.74
C VAL A 95 0.41 17.37 8.73
N ARG A 96 -0.85 17.72 8.47
CA ARG A 96 -1.59 18.61 9.34
C ARG A 96 -1.82 17.96 10.70
N GLU A 97 -2.28 16.67 10.70
CA GLU A 97 -2.55 15.89 11.91
C GLU A 97 -1.26 15.73 12.73
N PHE A 98 -0.15 15.46 12.06
CA PHE A 98 1.15 15.31 12.65
C PHE A 98 1.64 16.64 13.26
N ARG A 99 1.62 17.76 12.50
CA ARG A 99 2.09 19.06 12.99
C ARG A 99 1.37 19.49 14.28
N LYS A 100 0.04 19.20 14.38
CA LYS A 100 -0.79 19.52 15.56
C LYS A 100 -0.32 18.72 16.77
N ILE A 101 0.03 17.41 16.58
CA ILE A 101 0.55 16.54 17.65
C ILE A 101 1.96 17.02 18.05
N ALA A 102 2.86 17.20 17.05
CA ALA A 102 4.22 17.64 17.26
C ALA A 102 4.25 18.90 18.15
N ASN A 103 3.39 19.87 17.84
CA ASN A 103 3.36 21.15 18.56
C ASN A 103 2.49 21.14 19.81
N SER A 104 1.79 20.04 20.08
CA SER A 104 0.91 19.96 21.26
C SER A 104 1.72 20.05 22.57
N ASP A 105 1.07 20.48 23.65
CA ASP A 105 1.72 20.58 24.95
C ASP A 105 2.33 19.24 25.43
N LYS A 106 1.78 18.09 24.98
CA LYS A 106 2.22 16.72 25.30
C LYS A 106 3.51 16.40 24.64
N TYR A 107 3.66 16.78 23.36
CA TYR A 107 4.82 16.42 22.54
C TYR A 107 5.76 17.55 22.09
N CYS A 108 5.52 18.81 22.48
CA CYS A 108 6.39 19.92 22.05
C CYS A 108 7.78 19.90 22.71
N THR A 109 8.73 20.58 22.07
CA THR A 109 10.12 20.70 22.50
C THR A 109 10.18 21.40 23.87
N PRO A 110 10.95 20.88 24.85
CA PRO A 110 11.07 21.60 26.12
C PRO A 110 11.87 22.90 25.98
N ARG A 111 11.74 23.78 27.01
CA ARG A 111 12.45 25.06 27.05
C ARG A 111 13.93 24.76 27.31
N TYR A 112 14.83 25.43 26.62
CA TYR A 112 16.23 25.16 26.82
C TYR A 112 17.08 26.33 26.42
N SER A 113 18.33 26.36 26.87
CA SER A 113 19.21 27.45 26.51
C SER A 113 20.19 26.97 25.46
N GLU A 114 21.21 26.27 25.92
CA GLU A 114 22.25 25.71 25.07
C GLU A 114 21.83 24.36 24.50
N PHE A 115 22.48 23.89 23.43
CA PHE A 115 22.14 22.58 22.89
C PHE A 115 22.43 21.48 23.92
N GLU A 116 23.52 21.63 24.64
CA GLU A 116 23.97 20.74 25.71
C GLU A 116 22.81 20.39 26.69
N GLU A 117 21.90 21.38 26.94
CA GLU A 117 20.71 21.24 27.77
C GLU A 117 19.66 20.31 27.12
N LEU A 118 19.37 20.51 25.81
CA LEU A 118 18.36 19.71 25.09
C LEU A 118 18.81 18.29 24.89
N GLU A 119 20.13 18.10 24.75
CA GLU A 119 20.73 16.80 24.60
C GLU A 119 20.55 16.08 25.94
N ARG A 120 21.01 16.70 27.04
CA ARG A 120 20.90 16.18 28.39
C ARG A 120 19.47 15.67 28.63
N LYS A 121 18.45 16.52 28.30
CA LYS A 121 17.02 16.27 28.44
C LYS A 121 16.59 15.10 27.54
N TYR A 122 17.17 15.00 26.30
CA TYR A 122 16.87 13.93 25.35
C TYR A 122 17.22 12.59 25.99
N TRP A 123 18.45 12.44 26.46
CA TRP A 123 18.95 11.20 27.05
C TRP A 123 18.35 10.89 28.44
N LYS A 124 17.69 11.87 29.09
CA LYS A 124 17.04 11.58 30.37
C LYS A 124 15.63 11.02 30.10
N ASN A 125 14.92 11.66 29.17
CA ASN A 125 13.52 11.36 28.90
C ASN A 125 13.19 10.50 27.69
N LEU A 126 14.17 9.95 26.98
CA LEU A 126 13.87 9.19 25.76
C LEU A 126 12.93 8.02 25.97
N THR A 127 12.97 7.39 27.15
CA THR A 127 12.11 6.25 27.45
C THR A 127 10.66 6.62 27.74
N PHE A 128 10.38 7.88 28.18
CA PHE A 128 9.02 8.36 28.53
C PHE A 128 8.34 9.06 27.39
N ASN A 129 6.99 9.17 27.47
CA ASN A 129 6.12 9.82 26.48
C ASN A 129 6.53 9.49 25.00
N PRO A 130 6.34 8.21 24.57
CA PRO A 130 6.77 7.83 23.23
C PRO A 130 6.22 8.72 22.11
N PRO A 131 7.12 9.38 21.34
CA PRO A 131 6.65 10.23 20.25
C PRO A 131 6.29 9.42 19.00
N ILE A 132 5.75 10.10 17.99
CA ILE A 132 5.39 9.53 16.71
C ILE A 132 6.34 10.11 15.67
N TYR A 133 6.90 9.25 14.84
CA TYR A 133 7.80 9.66 13.77
C TYR A 133 7.19 9.32 12.41
N GLY A 134 6.97 10.34 11.58
CA GLY A 134 6.41 10.20 10.24
C GLY A 134 7.51 9.82 9.28
N ALA A 135 8.08 8.61 9.50
CA ALA A 135 9.25 8.07 8.79
C ALA A 135 8.96 7.25 7.56
N ASP A 136 9.96 7.23 6.64
CA ASP A 136 10.00 6.47 5.39
C ASP A 136 8.79 6.74 4.50
N VAL A 137 8.50 8.06 4.26
CA VAL A 137 7.37 8.47 3.43
C VAL A 137 7.85 8.53 2.00
N ASN A 138 7.39 7.64 1.11
CA ASN A 138 7.83 7.65 -0.29
C ASN A 138 7.36 8.93 -0.98
N GLY A 139 8.30 9.83 -1.27
CA GLY A 139 8.02 11.10 -1.94
C GLY A 139 9.17 12.07 -1.90
N THR A 140 8.96 13.24 -2.54
CA THR A 140 9.93 14.34 -2.64
C THR A 140 9.25 15.69 -2.45
N LEU A 141 9.97 16.66 -1.86
CA LEU A 141 9.47 18.04 -1.76
C LEU A 141 10.13 18.97 -2.79
N TYR A 142 11.07 18.42 -3.59
CA TYR A 142 11.73 19.17 -4.64
C TYR A 142 10.76 19.45 -5.75
N GLU A 143 10.86 20.63 -6.39
CA GLU A 143 10.03 20.98 -7.56
C GLU A 143 10.72 20.35 -8.76
N LYS A 144 9.93 19.91 -9.75
CA LYS A 144 10.40 19.23 -10.98
C LYS A 144 11.65 19.83 -11.63
N HIS A 145 11.63 21.16 -11.87
CA HIS A 145 12.66 21.97 -12.54
C HIS A 145 14.03 22.07 -11.83
N VAL A 146 14.11 21.96 -10.47
CA VAL A 146 15.37 22.09 -9.71
C VAL A 146 16.33 20.94 -10.07
N ASP A 147 17.42 21.27 -10.79
CA ASP A 147 18.42 20.32 -11.28
C ASP A 147 19.59 20.07 -10.32
N GLU A 148 19.97 21.09 -9.55
CA GLU A 148 21.08 20.99 -8.61
C GLU A 148 20.68 20.17 -7.33
N TRP A 149 21.46 19.10 -7.00
CA TRP A 149 21.33 18.29 -5.79
C TRP A 149 19.92 17.72 -5.57
N ASN A 150 19.24 17.28 -6.64
CA ASN A 150 17.90 16.70 -6.51
C ASN A 150 17.99 15.28 -6.02
N ILE A 151 17.58 15.05 -4.76
CA ILE A 151 17.55 13.73 -4.08
C ILE A 151 16.82 12.68 -4.97
N GLY A 152 15.75 13.11 -5.64
CA GLY A 152 14.99 12.27 -6.56
C GLY A 152 15.78 11.78 -7.76
N ARG A 153 16.77 12.57 -8.21
CA ARG A 153 17.61 12.26 -9.39
C ARG A 153 19.06 12.75 -9.23
N LEU A 154 19.87 12.06 -8.41
CA LEU A 154 21.27 12.45 -8.19
C LEU A 154 22.22 12.06 -9.34
N ARG A 155 21.81 11.05 -10.14
CA ARG A 155 22.52 10.52 -11.32
C ARG A 155 23.96 9.98 -11.00
N THR A 156 24.13 9.41 -9.76
CA THR A 156 25.33 8.73 -9.25
C THR A 156 25.51 7.38 -9.98
N ILE A 157 26.60 6.64 -9.68
CA ILE A 157 26.80 5.32 -10.33
C ILE A 157 25.79 4.28 -9.77
N LEU A 158 25.04 4.66 -8.73
CA LEU A 158 24.04 3.79 -8.13
C LEU A 158 22.89 3.41 -9.12
N ASP A 159 22.56 4.30 -10.07
CA ASP A 159 21.55 4.11 -11.13
C ASP A 159 21.78 2.83 -12.00
N LEU A 160 23.01 2.26 -11.98
CA LEU A 160 23.38 1.03 -12.68
C LEU A 160 22.49 -0.16 -12.26
N VAL A 161 21.99 -0.15 -11.00
CA VAL A 161 21.09 -1.14 -10.40
C VAL A 161 19.81 -1.24 -11.26
N GLU A 162 19.23 -0.07 -11.64
CA GLU A 162 18.05 0.05 -12.50
C GLU A 162 18.29 -0.61 -13.87
N LYS A 163 19.45 -0.33 -14.51
CA LYS A 163 19.85 -0.82 -15.84
C LYS A 163 19.68 -2.34 -16.05
N GLY A 171 14.44 -0.69 -4.98
CA GLY A 171 13.94 0.68 -4.82
C GLY A 171 14.55 1.54 -3.72
N VAL A 172 15.92 1.61 -3.69
CA VAL A 172 16.75 2.38 -2.74
C VAL A 172 17.30 3.65 -3.41
N ASN A 173 17.04 3.80 -4.73
CA ASN A 173 17.43 4.94 -5.57
C ASN A 173 16.32 6.05 -5.52
N THR A 174 15.20 5.74 -4.82
CA THR A 174 14.02 6.60 -4.62
C THR A 174 14.16 7.45 -3.34
N PRO A 175 13.53 8.66 -3.29
CA PRO A 175 13.61 9.50 -2.09
C PRO A 175 12.48 9.23 -1.08
N TYR A 176 12.81 9.39 0.22
CA TYR A 176 11.91 9.21 1.36
C TYR A 176 11.91 10.47 2.19
N LEU A 177 10.74 10.85 2.71
CA LEU A 177 10.56 12.03 3.57
C LEU A 177 10.39 11.61 4.99
N TYR A 178 10.83 12.47 5.90
CA TYR A 178 10.72 12.24 7.34
C TYR A 178 10.12 13.46 8.01
N PHE A 179 9.03 13.24 8.71
CA PHE A 179 8.33 14.27 9.47
C PHE A 179 8.63 13.93 10.91
N GLY A 180 9.45 14.77 11.53
CA GLY A 180 9.89 14.56 12.91
C GLY A 180 9.23 15.43 13.95
N MET A 181 9.33 15.00 15.21
CA MET A 181 8.85 15.76 16.35
C MET A 181 9.87 15.58 17.44
N TRP A 182 9.80 16.41 18.46
CA TRP A 182 10.76 16.35 19.54
C TRP A 182 10.95 14.93 20.06
N LYS A 183 12.23 14.52 20.29
CA LYS A 183 12.61 13.25 20.91
C LYS A 183 12.50 12.05 19.99
N THR A 184 12.05 12.23 18.71
CA THR A 184 12.00 11.10 17.79
C THR A 184 13.44 10.82 17.44
N SER A 185 13.86 9.57 17.36
CA SER A 185 15.25 9.31 17.08
C SER A 185 15.58 8.20 16.11
N PHE A 186 16.80 8.23 15.59
CA PHE A 186 17.27 7.18 14.71
C PHE A 186 18.44 6.50 15.37
N ALA A 187 18.36 5.19 15.44
CA ALA A 187 19.36 4.37 16.08
C ALA A 187 20.64 4.20 15.31
N TRP A 188 21.66 3.71 15.99
CA TRP A 188 22.98 3.50 15.40
C TRP A 188 22.97 2.53 14.21
N HIS A 189 23.48 2.99 13.06
CA HIS A 189 23.52 2.20 11.84
C HIS A 189 24.39 2.87 10.78
N THR A 190 24.86 2.08 9.81
CA THR A 190 25.47 2.51 8.57
C THR A 190 24.30 2.30 7.60
N GLU A 191 24.38 2.86 6.40
CA GLU A 191 23.33 2.66 5.40
C GLU A 191 23.37 1.22 4.88
N ASP A 192 22.27 0.72 4.31
CA ASP A 192 22.23 -0.62 3.73
C ASP A 192 23.23 -0.68 2.59
N MET A 193 23.91 -1.85 2.46
CA MET A 193 24.97 -2.11 1.48
C MET A 193 26.18 -1.18 1.71
N ASP A 194 26.21 -0.55 2.90
CA ASP A 194 27.22 0.43 3.33
C ASP A 194 27.34 1.58 2.32
N LEU A 195 26.22 2.08 1.89
CA LEU A 195 26.16 3.18 0.94
C LEU A 195 26.28 4.56 1.56
N TYR A 196 26.33 5.55 0.68
CA TYR A 196 26.33 6.95 1.01
C TYR A 196 24.87 7.37 1.13
N SER A 197 24.62 8.46 1.84
CA SER A 197 23.30 9.03 1.99
C SER A 197 23.35 10.54 2.00
N ILE A 198 22.30 11.15 1.48
CA ILE A 198 22.11 12.59 1.49
C ILE A 198 20.87 12.89 2.30
N ASN A 199 20.96 13.86 3.22
CA ASN A 199 19.81 14.25 4.06
C ASN A 199 19.64 15.76 4.02
N TYR A 200 18.52 16.25 3.44
CA TYR A 200 18.25 17.69 3.37
C TYR A 200 17.15 18.05 4.37
N LEU A 201 17.35 19.10 5.19
CA LEU A 201 16.31 19.50 6.15
C LEU A 201 15.47 20.57 5.47
N HIS A 202 14.30 20.19 4.96
CA HIS A 202 13.41 21.08 4.21
C HIS A 202 13.01 22.30 4.98
N PHE A 203 12.53 22.09 6.21
CA PHE A 203 12.08 23.15 7.09
C PHE A 203 11.99 22.61 8.49
N GLY A 204 11.75 23.49 9.45
CA GLY A 204 11.50 23.09 10.83
C GLY A 204 12.67 23.14 11.77
N GLU A 205 12.50 22.50 12.94
CA GLU A 205 13.49 22.47 14.04
C GLU A 205 14.69 21.62 13.70
N PRO A 206 15.89 21.85 14.32
CA PRO A 206 17.09 21.10 13.91
C PRO A 206 17.04 19.60 14.15
N LYS A 207 18.01 18.94 13.51
CA LYS A 207 18.23 17.53 13.66
C LYS A 207 19.66 17.34 14.15
N SER A 208 19.81 16.70 15.31
CA SER A 208 21.16 16.48 15.84
C SER A 208 21.66 15.10 15.49
N TRP A 209 22.95 15.01 15.19
CA TRP A 209 23.60 13.80 14.71
C TRP A 209 24.82 13.47 15.53
N TYR A 210 25.12 12.15 15.57
CA TYR A 210 26.29 11.54 16.18
C TYR A 210 26.89 10.66 15.12
N SER A 211 28.23 10.62 15.04
CA SER A 211 28.97 9.87 14.03
C SER A 211 30.24 9.20 14.58
N VAL A 212 30.50 7.95 14.11
CA VAL A 212 31.70 7.14 14.44
C VAL A 212 32.53 7.01 13.17
N PRO A 213 33.80 7.48 13.14
CA PRO A 213 34.58 7.39 11.91
C PRO A 213 34.62 5.96 11.39
N PRO A 214 34.37 5.72 10.06
CA PRO A 214 34.45 4.35 9.54
C PRO A 214 35.67 3.53 9.99
N GLU A 215 36.81 4.20 10.27
CA GLU A 215 38.02 3.51 10.74
C GLU A 215 37.86 2.88 12.14
N HIS A 216 36.80 3.28 12.87
CA HIS A 216 36.48 2.80 14.23
C HIS A 216 35.13 2.11 14.34
N GLY A 217 34.43 1.94 13.22
CA GLY A 217 33.12 1.29 13.16
C GLY A 217 33.11 -0.09 13.81
N LYS A 218 34.21 -0.88 13.61
CA LYS A 218 34.37 -2.22 14.18
C LYS A 218 34.43 -2.18 15.72
N ARG A 219 34.93 -1.06 16.32
CA ARG A 219 34.95 -0.86 17.78
C ARG A 219 33.53 -0.64 18.29
N LEU A 220 32.66 0.06 17.53
CA LEU A 220 31.27 0.28 17.92
C LEU A 220 30.56 -1.05 17.83
N GLU A 221 30.76 -1.77 16.69
CA GLU A 221 30.19 -3.10 16.45
C GLU A 221 30.54 -4.06 17.61
N ARG A 222 31.83 -4.08 18.02
CA ARG A 222 32.34 -4.90 19.12
C ARG A 222 31.62 -4.56 20.40
N LEU A 223 31.53 -3.25 20.72
CA LEU A 223 30.85 -2.73 21.92
C LEU A 223 29.38 -3.18 21.98
N ALA A 224 28.63 -2.93 20.90
CA ALA A 224 27.24 -3.32 20.69
C ALA A 224 27.00 -4.82 20.86
N LYS A 225 27.95 -5.67 20.41
CA LYS A 225 27.91 -7.14 20.53
C LYS A 225 28.01 -7.54 22.00
N GLY A 226 28.83 -6.80 22.74
CA GLY A 226 29.05 -7.04 24.16
C GLY A 226 27.80 -6.79 24.98
N PHE A 227 27.06 -5.73 24.64
CA PHE A 227 25.85 -5.32 25.34
C PHE A 227 24.61 -6.09 24.98
N PHE A 228 24.49 -6.49 23.71
CA PHE A 228 23.33 -7.18 23.20
C PHE A 228 23.78 -8.53 22.63
N PRO A 229 24.14 -9.49 23.51
CA PRO A 229 24.60 -10.81 23.01
C PRO A 229 23.49 -11.66 22.39
N GLY A 230 22.27 -11.50 22.90
CA GLY A 230 21.08 -12.20 22.42
C GLY A 230 20.80 -11.83 20.99
N SER A 231 20.77 -10.52 20.77
CA SER A 231 20.60 -9.87 19.48
C SER A 231 21.72 -10.31 18.46
N ALA A 232 23.02 -10.33 18.89
CA ALA A 232 24.21 -10.73 18.12
C ALA A 232 24.23 -12.22 17.72
N GLN A 233 23.73 -13.11 18.61
CA GLN A 233 23.64 -14.55 18.38
C GLN A 233 22.51 -14.87 17.37
N SER A 234 21.45 -14.00 17.34
CA SER A 234 20.26 -14.09 16.48
C SER A 234 20.50 -13.51 15.05
N CYS A 235 21.29 -12.43 14.96
CA CYS A 235 21.65 -11.80 13.70
C CYS A 235 23.04 -11.18 13.77
N GLU A 236 23.95 -11.60 12.85
CA GLU A 236 25.34 -11.09 12.77
C GLU A 236 25.37 -9.55 12.67
N ALA A 237 24.55 -8.97 11.76
CA ALA A 237 24.43 -7.53 11.52
C ALA A 237 23.15 -6.98 12.18
N PHE A 238 23.02 -7.14 13.51
CA PHE A 238 21.81 -6.74 14.22
C PHE A 238 21.61 -5.20 14.32
N LEU A 239 22.69 -4.38 14.23
CA LEU A 239 22.57 -2.92 14.26
C LEU A 239 21.75 -2.40 13.07
N ARG A 240 21.74 -3.16 11.94
CA ARG A 240 20.98 -2.89 10.70
C ARG A 240 19.46 -2.84 10.94
N HIS A 241 18.96 -3.43 12.07
CA HIS A 241 17.54 -3.43 12.45
C HIS A 241 17.12 -2.01 12.83
N LYS A 242 18.12 -1.14 13.11
CA LYS A 242 18.01 0.29 13.45
C LYS A 242 17.19 0.48 14.73
N MET A 243 17.52 -0.34 15.74
CA MET A 243 16.86 -0.38 17.03
C MET A 243 17.78 -0.02 18.21
N THR A 244 19.10 -0.02 18.00
CA THR A 244 20.05 0.18 19.09
C THR A 244 20.42 1.63 19.28
N LEU A 245 20.19 2.12 20.50
CA LEU A 245 20.51 3.50 20.92
C LEU A 245 21.59 3.47 21.98
N ILE A 246 22.68 4.21 21.74
CA ILE A 246 23.84 4.28 22.67
C ILE A 246 24.22 5.72 22.94
N SER A 247 24.20 6.10 24.24
CA SER A 247 24.50 7.44 24.75
C SER A 247 25.93 7.87 24.46
N PRO A 248 26.18 9.14 24.08
CA PRO A 248 27.57 9.58 23.87
C PRO A 248 28.46 9.37 25.13
N LEU A 249 27.88 9.46 26.34
CA LEU A 249 28.58 9.19 27.59
C LEU A 249 29.05 7.73 27.66
N MET A 250 28.21 6.77 27.15
CA MET A 250 28.57 5.35 27.07
C MET A 250 29.72 5.19 26.07
N LEU A 251 29.66 5.89 24.89
CA LEU A 251 30.73 5.82 23.89
C LEU A 251 32.04 6.35 24.47
N LYS A 252 31.96 7.47 25.19
CA LYS A 252 33.11 8.12 25.85
C LYS A 252 33.70 7.16 26.92
N LYS A 253 32.83 6.50 27.72
CA LYS A 253 33.23 5.56 28.77
C LYS A 253 33.98 4.35 28.21
N TYR A 254 33.59 3.86 27.05
CA TYR A 254 34.19 2.71 26.43
C TYR A 254 35.16 3.07 25.31
N GLY A 255 35.59 4.33 25.35
CA GLY A 255 36.59 4.87 24.45
C GLY A 255 36.32 4.77 22.96
N ILE A 256 35.05 4.80 22.57
CA ILE A 256 34.71 4.79 21.16
C ILE A 256 34.85 6.24 20.63
N PRO A 257 35.73 6.51 19.64
CA PRO A 257 35.79 7.87 19.09
C PRO A 257 34.55 8.21 18.27
N PHE A 258 33.93 9.34 18.59
CA PHE A 258 32.75 9.86 17.92
C PHE A 258 32.84 11.39 17.87
N ASP A 259 31.87 12.00 17.17
CA ASP A 259 31.69 13.44 17.02
C ASP A 259 30.17 13.72 16.90
N LYS A 260 29.76 14.97 17.20
CA LYS A 260 28.38 15.41 17.07
C LYS A 260 28.28 16.68 16.24
N VAL A 261 27.14 16.83 15.56
CA VAL A 261 26.81 17.99 14.73
C VAL A 261 25.31 18.22 14.77
N THR A 262 24.88 19.47 14.61
CA THR A 262 23.47 19.83 14.52
C THR A 262 23.16 20.40 13.12
N GLN A 263 22.32 19.70 12.38
CA GLN A 263 21.91 20.13 11.06
C GLN A 263 20.66 21.07 11.25
N GLU A 264 20.67 22.23 10.62
CA GLU A 264 19.56 23.18 10.72
C GLU A 264 18.83 23.25 9.40
N ALA A 265 17.55 23.71 9.43
CA ALA A 265 16.73 23.81 8.23
C ALA A 265 17.48 24.48 7.10
N GLY A 266 17.52 23.75 5.99
CA GLY A 266 18.14 24.14 4.74
C GLY A 266 19.56 23.71 4.58
N GLU A 267 19.98 22.69 5.34
CA GLU A 267 21.32 22.15 5.29
C GLU A 267 21.32 20.72 4.84
N PHE A 268 22.45 20.27 4.28
CA PHE A 268 22.63 18.90 3.79
C PHE A 268 23.60 18.12 4.64
N MET A 269 23.28 16.85 4.87
CA MET A 269 24.15 15.95 5.62
C MET A 269 24.51 14.82 4.72
N ILE A 270 25.81 14.51 4.65
CA ILE A 270 26.30 13.40 3.86
C ILE A 270 26.87 12.38 4.82
N THR A 271 26.45 11.12 4.66
CA THR A 271 26.98 9.98 5.38
C THR A 271 27.76 9.20 4.35
N PHE A 272 28.90 8.68 4.80
CA PHE A 272 29.86 7.96 3.95
C PHE A 272 29.83 6.46 4.20
N PRO A 273 30.29 5.67 3.20
CA PRO A 273 30.33 4.21 3.39
C PRO A 273 30.92 3.78 4.73
N TYR A 274 30.14 3.02 5.49
CA TYR A 274 30.51 2.46 6.78
C TYR A 274 30.64 3.56 7.90
N GLY A 275 29.94 4.67 7.68
CA GLY A 275 29.92 5.75 8.64
C GLY A 275 28.71 5.61 9.52
N TYR A 276 28.87 4.93 10.67
CA TYR A 276 27.79 4.74 11.65
C TYR A 276 27.34 6.10 12.13
N HIS A 277 26.03 6.27 12.27
CA HIS A 277 25.36 7.48 12.73
C HIS A 277 24.08 7.15 13.46
N ALA A 278 23.66 8.07 14.32
CA ALA A 278 22.47 8.05 15.15
C ALA A 278 22.18 9.50 15.52
N GLY A 279 20.97 9.79 15.87
CA GLY A 279 20.60 11.14 16.26
C GLY A 279 19.15 11.22 16.62
N PHE A 280 18.66 12.46 16.81
CA PHE A 280 17.29 12.76 17.23
C PHE A 280 16.86 14.10 16.67
N ASN A 281 15.51 14.33 16.65
CA ASN A 281 14.89 15.56 16.21
C ASN A 281 14.53 16.48 17.39
N HIS A 282 14.83 17.78 17.23
CA HIS A 282 14.59 18.81 18.24
C HIS A 282 13.13 19.11 18.36
N GLY A 283 12.43 19.20 17.23
CA GLY A 283 11.00 19.47 17.21
C GLY A 283 10.40 19.16 15.87
N PHE A 284 9.25 19.78 15.56
CA PHE A 284 8.59 19.55 14.27
C PHE A 284 9.44 20.00 13.09
N ASN A 285 9.73 19.05 12.18
CA ASN A 285 10.56 19.30 10.99
C ASN A 285 10.31 18.27 9.92
N CYS A 286 10.88 18.48 8.72
CA CYS A 286 10.80 17.59 7.58
C CYS A 286 12.11 17.60 6.86
N ALA A 287 12.63 16.39 6.58
CA ALA A 287 13.90 16.08 5.93
C ALA A 287 13.71 15.00 4.90
N GLU A 288 14.32 15.16 3.72
CA GLU A 288 14.29 14.23 2.58
C GLU A 288 15.64 13.46 2.50
N SER A 289 15.56 12.14 2.29
CA SER A 289 16.77 11.29 2.22
C SER A 289 16.74 10.27 1.09
N THR A 290 17.94 9.83 0.64
CA THR A 290 18.15 8.79 -0.37
C THR A 290 19.57 8.27 -0.27
N ASN A 291 19.87 7.18 -1.00
CA ASN A 291 21.20 6.59 -1.03
C ASN A 291 21.84 6.90 -2.35
N PHE A 292 23.17 6.92 -2.38
CA PHE A 292 23.94 7.19 -3.59
C PHE A 292 25.30 6.51 -3.48
N ALA A 293 26.06 6.47 -4.61
CA ALA A 293 27.36 5.81 -4.66
C ALA A 293 28.40 6.55 -5.50
N THR A 294 29.67 6.19 -5.26
CA THR A 294 30.86 6.63 -5.98
C THR A 294 31.62 5.33 -6.25
N ARG A 295 32.67 5.39 -7.10
CA ARG A 295 33.54 4.23 -7.39
C ARG A 295 34.10 3.63 -6.09
N ARG A 296 34.38 4.51 -5.08
CA ARG A 296 34.90 4.14 -3.76
C ARG A 296 33.99 3.16 -3.04
N TRP A 297 32.69 3.38 -3.14
CA TRP A 297 31.69 2.53 -2.49
C TRP A 297 31.69 1.07 -2.95
N ILE A 298 32.04 0.82 -4.22
CA ILE A 298 32.01 -0.52 -4.79
C ILE A 298 32.70 -1.58 -3.88
N GLU A 299 33.90 -1.28 -3.33
CA GLU A 299 34.53 -2.26 -2.43
C GLU A 299 33.78 -2.41 -1.11
N TYR A 300 33.14 -1.31 -0.65
CA TYR A 300 32.32 -1.25 0.57
C TYR A 300 31.11 -2.14 0.45
N GLY A 301 30.46 -2.09 -0.72
CA GLY A 301 29.28 -2.86 -1.10
C GLY A 301 29.57 -4.35 -1.20
N LYS A 302 30.70 -4.70 -1.85
CA LYS A 302 31.22 -6.07 -2.06
C LYS A 302 31.50 -6.74 -0.71
N GLN A 303 32.13 -5.99 0.23
CA GLN A 303 32.58 -6.47 1.55
C GLN A 303 31.51 -6.47 2.68
N ALA A 304 30.46 -5.62 2.53
CA ALA A 304 29.35 -5.40 3.47
C ALA A 304 28.77 -6.66 4.15
N VAL A 305 28.63 -6.60 5.50
CA VAL A 305 28.02 -7.64 6.33
C VAL A 305 26.53 -7.28 6.37
N LEU A 306 25.67 -8.17 5.82
CA LEU A 306 24.25 -7.88 5.72
C LEU A 306 23.38 -8.52 6.81
N CYS A 307 22.13 -8.04 6.91
CA CYS A 307 21.16 -8.57 7.86
C CYS A 307 20.58 -9.86 7.29
N SER A 308 20.71 -10.94 8.07
CA SER A 308 20.28 -12.30 7.76
C SER A 308 18.73 -12.48 7.80
N CYS A 309 18.12 -12.22 8.98
CA CYS A 309 16.71 -12.41 9.36
C CYS A 309 15.66 -11.56 8.57
N ARG A 310 16.08 -10.56 7.77
CA ARG A 310 15.15 -9.71 7.01
N VAL A 314 17.12 -4.77 2.33
CA VAL A 314 17.86 -4.18 1.20
C VAL A 314 19.18 -4.93 0.92
N LYS A 315 19.25 -5.54 -0.28
CA LYS A 315 20.40 -6.25 -0.80
C LYS A 315 20.54 -5.99 -2.29
N ILE A 316 21.78 -5.65 -2.74
CA ILE A 316 22.11 -5.36 -4.13
C ILE A 316 23.19 -6.35 -4.59
N SER A 317 23.04 -6.91 -5.80
CA SER A 317 24.05 -7.83 -6.35
C SER A 317 25.16 -6.96 -6.92
N MET A 318 26.39 -7.11 -6.37
CA MET A 318 27.56 -6.32 -6.78
C MET A 318 28.09 -6.62 -8.17
N ASP A 319 27.80 -7.83 -8.71
CA ASP A 319 28.23 -8.30 -10.04
C ASP A 319 28.22 -7.18 -11.11
N VAL A 320 27.08 -6.49 -11.27
CA VAL A 320 26.92 -5.40 -12.25
C VAL A 320 28.03 -4.35 -12.13
N PHE A 321 28.36 -3.95 -10.88
CA PHE A 321 29.41 -2.97 -10.57
C PHE A 321 30.78 -3.54 -10.76
N VAL A 322 31.01 -4.79 -10.32
CA VAL A 322 32.33 -5.43 -10.46
C VAL A 322 32.63 -5.69 -11.96
N ARG A 323 31.61 -5.83 -12.83
CA ARG A 323 31.84 -6.03 -14.26
C ARG A 323 32.20 -4.73 -14.97
N LYS A 324 31.64 -3.60 -14.51
CA LYS A 324 31.83 -2.28 -15.12
C LYS A 324 33.05 -1.54 -14.61
N PHE A 325 33.37 -1.62 -13.29
CA PHE A 325 34.47 -0.82 -12.71
C PHE A 325 35.69 -1.62 -12.26
N GLN A 326 35.51 -2.90 -11.92
CA GLN A 326 36.63 -3.76 -11.53
C GLN A 326 36.75 -4.97 -12.49
N PRO A 327 36.83 -4.81 -13.85
CA PRO A 327 36.85 -5.99 -14.73
C PRO A 327 38.01 -6.95 -14.50
N GLU A 328 39.16 -6.39 -14.05
CA GLU A 328 40.39 -7.13 -13.75
C GLU A 328 40.14 -8.15 -12.63
N ARG A 329 39.58 -7.66 -11.50
CA ARG A 329 39.31 -8.44 -10.31
C ARG A 329 38.00 -9.27 -10.36
N TYR A 330 37.21 -9.18 -11.45
CA TYR A 330 35.91 -9.86 -11.58
C TYR A 330 35.95 -11.38 -11.40
N LYS A 331 36.78 -12.09 -12.21
CA LYS A 331 36.91 -13.55 -12.17
C LYS A 331 37.46 -14.03 -10.82
N LEU A 332 38.38 -13.24 -10.21
CA LEU A 332 39.01 -13.45 -8.90
C LEU A 332 37.97 -13.35 -7.77
N TRP A 333 37.13 -12.28 -7.80
CA TRP A 333 36.08 -12.06 -6.82
C TRP A 333 34.96 -13.11 -6.90
N LYS A 334 34.47 -13.42 -8.14
CA LYS A 334 33.41 -14.43 -8.38
C LYS A 334 33.82 -15.75 -7.71
N ALA A 335 35.12 -16.10 -7.82
CA ALA A 335 35.75 -17.28 -7.22
C ALA A 335 35.80 -17.18 -5.67
N GLY A 336 35.95 -15.96 -5.16
CA GLY A 336 36.05 -15.70 -3.72
C GLY A 336 37.50 -15.54 -3.31
N LYS A 337 38.36 -15.21 -4.28
CA LYS A 337 39.80 -15.01 -4.12
C LYS A 337 40.20 -13.51 -3.99
N ASP A 338 39.24 -12.58 -4.17
CA ASP A 338 39.50 -11.14 -4.02
C ASP A 338 39.63 -10.78 -2.52
N ASN A 339 40.86 -10.88 -2.00
CA ASN A 339 41.19 -10.64 -0.60
C ASN A 339 41.48 -9.15 -0.26
N THR A 340 40.92 -8.18 -1.05
CA THR A 340 41.11 -6.72 -0.88
C THR A 340 40.79 -6.24 0.53
N VAL A 341 41.60 -5.30 1.03
CA VAL A 341 41.41 -4.71 2.36
C VAL A 341 41.11 -3.22 2.22
N ILE A 342 39.96 -2.79 2.73
CA ILE A 342 39.46 -1.43 2.62
C ILE A 342 40.27 -0.42 3.47
N ASP A 343 40.74 0.67 2.80
CA ASP A 343 41.45 1.78 3.46
C ASP A 343 40.44 2.92 3.62
N HIS A 344 39.96 3.12 4.85
CA HIS A 344 38.95 4.13 5.14
C HIS A 344 39.46 5.56 5.01
N THR A 345 40.80 5.77 5.05
CA THR A 345 41.39 7.10 4.94
C THR A 345 41.46 7.57 3.48
N LEU A 346 41.49 6.61 2.54
CA LEU A 346 41.59 6.85 1.11
C LEU A 346 40.35 7.53 0.49
N PRO A 347 40.55 8.66 -0.25
CA PRO A 347 39.43 9.30 -0.94
C PRO A 347 39.07 8.52 -2.22
N THR A 348 37.88 8.84 -2.75
CA THR A 348 37.29 8.27 -3.95
C THR A 348 38.24 8.51 -5.17
N PRO A 349 38.37 7.55 -6.14
CA PRO A 349 39.26 7.79 -7.30
C PRO A 349 38.98 9.13 -8.01
N GLU A 350 37.66 9.46 -8.16
CA GLU A 350 37.04 10.67 -8.76
C GLU A 350 37.66 12.03 -8.29
N ALA A 351 38.21 12.04 -7.07
CA ALA A 351 38.85 13.20 -6.47
C ALA A 351 40.26 13.45 -7.08
N ALA A 352 40.57 12.79 -8.23
CA ALA A 352 41.84 12.93 -8.95
C ALA A 352 42.14 14.40 -9.29
N GLU A 353 41.17 15.08 -9.95
CA GLU A 353 41.21 16.50 -10.36
C GLU A 353 41.36 17.50 -9.21
N PHE A 354 41.01 17.09 -7.98
CA PHE A 354 41.05 17.91 -6.76
C PHE A 354 42.22 17.55 -5.80
N LEU A 355 42.96 16.44 -6.09
CA LEU A 355 44.08 15.99 -5.26
C LEU A 355 45.42 16.48 -5.78
N LYS A 356 45.47 16.86 -7.09
CA LYS A 356 46.67 17.34 -7.80
C LYS A 356 46.91 18.86 -7.66
N SER B 6 -11.35 -7.06 -20.71
CA SER B 6 -12.30 -7.24 -19.60
C SER B 6 -13.77 -7.34 -20.06
N GLU B 7 -14.07 -6.86 -21.29
CA GLU B 7 -15.42 -6.87 -21.92
C GLU B 7 -15.79 -8.24 -22.56
N THR B 8 -14.78 -9.14 -22.71
CA THR B 8 -14.90 -10.50 -23.24
C THR B 8 -15.29 -11.50 -22.12
N LEU B 9 -14.97 -11.18 -20.85
CA LEU B 9 -15.30 -12.01 -19.68
C LEU B 9 -16.73 -11.69 -19.25
N ASN B 10 -17.64 -12.67 -19.41
CA ASN B 10 -19.10 -12.61 -19.20
C ASN B 10 -19.74 -11.44 -19.98
N PRO B 11 -19.72 -11.47 -21.34
CA PRO B 11 -20.33 -10.35 -22.08
C PRO B 11 -21.86 -10.32 -22.00
N SER B 12 -22.47 -11.49 -21.66
CA SER B 12 -23.91 -11.65 -21.48
C SER B 12 -24.34 -11.03 -20.15
N ALA B 13 -23.41 -10.94 -19.18
CA ALA B 13 -23.60 -10.44 -17.81
C ALA B 13 -24.75 -11.20 -17.11
N ARG B 14 -24.78 -12.52 -17.34
CA ARG B 14 -25.75 -13.47 -16.81
C ARG B 14 -25.30 -13.92 -15.42
N ILE B 15 -26.23 -14.39 -14.56
CA ILE B 15 -25.83 -14.82 -13.22
C ILE B 15 -25.07 -16.10 -13.41
N MET B 16 -23.85 -16.15 -12.82
CA MET B 16 -22.95 -17.32 -12.85
C MET B 16 -22.99 -18.09 -11.53
N THR B 17 -22.83 -19.43 -11.59
CA THR B 17 -22.80 -20.32 -10.42
C THR B 17 -21.42 -20.96 -10.33
N PHE B 18 -20.85 -21.01 -9.12
CA PHE B 18 -19.52 -21.56 -8.86
C PHE B 18 -19.57 -22.69 -7.84
N TYR B 19 -18.74 -23.72 -8.05
CA TYR B 19 -18.67 -24.91 -7.20
C TYR B 19 -17.21 -25.13 -6.76
N PRO B 20 -16.73 -24.31 -5.78
CA PRO B 20 -15.34 -24.45 -5.36
C PRO B 20 -15.08 -25.75 -4.66
N THR B 21 -13.85 -26.20 -4.79
CA THR B 21 -13.33 -27.36 -4.09
C THR B 21 -12.95 -26.80 -2.70
N MET B 22 -12.88 -27.66 -1.67
CA MET B 22 -12.52 -27.24 -0.31
C MET B 22 -11.25 -26.31 -0.25
N GLU B 23 -10.21 -26.59 -1.07
CA GLU B 23 -8.98 -25.78 -1.14
C GLU B 23 -9.24 -24.36 -1.67
N GLU B 24 -10.11 -24.26 -2.70
CA GLU B 24 -10.52 -22.98 -3.33
C GLU B 24 -11.37 -22.12 -2.37
N PHE B 25 -12.24 -22.80 -1.60
CA PHE B 25 -13.20 -22.24 -0.66
C PHE B 25 -12.55 -21.73 0.62
N ARG B 26 -11.43 -22.32 1.05
CA ARG B 26 -10.74 -21.94 2.30
C ARG B 26 -10.48 -20.44 2.45
N ASN B 27 -9.98 -19.80 1.38
CA ASN B 27 -9.72 -18.35 1.37
C ASN B 27 -10.91 -17.65 0.69
N PHE B 28 -11.69 -16.91 1.49
CA PHE B 28 -12.88 -16.22 1.01
C PHE B 28 -12.52 -15.12 0.00
N SER B 29 -11.73 -14.13 0.47
CA SER B 29 -11.22 -12.97 -0.26
C SER B 29 -10.55 -13.35 -1.62
N ARG B 30 -9.73 -14.42 -1.61
CA ARG B 30 -9.09 -14.96 -2.79
C ARG B 30 -10.16 -15.45 -3.76
N TYR B 31 -11.18 -16.19 -3.30
CA TYR B 31 -12.27 -16.71 -4.17
C TYR B 31 -13.16 -15.65 -4.78
N ILE B 32 -13.38 -14.51 -4.07
CA ILE B 32 -14.17 -13.37 -4.56
C ILE B 32 -13.41 -12.73 -5.74
N ALA B 33 -12.07 -12.62 -5.61
CA ALA B 33 -11.19 -12.10 -6.67
C ALA B 33 -11.16 -13.08 -7.82
N TYR B 34 -11.18 -14.38 -7.55
CA TYR B 34 -11.26 -15.38 -8.59
C TYR B 34 -12.56 -15.35 -9.35
N ILE B 35 -13.67 -15.24 -8.64
CA ILE B 35 -15.00 -15.17 -9.28
C ILE B 35 -15.15 -13.93 -10.12
N GLU B 36 -14.57 -12.83 -9.64
CA GLU B 36 -14.52 -11.59 -10.37
C GLU B 36 -13.69 -11.73 -11.66
N SER B 37 -12.59 -12.48 -11.60
CA SER B 37 -11.73 -12.69 -12.78
C SER B 37 -12.51 -13.42 -13.90
N GLN B 38 -13.54 -14.20 -13.52
CA GLN B 38 -14.44 -14.95 -14.40
C GLN B 38 -15.57 -14.07 -14.98
N GLY B 39 -15.71 -12.85 -14.43
CA GLY B 39 -16.68 -11.83 -14.84
C GLY B 39 -18.02 -11.89 -14.14
N ALA B 40 -18.10 -12.57 -12.97
CA ALA B 40 -19.30 -12.76 -12.17
C ALA B 40 -19.95 -11.46 -11.80
N HIS B 41 -19.12 -10.46 -11.45
CA HIS B 41 -19.53 -9.11 -11.01
C HIS B 41 -20.34 -8.35 -12.04
N ARG B 42 -20.17 -8.66 -13.32
CA ARG B 42 -20.88 -8.02 -14.44
C ARG B 42 -22.39 -8.21 -14.38
N ALA B 43 -22.85 -9.31 -13.74
CA ALA B 43 -24.25 -9.63 -13.53
C ALA B 43 -24.85 -8.81 -12.38
N GLY B 44 -24.02 -8.48 -11.40
CA GLY B 44 -24.40 -7.78 -10.17
C GLY B 44 -24.68 -8.75 -9.03
N LEU B 45 -24.85 -10.05 -9.37
CA LEU B 45 -25.24 -11.14 -8.49
C LEU B 45 -24.59 -12.45 -8.97
N ALA B 46 -24.04 -13.24 -8.03
CA ALA B 46 -23.39 -14.52 -8.27
C ALA B 46 -23.80 -15.56 -7.24
N LYS B 47 -23.87 -16.87 -7.66
CA LYS B 47 -24.18 -17.97 -6.75
C LYS B 47 -22.92 -18.81 -6.49
N VAL B 48 -22.63 -19.03 -5.20
CA VAL B 48 -21.51 -19.87 -4.81
C VAL B 48 -22.06 -21.05 -4.02
N VAL B 49 -21.81 -22.28 -4.54
CA VAL B 49 -22.23 -23.51 -3.89
C VAL B 49 -21.02 -24.07 -3.08
N PRO B 50 -21.10 -24.13 -1.74
CA PRO B 50 -19.92 -24.57 -0.96
C PRO B 50 -19.68 -26.07 -1.10
N PRO B 51 -18.42 -26.57 -0.86
CA PRO B 51 -18.19 -28.03 -0.94
C PRO B 51 -19.14 -28.82 -0.03
N LYS B 52 -19.65 -29.98 -0.50
CA LYS B 52 -20.64 -30.83 0.21
C LYS B 52 -20.34 -31.06 1.69
N GLU B 53 -19.05 -31.25 2.03
CA GLU B 53 -18.54 -31.47 3.39
C GLU B 53 -18.76 -30.26 4.31
N TRP B 54 -18.65 -29.02 3.77
CA TRP B 54 -18.77 -27.81 4.58
C TRP B 54 -20.19 -27.50 5.05
N LYS B 55 -20.29 -27.28 6.38
CA LYS B 55 -21.52 -26.97 7.13
C LYS B 55 -21.17 -25.92 8.19
N PRO B 56 -21.92 -24.81 8.25
CA PRO B 56 -21.59 -23.73 9.21
C PRO B 56 -22.15 -23.95 10.59
N ARG B 57 -23.01 -24.95 10.71
CA ARG B 57 -23.70 -25.37 11.92
C ARG B 57 -24.03 -26.86 11.76
N ALA B 58 -23.82 -27.62 12.84
CA ALA B 58 -24.08 -29.05 12.91
C ALA B 58 -25.59 -29.33 12.81
N SER B 59 -26.43 -28.55 13.54
CA SER B 59 -27.88 -28.69 13.56
C SER B 59 -28.57 -27.36 13.88
N TYR B 60 -29.66 -27.07 13.15
CA TYR B 60 -30.50 -25.88 13.31
C TYR B 60 -31.75 -26.17 14.18
N ASP B 61 -31.66 -27.18 15.07
CA ASP B 61 -32.73 -27.65 15.98
C ASP B 61 -32.84 -26.87 17.30
N ASP B 62 -31.77 -26.21 17.72
CA ASP B 62 -31.62 -25.49 18.98
C ASP B 62 -32.02 -24.00 18.95
N ILE B 63 -32.36 -23.48 17.76
CA ILE B 63 -32.66 -22.06 17.61
C ILE B 63 -34.14 -21.66 17.84
N ASP B 64 -35.00 -22.56 18.31
CA ASP B 64 -36.42 -22.23 18.48
C ASP B 64 -36.73 -21.09 19.47
N ASP B 65 -35.84 -20.91 20.48
CA ASP B 65 -36.00 -19.93 21.54
C ASP B 65 -35.19 -18.66 21.29
N LEU B 66 -34.78 -18.46 20.02
CA LEU B 66 -34.12 -17.27 19.51
C LEU B 66 -35.21 -16.21 19.27
N VAL B 67 -34.93 -14.97 19.67
CA VAL B 67 -35.88 -13.87 19.56
C VAL B 67 -35.65 -12.98 18.33
N ILE B 68 -36.76 -12.78 17.57
CA ILE B 68 -36.92 -11.87 16.44
C ILE B 68 -37.52 -10.62 17.15
N PRO B 69 -36.71 -9.58 17.45
CA PRO B 69 -37.25 -8.43 18.21
C PRO B 69 -38.22 -7.50 17.47
N ALA B 70 -37.99 -7.32 16.16
CA ALA B 70 -38.81 -6.42 15.37
C ALA B 70 -39.36 -7.09 14.11
N PRO B 71 -40.37 -7.98 14.26
CA PRO B 71 -40.96 -8.62 13.07
C PRO B 71 -41.69 -7.53 12.28
N ILE B 72 -41.61 -7.57 10.96
CA ILE B 72 -42.30 -6.52 10.23
C ILE B 72 -43.36 -7.11 9.31
N GLN B 73 -44.61 -6.63 9.44
CA GLN B 73 -45.70 -7.04 8.56
C GLN B 73 -45.56 -6.15 7.32
N GLN B 74 -45.36 -6.82 6.18
CA GLN B 74 -45.10 -6.17 4.90
C GLN B 74 -46.40 -5.94 4.15
N LEU B 75 -46.81 -4.66 4.09
CA LEU B 75 -47.98 -4.22 3.37
C LEU B 75 -47.60 -3.63 2.03
N VAL B 76 -48.10 -4.18 0.96
CA VAL B 76 -47.76 -3.72 -0.39
C VAL B 76 -49.00 -3.09 -1.02
N THR B 77 -48.79 -1.97 -1.69
CA THR B 77 -49.79 -1.18 -2.40
C THR B 77 -49.32 -0.95 -3.84
N GLY B 78 -50.21 -1.07 -4.81
CA GLY B 78 -49.90 -0.88 -6.21
C GLY B 78 -50.65 -1.77 -7.17
N GLN B 79 -50.35 -1.61 -8.46
CA GLN B 79 -50.98 -2.41 -9.51
C GLN B 79 -50.09 -2.56 -10.72
N SER B 80 -50.41 -3.62 -11.50
CA SER B 80 -49.84 -4.04 -12.76
C SER B 80 -48.31 -3.77 -12.93
N GLY B 81 -47.51 -4.42 -12.06
CA GLY B 81 -46.07 -4.35 -12.06
C GLY B 81 -45.41 -3.43 -11.06
N LEU B 82 -46.08 -2.33 -10.67
CA LEU B 82 -45.52 -1.33 -9.75
C LEU B 82 -46.09 -1.31 -8.37
N PHE B 83 -45.22 -1.41 -7.36
CA PHE B 83 -45.67 -1.48 -6.00
C PHE B 83 -44.78 -0.77 -5.04
N THR B 84 -45.36 -0.52 -3.85
CA THR B 84 -44.67 0.12 -2.71
C THR B 84 -44.90 -0.71 -1.47
N GLN B 85 -43.81 -1.03 -0.78
CA GLN B 85 -43.81 -1.84 0.41
C GLN B 85 -43.73 -1.01 1.71
N TYR B 86 -44.69 -1.22 2.63
CA TYR B 86 -44.81 -0.55 3.92
C TYR B 86 -44.54 -1.53 5.04
N ASN B 87 -43.49 -1.26 5.85
CA ASN B 87 -43.05 -2.16 6.90
C ASN B 87 -43.67 -1.78 8.23
N ILE B 88 -44.73 -2.51 8.65
CA ILE B 88 -45.43 -2.32 9.92
C ILE B 88 -44.70 -3.14 11.00
N GLN B 89 -44.04 -2.48 11.96
CA GLN B 89 -43.36 -3.22 13.03
C GLN B 89 -44.35 -3.89 14.00
N LYS B 90 -44.06 -5.14 14.35
CA LYS B 90 -44.84 -5.97 15.23
C LYS B 90 -44.10 -6.26 16.53
N LYS B 91 -44.81 -6.88 17.50
CA LYS B 91 -44.26 -7.23 18.79
C LYS B 91 -43.24 -8.34 18.59
N ALA B 92 -42.15 -8.32 19.39
CA ALA B 92 -41.08 -9.31 19.37
C ALA B 92 -41.66 -10.73 19.50
N MET B 93 -41.17 -11.67 18.69
CA MET B 93 -41.58 -13.07 18.73
C MET B 93 -40.40 -14.04 18.56
N THR B 94 -40.50 -15.27 19.10
CA THR B 94 -39.42 -16.25 18.95
C THR B 94 -39.59 -17.02 17.67
N VAL B 95 -38.50 -17.56 17.13
CA VAL B 95 -38.47 -18.37 15.90
C VAL B 95 -39.53 -19.48 15.91
N ARG B 96 -39.84 -20.03 17.09
CA ARG B 96 -40.89 -21.04 17.22
C ARG B 96 -42.27 -20.43 16.85
N GLU B 97 -42.56 -19.22 17.37
CA GLU B 97 -43.80 -18.48 17.13
C GLU B 97 -43.91 -18.12 15.64
N PHE B 98 -42.77 -17.72 15.03
CA PHE B 98 -42.68 -17.37 13.61
C PHE B 98 -42.92 -18.61 12.74
N ARG B 99 -42.20 -19.72 13.00
CA ARG B 99 -42.34 -20.95 12.22
C ARG B 99 -43.80 -21.44 12.18
N LYS B 100 -44.54 -21.31 13.30
CA LYS B 100 -45.97 -21.69 13.41
C LYS B 100 -46.84 -20.84 12.50
N ILE B 101 -46.56 -19.52 12.41
CA ILE B 101 -47.29 -18.58 11.55
C ILE B 101 -46.93 -18.87 10.09
N ALA B 102 -45.63 -18.94 9.78
CA ALA B 102 -45.14 -19.22 8.44
C ALA B 102 -45.85 -20.47 7.85
N ASN B 103 -45.95 -21.54 8.63
CA ASN B 103 -46.51 -22.80 8.18
C ASN B 103 -48.03 -22.90 8.35
N SER B 104 -48.65 -21.93 9.07
CA SER B 104 -50.09 -21.88 9.30
C SER B 104 -50.83 -21.78 7.96
N ASP B 105 -52.04 -22.38 7.87
CA ASP B 105 -52.86 -22.39 6.66
C ASP B 105 -53.11 -20.99 6.10
N LYS B 106 -53.06 -19.93 6.95
CA LYS B 106 -53.21 -18.52 6.51
C LYS B 106 -52.01 -18.04 5.68
N TYR B 107 -50.78 -18.40 6.13
CA TYR B 107 -49.55 -17.92 5.54
C TYR B 107 -48.66 -18.94 4.82
N CYS B 108 -49.08 -20.21 4.74
N CYS B 108 -49.05 -20.22 4.74
CA CYS B 108 -48.31 -21.27 4.07
CA CYS B 108 -48.28 -21.28 4.07
C CYS B 108 -48.15 -21.02 2.54
C CYS B 108 -48.17 -21.05 2.55
N THR B 109 -47.08 -21.60 1.93
CA THR B 109 -46.78 -21.52 0.50
C THR B 109 -47.87 -22.26 -0.29
N PRO B 110 -48.38 -21.70 -1.43
CA PRO B 110 -49.38 -22.43 -2.21
C PRO B 110 -48.80 -23.65 -2.93
N ARG B 111 -49.68 -24.54 -3.40
CA ARG B 111 -49.30 -25.72 -4.18
C ARG B 111 -48.85 -25.23 -5.58
N TYR B 112 -47.72 -25.73 -6.07
CA TYR B 112 -47.22 -25.30 -7.35
C TYR B 112 -46.41 -26.38 -8.04
N SER B 113 -46.32 -26.31 -9.36
CA SER B 113 -45.57 -27.33 -10.08
C SER B 113 -44.16 -26.88 -10.43
N GLU B 114 -44.06 -25.70 -11.01
CA GLU B 114 -42.80 -25.15 -11.47
C GLU B 114 -42.65 -23.76 -10.91
N PHE B 115 -41.42 -23.27 -10.88
CA PHE B 115 -41.14 -21.96 -10.29
C PHE B 115 -41.91 -20.87 -10.99
N GLU B 116 -41.98 -20.96 -12.30
CA GLU B 116 -42.73 -19.98 -13.09
C GLU B 116 -44.16 -19.78 -12.54
N GLU B 117 -44.79 -20.87 -12.00
CA GLU B 117 -46.12 -20.90 -11.40
C GLU B 117 -46.13 -20.15 -10.07
N LEU B 118 -45.15 -20.45 -9.19
CA LEU B 118 -45.05 -19.80 -7.89
C LEU B 118 -44.78 -18.31 -8.12
N GLU B 119 -43.83 -17.96 -9.04
CA GLU B 119 -43.42 -16.61 -9.40
C GLU B 119 -44.64 -15.82 -9.77
N ARG B 120 -45.48 -16.39 -10.64
CA ARG B 120 -46.75 -15.84 -11.14
C ARG B 120 -47.67 -15.55 -9.99
N LYS B 121 -47.81 -16.51 -9.04
CA LYS B 121 -48.66 -16.43 -7.85
C LYS B 121 -48.17 -15.33 -6.89
N TYR B 122 -46.83 -15.16 -6.79
CA TYR B 122 -46.25 -14.15 -5.92
C TYR B 122 -46.67 -12.75 -6.39
N TRP B 123 -46.50 -12.44 -7.70
CA TRP B 123 -46.86 -11.17 -8.32
C TRP B 123 -48.40 -10.96 -8.46
N LYS B 124 -49.22 -12.02 -8.28
CA LYS B 124 -50.68 -11.84 -8.31
C LYS B 124 -51.13 -11.45 -6.90
N ASN B 125 -50.59 -12.12 -5.87
CA ASN B 125 -51.04 -11.96 -4.50
C ASN B 125 -50.20 -11.13 -3.57
N LEU B 126 -49.05 -10.62 -4.02
CA LEU B 126 -48.17 -9.83 -3.13
C LEU B 126 -48.88 -8.73 -2.31
N THR B 127 -49.98 -8.09 -2.87
CA THR B 127 -50.73 -7.00 -2.20
C THR B 127 -51.69 -7.52 -1.12
N PHE B 128 -52.13 -8.79 -1.22
CA PHE B 128 -53.09 -9.39 -0.26
C PHE B 128 -52.40 -10.16 0.86
N ASN B 129 -53.16 -10.40 1.97
CA ASN B 129 -52.71 -11.16 3.14
C ASN B 129 -51.24 -10.80 3.52
N PRO B 130 -51.01 -9.56 4.02
CA PRO B 130 -49.64 -9.14 4.34
C PRO B 130 -48.88 -10.10 5.27
N PRO B 131 -47.75 -10.65 4.82
CA PRO B 131 -47.01 -11.57 5.66
C PRO B 131 -46.13 -10.82 6.64
N ILE B 132 -45.48 -11.59 7.54
CA ILE B 132 -44.55 -11.08 8.54
C ILE B 132 -43.16 -11.55 8.16
N TYR B 133 -42.20 -10.63 8.19
CA TYR B 133 -40.82 -10.93 7.87
C TYR B 133 -39.98 -10.69 9.12
N GLY B 134 -39.30 -11.73 9.59
CA GLY B 134 -38.42 -11.65 10.74
C GLY B 134 -37.06 -11.15 10.30
N ALA B 135 -37.04 -9.97 9.67
CA ALA B 135 -35.90 -9.28 9.06
C ALA B 135 -35.00 -8.50 10.03
N ASP B 136 -33.69 -8.33 9.65
CA ASP B 136 -32.62 -7.57 10.32
C ASP B 136 -32.44 -7.97 11.78
N VAL B 137 -32.29 -9.29 12.04
CA VAL B 137 -32.10 -9.81 13.40
C VAL B 137 -30.60 -9.84 13.64
N ASN B 138 -30.12 -9.02 14.57
CA ASN B 138 -28.67 -9.01 14.88
C ASN B 138 -28.24 -10.35 15.50
N GLY B 139 -27.50 -11.14 14.71
CA GLY B 139 -26.99 -12.44 15.14
C GLY B 139 -26.41 -13.29 14.02
N THR B 140 -25.90 -14.48 14.40
CA THR B 140 -25.27 -15.47 13.51
C THR B 140 -25.68 -16.90 13.86
N LEU B 141 -25.77 -17.78 12.85
CA LEU B 141 -26.04 -19.20 13.08
C LEU B 141 -24.77 -20.05 12.92
N TYR B 142 -23.66 -19.43 12.53
CA TYR B 142 -22.39 -20.08 12.39
C TYR B 142 -21.90 -20.50 13.76
N GLU B 143 -21.20 -21.63 13.83
CA GLU B 143 -20.54 -22.13 15.03
C GLU B 143 -19.22 -21.37 15.13
N LYS B 144 -18.77 -21.01 16.34
CA LYS B 144 -17.52 -20.24 16.58
C LYS B 144 -16.31 -20.68 15.75
N HIS B 145 -16.01 -22.01 15.76
CA HIS B 145 -14.86 -22.67 15.11
C HIS B 145 -14.82 -22.61 13.56
N VAL B 146 -15.96 -22.31 12.90
CA VAL B 146 -16.04 -22.19 11.44
C VAL B 146 -15.16 -20.99 10.96
N ASP B 147 -14.09 -21.29 10.24
CA ASP B 147 -13.19 -20.27 9.69
C ASP B 147 -13.51 -19.92 8.25
N GLU B 148 -13.97 -20.89 7.46
CA GLU B 148 -14.29 -20.69 6.04
C GLU B 148 -15.62 -19.92 5.88
N TRP B 149 -15.57 -18.75 5.19
CA TRP B 149 -16.74 -17.93 4.81
C TRP B 149 -17.65 -17.54 5.98
N ASN B 150 -17.06 -17.27 7.16
CA ASN B 150 -17.81 -16.89 8.36
C ASN B 150 -18.24 -15.46 8.23
N ILE B 151 -19.55 -15.26 8.00
CA ILE B 151 -20.22 -13.96 7.79
C ILE B 151 -19.96 -12.99 9.00
N GLY B 152 -19.84 -13.55 10.21
CA GLY B 152 -19.53 -12.78 11.42
C GLY B 152 -18.14 -12.16 11.49
N ARG B 153 -17.18 -12.71 10.73
CA ARG B 153 -15.79 -12.28 10.68
C ARG B 153 -15.15 -12.59 9.30
N LEU B 154 -15.54 -11.85 8.25
CA LEU B 154 -14.97 -12.09 6.90
C LEU B 154 -13.54 -11.55 6.73
N ARG B 155 -13.18 -10.55 7.57
CA ARG B 155 -11.89 -9.86 7.67
C ARG B 155 -11.46 -9.17 6.33
N THR B 156 -12.45 -8.57 5.62
CA THR B 156 -12.23 -7.80 4.36
C THR B 156 -11.71 -6.39 4.73
N ILE B 157 -11.33 -5.56 3.72
CA ILE B 157 -10.85 -4.19 3.97
C ILE B 157 -11.94 -3.29 4.62
N LEU B 158 -13.19 -3.77 4.67
CA LEU B 158 -14.30 -3.05 5.29
C LEU B 158 -14.02 -2.77 6.78
N ASP B 159 -13.41 -3.73 7.48
CA ASP B 159 -13.04 -3.66 8.90
C ASP B 159 -12.27 -2.38 9.30
N LEU B 160 -11.69 -1.67 8.32
CA LEU B 160 -10.93 -0.45 8.53
C LEU B 160 -11.73 0.63 9.21
N VAL B 161 -13.07 0.65 8.97
CA VAL B 161 -14.03 1.59 9.56
C VAL B 161 -13.93 1.52 11.09
N GLU B 162 -13.95 0.27 11.63
CA GLU B 162 -13.84 -0.07 13.05
C GLU B 162 -12.51 0.46 13.66
N LYS B 163 -11.38 0.25 12.95
N VAL B 172 -22.61 -2.57 10.32
CA VAL B 172 -22.44 -3.06 8.94
C VAL B 172 -21.40 -4.20 8.80
N ASN B 173 -20.36 -4.21 9.64
CA ASN B 173 -19.37 -5.29 9.62
C ASN B 173 -19.95 -6.50 10.41
N THR B 174 -21.17 -6.31 11.02
CA THR B 174 -21.91 -7.28 11.83
C THR B 174 -22.91 -8.10 11.00
N PRO B 175 -23.22 -9.37 11.40
CA PRO B 175 -24.17 -10.18 10.62
C PRO B 175 -25.61 -10.04 11.10
N TYR B 176 -26.57 -10.16 10.15
CA TYR B 176 -28.02 -10.10 10.37
C TYR B 176 -28.70 -11.35 9.83
N LEU B 177 -29.79 -11.80 10.53
CA LEU B 177 -30.61 -12.98 10.17
C LEU B 177 -31.95 -12.57 9.70
N TYR B 178 -32.47 -13.27 8.69
CA TYR B 178 -33.76 -13.03 8.01
C TYR B 178 -34.57 -14.33 8.05
N PHE B 179 -35.61 -14.32 8.85
CA PHE B 179 -36.52 -15.43 8.99
C PHE B 179 -37.66 -15.06 8.05
N GLY B 180 -37.78 -15.82 6.97
CA GLY B 180 -38.78 -15.53 5.94
C GLY B 180 -39.95 -16.48 5.92
N MET B 181 -41.02 -16.04 5.27
CA MET B 181 -42.21 -16.84 5.04
C MET B 181 -42.71 -16.53 3.62
N TRP B 182 -43.72 -17.27 3.13
CA TRP B 182 -44.28 -17.11 1.79
C TRP B 182 -44.63 -15.66 1.51
N LYS B 183 -44.28 -15.12 0.32
CA LYS B 183 -44.61 -13.74 -0.11
C LYS B 183 -43.77 -12.63 0.57
N THR B 184 -42.90 -12.96 1.56
CA THR B 184 -42.09 -11.88 2.14
C THR B 184 -41.10 -11.47 1.07
N SER B 185 -40.78 -10.19 0.98
CA SER B 185 -39.85 -9.75 -0.06
C SER B 185 -38.89 -8.64 0.28
N PHE B 186 -37.95 -8.42 -0.61
CA PHE B 186 -37.01 -7.32 -0.51
C PHE B 186 -37.11 -6.49 -1.77
N ALA B 187 -37.32 -5.20 -1.62
CA ALA B 187 -37.46 -4.30 -2.75
C ALA B 187 -36.17 -3.95 -3.45
N TRP B 188 -36.31 -3.36 -4.63
CA TRP B 188 -35.15 -3.00 -5.45
C TRP B 188 -34.18 -2.03 -4.78
N HIS B 189 -32.90 -2.44 -4.70
CA HIS B 189 -31.86 -1.65 -4.06
C HIS B 189 -30.48 -2.20 -4.33
N THR B 190 -29.46 -1.35 -4.15
CA THR B 190 -28.05 -1.71 -4.13
C THR B 190 -27.80 -1.65 -2.63
N GLU B 191 -26.69 -2.19 -2.15
CA GLU B 191 -26.37 -2.11 -0.73
C GLU B 191 -25.98 -0.67 -0.35
N ASP B 192 -26.03 -0.32 0.93
CA ASP B 192 -25.63 1.01 1.39
C ASP B 192 -24.15 1.19 1.11
N MET B 193 -23.75 2.43 0.70
CA MET B 193 -22.40 2.84 0.30
C MET B 193 -21.95 2.07 -0.93
N ASP B 194 -22.92 1.43 -1.62
CA ASP B 194 -22.74 0.57 -2.81
C ASP B 194 -21.75 -0.57 -2.52
N LEU B 195 -21.94 -1.22 -1.40
CA LEU B 195 -21.10 -2.31 -0.96
C LEU B 195 -21.42 -3.67 -1.53
N TYR B 196 -20.56 -4.61 -1.22
CA TYR B 196 -20.76 -6.00 -1.57
C TYR B 196 -21.63 -6.61 -0.48
N SER B 197 -22.19 -7.78 -0.76
CA SER B 197 -22.96 -8.50 0.24
C SER B 197 -22.82 -10.01 0.08
N ILE B 198 -22.94 -10.73 1.18
CA ILE B 198 -22.93 -12.19 1.21
C ILE B 198 -24.21 -12.65 1.84
N ASN B 199 -24.92 -13.58 1.19
CA ASN B 199 -26.17 -14.09 1.74
C ASN B 199 -26.13 -15.61 1.73
N TYR B 200 -26.15 -16.25 2.91
CA TYR B 200 -26.17 -17.71 3.01
C TYR B 200 -27.55 -18.20 3.43
N LEU B 201 -28.11 -19.20 2.74
CA LEU B 201 -29.43 -19.74 3.11
C LEU B 201 -29.20 -20.91 4.05
N HIS B 202 -29.35 -20.64 5.35
CA HIS B 202 -29.11 -21.59 6.42
C HIS B 202 -29.90 -22.86 6.26
N PHE B 203 -31.21 -22.74 6.04
CA PHE B 203 -32.15 -23.88 5.89
C PHE B 203 -33.44 -23.35 5.34
N GLY B 204 -34.35 -24.25 5.03
CA GLY B 204 -35.69 -23.86 4.61
C GLY B 204 -35.96 -23.78 3.13
N GLU B 205 -37.11 -23.16 2.79
CA GLU B 205 -37.60 -22.99 1.43
C GLU B 205 -36.75 -21.99 0.64
N PRO B 206 -36.69 -22.09 -0.71
CA PRO B 206 -35.77 -21.20 -1.46
C PRO B 206 -36.08 -19.71 -1.40
N LYS B 207 -35.12 -18.92 -1.83
CA LYS B 207 -35.27 -17.48 -1.93
C LYS B 207 -34.95 -17.13 -3.37
N SER B 208 -35.93 -16.51 -4.03
CA SER B 208 -35.75 -16.11 -5.44
C SER B 208 -35.26 -14.69 -5.54
N TRP B 209 -34.37 -14.46 -6.51
CA TRP B 209 -33.71 -13.18 -6.71
C TRP B 209 -33.86 -12.71 -8.13
N TYR B 210 -33.82 -11.37 -8.29
CA TYR B 210 -33.80 -10.63 -9.55
C TYR B 210 -32.61 -9.67 -9.44
N SER B 211 -31.87 -9.49 -10.56
CA SER B 211 -30.68 -8.65 -10.62
C SER B 211 -30.58 -7.88 -11.94
N VAL B 212 -30.17 -6.59 -11.85
CA VAL B 212 -29.93 -5.66 -12.95
C VAL B 212 -28.41 -5.36 -12.98
N PRO B 213 -27.75 -5.73 -14.11
CA PRO B 213 -26.29 -5.59 -14.20
C PRO B 213 -25.84 -4.16 -13.95
N PRO B 214 -24.81 -3.91 -13.10
CA PRO B 214 -24.47 -2.53 -12.72
C PRO B 214 -24.30 -1.56 -13.89
N GLU B 215 -23.81 -2.05 -15.03
CA GLU B 215 -23.65 -1.24 -16.26
C GLU B 215 -25.00 -0.67 -16.76
N HIS B 216 -26.12 -1.20 -16.20
CA HIS B 216 -27.49 -0.79 -16.53
C HIS B 216 -28.29 -0.22 -15.31
N GLY B 217 -27.64 -0.09 -14.16
CA GLY B 217 -28.25 0.37 -12.92
C GLY B 217 -28.95 1.71 -13.06
N LYS B 218 -28.33 2.61 -13.84
CA LYS B 218 -28.86 3.94 -14.10
C LYS B 218 -30.17 3.88 -14.92
N ARG B 219 -30.35 2.83 -15.78
CA ARG B 219 -31.59 2.62 -16.56
C ARG B 219 -32.75 2.23 -15.63
N LEU B 220 -32.46 1.43 -14.58
CA LEU B 220 -33.48 1.06 -13.60
C LEU B 220 -33.85 2.31 -12.80
N GLU B 221 -32.82 3.04 -12.32
CA GLU B 221 -32.97 4.27 -11.56
C GLU B 221 -33.83 5.27 -12.33
N ARG B 222 -33.54 5.46 -13.66
CA ARG B 222 -34.27 6.36 -14.57
C ARG B 222 -35.74 5.94 -14.65
N LEU B 223 -35.98 4.63 -14.85
CA LEU B 223 -37.33 4.04 -14.93
C LEU B 223 -38.13 4.33 -13.67
N ALA B 224 -37.57 3.97 -12.48
CA ALA B 224 -38.09 4.20 -11.12
C ALA B 224 -38.42 5.66 -10.85
N LYS B 225 -37.60 6.61 -11.37
CA LYS B 225 -37.80 8.06 -11.23
C LYS B 225 -39.05 8.48 -12.01
N GLY B 226 -39.27 7.85 -13.16
CA GLY B 226 -40.41 8.12 -14.01
C GLY B 226 -41.70 7.74 -13.34
N PHE B 227 -41.72 6.60 -12.62
CA PHE B 227 -42.89 6.06 -11.94
C PHE B 227 -43.22 6.71 -10.62
N PHE B 228 -42.20 7.09 -9.87
CA PHE B 228 -42.34 7.68 -8.54
C PHE B 228 -41.67 9.06 -8.53
N PRO B 229 -42.28 10.06 -9.21
CA PRO B 229 -41.66 11.40 -9.27
C PRO B 229 -41.70 12.17 -7.95
N GLY B 230 -42.75 11.91 -7.15
CA GLY B 230 -42.94 12.51 -5.83
C GLY B 230 -41.81 12.12 -4.90
N SER B 231 -41.53 10.80 -4.87
CA SER B 231 -40.47 10.18 -4.08
C SER B 231 -39.07 10.70 -4.50
N ALA B 232 -38.85 10.82 -5.81
CA ALA B 232 -37.61 11.27 -6.43
C ALA B 232 -37.31 12.75 -6.13
N GLN B 233 -38.36 13.61 -6.16
CA GLN B 233 -38.24 15.04 -5.86
C GLN B 233 -37.98 15.25 -4.36
N SER B 234 -38.45 14.31 -3.51
CA SER B 234 -38.29 14.31 -2.04
C SER B 234 -36.94 13.71 -1.60
N CYS B 235 -36.42 12.71 -2.31
CA CYS B 235 -35.13 12.08 -2.01
C CYS B 235 -34.45 11.60 -3.29
N GLU B 236 -33.23 12.11 -3.54
CA GLU B 236 -32.44 11.74 -4.72
C GLU B 236 -32.25 10.21 -4.82
N ALA B 237 -31.85 9.59 -3.70
CA ALA B 237 -31.64 8.15 -3.62
C ALA B 237 -32.83 7.46 -2.93
N PHE B 238 -34.05 7.59 -3.49
CA PHE B 238 -35.26 7.06 -2.87
C PHE B 238 -35.35 5.54 -2.88
N LEU B 239 -34.65 4.85 -3.83
CA LEU B 239 -34.67 3.38 -3.89
C LEU B 239 -34.00 2.78 -2.65
N ARG B 240 -33.12 3.55 -1.98
CA ARG B 240 -32.41 3.22 -0.72
C ARG B 240 -33.37 3.02 0.47
N HIS B 241 -34.63 3.50 0.35
CA HIS B 241 -35.66 3.31 1.36
C HIS B 241 -36.09 1.86 1.38
N LYS B 242 -35.75 1.10 0.30
CA LYS B 242 -36.02 -0.34 0.08
C LYS B 242 -37.50 -0.66 0.16
N MET B 243 -38.28 0.19 -0.53
CA MET B 243 -39.73 0.13 -0.59
C MET B 243 -40.28 -0.15 -1.98
N THR B 244 -39.48 0.00 -3.03
CA THR B 244 -39.98 -0.07 -4.39
C THR B 244 -39.89 -1.46 -4.97
N LEU B 245 -41.04 -1.96 -5.41
CA LEU B 245 -41.04 -3.24 -6.07
C LEU B 245 -41.52 -3.02 -7.51
N ILE B 246 -40.73 -3.53 -8.48
CA ILE B 246 -41.01 -3.48 -9.92
C ILE B 246 -40.98 -4.91 -10.40
N SER B 247 -42.07 -5.38 -11.03
CA SER B 247 -42.16 -6.75 -11.54
C SER B 247 -41.19 -7.00 -12.68
N PRO B 248 -40.79 -8.28 -12.94
CA PRO B 248 -39.94 -8.57 -14.12
C PRO B 248 -40.63 -8.28 -15.47
N LEU B 249 -41.96 -8.47 -15.57
CA LEU B 249 -42.75 -8.10 -16.74
C LEU B 249 -42.62 -6.57 -17.02
N MET B 250 -42.56 -5.74 -15.94
CA MET B 250 -42.39 -4.29 -16.02
C MET B 250 -41.04 -3.99 -16.57
N LEU B 251 -40.02 -4.67 -16.07
CA LEU B 251 -38.64 -4.49 -16.55
C LEU B 251 -38.50 -4.89 -18.01
N LYS B 252 -39.10 -6.02 -18.39
CA LYS B 252 -39.11 -6.55 -19.76
C LYS B 252 -39.83 -5.57 -20.70
N LYS B 253 -41.00 -5.01 -20.26
CA LYS B 253 -41.80 -4.02 -20.99
C LYS B 253 -41.00 -2.74 -21.33
N TYR B 254 -40.18 -2.28 -20.38
CA TYR B 254 -39.38 -1.08 -20.54
C TYR B 254 -37.94 -1.36 -20.88
N GLY B 255 -37.71 -2.58 -21.38
CA GLY B 255 -36.40 -3.02 -21.86
C GLY B 255 -35.21 -2.94 -20.92
N ILE B 256 -35.47 -3.04 -19.61
CA ILE B 256 -34.40 -3.03 -18.62
C ILE B 256 -33.79 -4.45 -18.61
N PRO B 257 -32.47 -4.60 -18.85
CA PRO B 257 -31.88 -5.95 -18.79
C PRO B 257 -31.76 -6.41 -17.35
N PHE B 258 -32.27 -7.60 -17.09
CA PHE B 258 -32.24 -8.25 -15.79
C PHE B 258 -32.10 -9.75 -16.03
N ASP B 259 -31.93 -10.48 -14.89
CA ASP B 259 -31.82 -11.93 -14.81
C ASP B 259 -32.40 -12.36 -13.47
N LYS B 260 -32.81 -13.64 -13.40
CA LYS B 260 -33.33 -14.25 -12.19
C LYS B 260 -32.55 -15.51 -11.82
N VAL B 261 -32.56 -15.81 -10.52
CA VAL B 261 -31.92 -16.96 -9.92
C VAL B 261 -32.68 -17.34 -8.67
N THR B 262 -32.66 -18.64 -8.34
CA THR B 262 -33.25 -19.16 -7.11
C THR B 262 -32.15 -19.76 -6.22
N GLN B 263 -31.95 -19.17 -5.03
CA GLN B 263 -31.01 -19.59 -4.01
C GLN B 263 -31.69 -20.72 -3.17
N GLU B 264 -31.07 -21.90 -3.07
CA GLU B 264 -31.63 -23.00 -2.28
C GLU B 264 -30.84 -23.16 -1.02
N ALA B 265 -31.45 -23.78 0.01
CA ALA B 265 -30.81 -24.00 1.30
C ALA B 265 -29.37 -24.58 1.13
N GLY B 266 -28.40 -23.93 1.78
CA GLY B 266 -26.99 -24.26 1.75
C GLY B 266 -26.20 -23.59 0.65
N GLU B 267 -26.74 -22.50 0.05
CA GLU B 267 -26.08 -21.76 -1.04
C GLU B 267 -25.79 -20.30 -0.67
N PHE B 268 -24.76 -19.74 -1.31
CA PHE B 268 -24.33 -18.36 -1.09
C PHE B 268 -24.66 -17.46 -2.25
N MET B 269 -25.10 -16.24 -1.95
CA MET B 269 -25.35 -15.25 -2.98
C MET B 269 -24.45 -14.08 -2.72
N ILE B 270 -23.76 -13.64 -3.74
CA ILE B 270 -22.90 -12.46 -3.66
C ILE B 270 -23.51 -11.37 -4.51
N THR B 271 -23.67 -10.17 -3.92
CA THR B 271 -24.09 -8.95 -4.61
C THR B 271 -22.84 -8.10 -4.71
N PHE B 272 -22.67 -7.44 -5.84
CA PHE B 272 -21.51 -6.62 -6.17
C PHE B 272 -21.82 -5.14 -6.14
N PRO B 273 -20.80 -4.28 -5.91
CA PRO B 273 -21.05 -2.83 -5.88
C PRO B 273 -21.93 -2.33 -7.02
N TYR B 274 -23.02 -1.68 -6.67
CA TYR B 274 -23.99 -1.06 -7.59
C TYR B 274 -24.82 -2.11 -8.40
N GLY B 275 -25.00 -3.30 -7.82
CA GLY B 275 -25.81 -4.32 -8.45
C GLY B 275 -27.16 -4.30 -7.79
N TYR B 276 -28.18 -3.87 -8.53
CA TYR B 276 -29.57 -3.78 -8.07
C TYR B 276 -30.20 -5.12 -7.98
N HIS B 277 -30.83 -5.41 -6.85
CA HIS B 277 -31.48 -6.68 -6.61
C HIS B 277 -32.72 -6.49 -5.84
N ALA B 278 -33.64 -7.45 -6.00
CA ALA B 278 -34.94 -7.58 -5.35
C ALA B 278 -35.33 -9.05 -5.45
N GLY B 279 -36.24 -9.47 -4.61
CA GLY B 279 -36.68 -10.86 -4.62
C GLY B 279 -37.68 -11.11 -3.55
N PHE B 280 -38.02 -12.40 -3.34
CA PHE B 280 -39.02 -12.88 -2.37
C PHE B 280 -38.68 -14.27 -1.86
N ASN B 281 -39.30 -14.66 -0.73
CA ASN B 281 -39.16 -15.97 -0.09
C ASN B 281 -40.32 -16.91 -0.48
N HIS B 282 -39.96 -18.16 -0.80
CA HIS B 282 -40.88 -19.22 -1.18
C HIS B 282 -41.71 -19.69 0.01
N GLY B 283 -41.06 -19.85 1.15
CA GLY B 283 -41.73 -20.27 2.36
C GLY B 283 -40.85 -20.04 3.56
N PHE B 284 -41.11 -20.80 4.66
CA PHE B 284 -40.30 -20.66 5.87
C PHE B 284 -38.83 -21.02 5.64
N ASN B 285 -37.96 -20.04 5.91
CA ASN B 285 -36.51 -20.20 5.75
C ASN B 285 -35.77 -19.20 6.59
N CYS B 286 -34.48 -19.36 6.66
CA CYS B 286 -33.63 -18.47 7.41
C CYS B 286 -32.35 -18.30 6.66
N ALA B 287 -31.90 -17.03 6.56
CA ALA B 287 -30.68 -16.60 5.85
C ALA B 287 -29.85 -15.63 6.67
N GLU B 288 -28.53 -15.66 6.48
CA GLU B 288 -27.57 -14.77 7.16
C GLU B 288 -26.90 -13.85 6.16
N SER B 289 -26.84 -12.55 6.45
CA SER B 289 -26.23 -11.55 5.56
C SER B 289 -25.32 -10.56 6.26
N THR B 290 -24.39 -9.98 5.51
CA THR B 290 -23.48 -8.90 5.95
C THR B 290 -22.91 -8.20 4.72
N ASN B 291 -22.25 -7.07 4.95
CA ASN B 291 -21.61 -6.31 3.88
C ASN B 291 -20.11 -6.54 3.95
N PHE B 292 -19.44 -6.42 2.82
CA PHE B 292 -18.00 -6.59 2.73
C PHE B 292 -17.47 -5.74 1.59
N ALA B 293 -16.16 -5.55 1.51
CA ALA B 293 -15.54 -4.72 0.49
C ALA B 293 -14.25 -5.31 0.00
N THR B 294 -13.86 -4.92 -1.19
CA THR B 294 -12.60 -5.25 -1.85
C THR B 294 -12.00 -3.91 -2.27
N ARG B 295 -10.73 -3.86 -2.72
CA ARG B 295 -10.09 -2.60 -3.18
C ARG B 295 -10.95 -1.89 -4.26
N ARG B 296 -11.63 -2.70 -5.15
CA ARG B 296 -12.51 -2.27 -6.24
C ARG B 296 -13.69 -1.40 -5.72
N TRP B 297 -14.23 -1.73 -4.52
CA TRP B 297 -15.33 -1.02 -3.89
C TRP B 297 -15.03 0.44 -3.50
N ILE B 298 -13.79 0.77 -3.06
CA ILE B 298 -13.48 2.14 -2.61
C ILE B 298 -13.99 3.19 -3.60
N GLU B 299 -13.74 3.05 -4.90
CA GLU B 299 -14.28 4.05 -5.82
C GLU B 299 -15.82 4.13 -5.83
N TYR B 300 -16.52 3.01 -5.54
CA TYR B 300 -17.98 2.96 -5.48
C TYR B 300 -18.51 3.68 -4.27
N GLY B 301 -17.77 3.57 -3.17
CA GLY B 301 -18.13 4.19 -1.91
C GLY B 301 -18.03 5.68 -2.00
N LYS B 302 -16.89 6.13 -2.58
CA LYS B 302 -16.51 7.51 -2.85
C LYS B 302 -17.53 8.19 -3.75
N GLN B 303 -18.00 7.49 -4.82
CA GLN B 303 -18.95 7.99 -5.82
C GLN B 303 -20.45 7.84 -5.47
N ALA B 304 -20.80 6.89 -4.56
CA ALA B 304 -22.16 6.55 -4.08
C ALA B 304 -23.10 7.72 -3.82
N VAL B 305 -24.34 7.63 -4.34
CA VAL B 305 -25.40 8.62 -4.10
C VAL B 305 -26.16 8.14 -2.86
N LEU B 306 -26.19 8.92 -1.78
CA LEU B 306 -26.79 8.49 -0.51
C LEU B 306 -28.19 9.02 -0.22
N CYS B 307 -28.88 8.42 0.77
CA CYS B 307 -30.22 8.84 1.16
C CYS B 307 -30.13 10.09 2.07
N SER B 308 -30.82 11.14 1.64
CA SER B 308 -30.88 12.44 2.29
C SER B 308 -31.75 12.49 3.57
N CYS B 309 -33.05 12.15 3.43
CA CYS B 309 -34.11 12.20 4.43
C CYS B 309 -33.96 11.26 5.67
N ARG B 310 -33.00 10.30 5.65
CA ARG B 310 -32.81 9.39 6.78
N MET B 313 -29.72 6.96 8.45
CA MET B 313 -29.35 6.31 7.19
C MET B 313 -27.84 5.95 7.18
N VAL B 314 -27.49 4.69 6.75
CA VAL B 314 -26.10 4.17 6.71
C VAL B 314 -25.18 5.02 5.82
N LYS B 315 -24.15 5.59 6.47
CA LYS B 315 -23.13 6.42 5.81
C LYS B 315 -21.78 6.11 6.46
N ILE B 316 -20.76 5.90 5.62
CA ILE B 316 -19.38 5.63 6.03
C ILE B 316 -18.50 6.78 5.53
N SER B 317 -17.63 7.33 6.42
CA SER B 317 -16.70 8.37 6.05
C SER B 317 -15.59 7.67 5.25
N MET B 318 -15.57 7.93 3.94
CA MET B 318 -14.63 7.33 3.00
C MET B 318 -13.17 7.71 3.23
N ASP B 319 -12.93 8.82 3.94
CA ASP B 319 -11.64 9.40 4.29
C ASP B 319 -10.55 8.37 4.63
N VAL B 320 -10.86 7.42 5.55
CA VAL B 320 -9.92 6.40 6.01
C VAL B 320 -9.37 5.52 4.85
N PHE B 321 -10.25 5.14 3.90
CA PHE B 321 -9.91 4.34 2.73
C PHE B 321 -9.08 5.11 1.72
N VAL B 322 -9.41 6.39 1.50
CA VAL B 322 -8.76 7.27 0.53
C VAL B 322 -7.35 7.67 1.01
N ARG B 323 -6.99 7.36 2.25
CA ARG B 323 -5.65 7.59 2.75
C ARG B 323 -4.85 6.32 2.54
N LYS B 324 -5.41 5.18 3.02
CA LYS B 324 -4.74 3.88 2.96
C LYS B 324 -4.49 3.37 1.55
N PHE B 325 -5.45 3.55 0.62
CA PHE B 325 -5.32 2.98 -0.72
C PHE B 325 -5.09 4.00 -1.83
N GLN B 326 -5.56 5.24 -1.68
CA GLN B 326 -5.37 6.25 -2.72
C GLN B 326 -4.61 7.45 -2.16
N PRO B 327 -3.41 7.32 -1.51
CA PRO B 327 -2.78 8.50 -0.90
C PRO B 327 -2.40 9.62 -1.88
N GLU B 328 -2.16 9.25 -3.16
CA GLU B 328 -1.82 10.17 -4.25
C GLU B 328 -3.00 11.09 -4.56
N ARG B 329 -4.19 10.49 -4.74
CA ARG B 329 -5.45 11.18 -5.06
C ARG B 329 -6.16 11.80 -3.85
N TYR B 330 -5.59 11.67 -2.60
CA TYR B 330 -6.23 12.14 -1.37
C TYR B 330 -6.53 13.64 -1.35
N LYS B 331 -5.53 14.49 -1.62
CA LYS B 331 -5.71 15.95 -1.62
C LYS B 331 -6.73 16.36 -2.69
N LEU B 332 -6.58 15.77 -3.89
CA LEU B 332 -7.44 15.97 -5.06
C LEU B 332 -8.91 15.64 -4.72
N TRP B 333 -9.13 14.50 -4.05
CA TRP B 333 -10.47 14.03 -3.66
C TRP B 333 -11.11 14.90 -2.59
N LYS B 334 -10.32 15.28 -1.54
CA LYS B 334 -10.75 16.13 -0.42
C LYS B 334 -11.27 17.47 -0.96
N ALA B 335 -10.56 18.01 -2.00
CA ALA B 335 -10.88 19.23 -2.75
C ALA B 335 -12.20 19.08 -3.57
N GLY B 336 -12.44 17.87 -4.07
CA GLY B 336 -13.60 17.53 -4.88
C GLY B 336 -13.24 17.51 -6.36
N LYS B 337 -11.94 17.36 -6.64
CA LYS B 337 -11.35 17.34 -7.97
C LYS B 337 -11.08 15.92 -8.52
N ASP B 338 -11.32 14.87 -7.70
CA ASP B 338 -11.14 13.47 -8.15
C ASP B 338 -12.27 13.07 -9.14
N ASN B 339 -12.01 13.31 -10.44
CA ASN B 339 -12.89 13.09 -11.58
C ASN B 339 -12.85 11.64 -12.16
N THR B 340 -12.51 10.63 -11.30
CA THR B 340 -12.44 9.21 -11.69
C THR B 340 -13.80 8.68 -12.22
N VAL B 341 -13.74 7.81 -13.24
CA VAL B 341 -14.91 7.20 -13.85
C VAL B 341 -14.90 5.68 -13.64
N ILE B 342 -15.95 5.17 -13.03
CA ILE B 342 -16.11 3.75 -12.71
C ILE B 342 -16.40 2.86 -13.96
N ASP B 343 -15.57 1.82 -14.15
CA ASP B 343 -15.74 0.83 -15.22
C ASP B 343 -16.30 -0.43 -14.55
N HIS B 344 -17.60 -0.69 -14.76
CA HIS B 344 -18.30 -1.82 -14.14
C HIS B 344 -17.85 -3.18 -14.66
N THR B 345 -17.23 -3.23 -15.85
CA THR B 345 -16.75 -4.49 -16.44
C THR B 345 -15.41 -4.94 -15.84
N LEU B 346 -14.62 -3.97 -15.32
CA LEU B 346 -13.30 -4.18 -14.71
C LEU B 346 -13.32 -5.00 -13.41
N PRO B 347 -12.49 -6.07 -13.31
CA PRO B 347 -12.42 -6.84 -12.06
C PRO B 347 -11.55 -6.12 -11.02
N THR B 348 -11.70 -6.56 -9.75
CA THR B 348 -10.97 -6.05 -8.58
C THR B 348 -9.45 -6.18 -8.80
N PRO B 349 -8.59 -5.27 -8.27
CA PRO B 349 -7.12 -5.44 -8.46
C PRO B 349 -6.63 -6.83 -8.01
N GLU B 350 -7.15 -7.32 -6.85
CA GLU B 350 -6.88 -8.64 -6.21
C GLU B 350 -6.97 -9.88 -7.16
N ALA B 351 -7.72 -9.76 -8.28
CA ALA B 351 -7.93 -10.78 -9.33
C ALA B 351 -6.70 -10.89 -10.28
N ALA B 352 -5.55 -10.23 -9.92
CA ALA B 352 -4.29 -10.17 -10.66
C ALA B 352 -3.74 -11.56 -10.95
N GLU B 353 -3.61 -12.40 -9.90
CA GLU B 353 -3.10 -13.79 -9.95
C GLU B 353 -3.96 -14.76 -10.82
N PHE B 354 -5.18 -14.34 -11.19
CA PHE B 354 -6.14 -15.12 -11.97
C PHE B 354 -6.32 -14.63 -13.43
N LEU B 355 -5.49 -13.67 -13.86
CA LEU B 355 -5.50 -13.11 -15.21
C LEU B 355 -4.14 -13.23 -15.87
N SER C 12 -12.27 -7.41 57.01
CA SER C 12 -11.79 -6.11 56.54
C SER C 12 -11.55 -6.11 55.02
N ALA C 13 -12.44 -6.83 54.26
CA ALA C 13 -12.45 -7.01 52.79
C ALA C 13 -11.10 -7.48 52.22
N ARG C 14 -10.47 -8.46 52.93
CA ARG C 14 -9.21 -9.09 52.55
C ARG C 14 -9.53 -10.37 51.75
N ILE C 15 -8.63 -10.75 50.84
CA ILE C 15 -8.76 -11.90 49.95
C ILE C 15 -8.87 -13.21 50.76
N MET C 16 -9.99 -13.93 50.58
CA MET C 16 -10.28 -15.18 51.28
C MET C 16 -9.96 -16.39 50.39
N THR C 17 -9.55 -17.51 51.02
CA THR C 17 -9.24 -18.79 50.36
C THR C 17 -10.22 -19.84 50.84
N PHE C 18 -10.77 -20.62 49.90
CA PHE C 18 -11.77 -21.68 50.15
C PHE C 18 -11.28 -23.04 49.73
N TYR C 19 -11.61 -24.07 50.51
CA TYR C 19 -11.17 -25.45 50.22
C TYR C 19 -12.39 -26.38 50.11
N PRO C 20 -13.20 -26.24 49.00
CA PRO C 20 -14.42 -27.06 48.89
C PRO C 20 -14.14 -28.52 48.78
N THR C 21 -15.01 -29.32 49.44
CA THR C 21 -14.99 -30.79 49.41
C THR C 21 -15.59 -31.17 48.04
N MET C 22 -15.29 -32.36 47.55
CA MET C 22 -15.81 -32.84 46.26
C MET C 22 -17.33 -32.56 46.05
N GLU C 23 -18.18 -32.79 47.10
CA GLU C 23 -19.63 -32.56 47.06
C GLU C 23 -20.01 -31.08 46.90
N GLU C 24 -19.26 -30.18 47.60
CA GLU C 24 -19.43 -28.71 47.54
C GLU C 24 -19.05 -28.13 46.16
N PHE C 25 -18.03 -28.72 45.50
CA PHE C 25 -17.42 -28.35 44.21
C PHE C 25 -18.21 -28.75 42.96
N ARG C 26 -18.99 -29.83 43.03
CA ARG C 26 -19.73 -30.33 41.87
C ARG C 26 -20.79 -29.31 41.33
N ASN C 27 -21.26 -28.35 42.16
CA ASN C 27 -22.16 -27.26 41.73
C ASN C 27 -21.39 -25.93 41.83
N PHE C 28 -21.24 -25.26 40.68
CA PHE C 28 -20.53 -24.00 40.54
C PHE C 28 -21.28 -22.84 41.18
N SER C 29 -22.41 -22.43 40.54
CA SER C 29 -23.26 -21.32 40.95
C SER C 29 -23.62 -21.42 42.42
N ARG C 30 -23.75 -22.67 42.92
CA ARG C 30 -24.05 -22.91 44.33
C ARG C 30 -22.85 -22.52 45.17
N TYR C 31 -21.63 -22.96 44.78
CA TYR C 31 -20.44 -22.60 45.53
C TYR C 31 -20.15 -21.13 45.46
N ILE C 32 -20.32 -20.55 44.28
CA ILE C 32 -20.15 -19.11 44.11
C ILE C 32 -21.03 -18.38 45.11
N ALA C 33 -22.32 -18.80 45.25
CA ALA C 33 -23.31 -18.26 46.20
C ALA C 33 -22.85 -18.44 47.64
N TYR C 34 -22.24 -19.60 47.95
CA TYR C 34 -21.73 -19.90 49.29
C TYR C 34 -20.58 -18.97 49.68
N ILE C 35 -19.55 -18.85 48.83
CA ILE C 35 -18.40 -18.03 49.17
C ILE C 35 -18.79 -16.52 49.20
N GLU C 36 -19.95 -16.15 48.63
CA GLU C 36 -20.48 -14.79 48.67
C GLU C 36 -21.23 -14.57 49.97
N SER C 37 -21.75 -15.66 50.55
CA SER C 37 -22.41 -15.63 51.86
C SER C 37 -21.34 -15.43 52.95
N GLN C 38 -20.10 -15.86 52.68
CA GLN C 38 -18.93 -15.74 53.58
C GLN C 38 -18.26 -14.35 53.47
N GLY C 39 -18.67 -13.56 52.47
CA GLY C 39 -18.21 -12.20 52.22
C GLY C 39 -17.01 -12.05 51.32
N ALA C 40 -16.68 -13.13 50.56
CA ALA C 40 -15.53 -13.18 49.66
C ALA C 40 -15.53 -12.05 48.66
N HIS C 41 -16.73 -11.74 48.17
CA HIS C 41 -16.98 -10.73 47.17
C HIS C 41 -16.46 -9.34 47.57
N ARG C 42 -16.49 -9.01 48.87
CA ARG C 42 -16.07 -7.71 49.43
C ARG C 42 -14.64 -7.33 49.10
N ALA C 43 -13.76 -8.34 48.91
CA ALA C 43 -12.36 -8.17 48.57
C ALA C 43 -12.17 -7.84 47.10
N GLY C 44 -13.09 -8.31 46.25
CA GLY C 44 -13.05 -8.17 44.79
C GLY C 44 -12.42 -9.37 44.13
N LEU C 45 -11.71 -10.19 44.92
CA LEU C 45 -10.93 -11.35 44.50
C LEU C 45 -10.97 -12.44 45.58
N ALA C 46 -11.12 -13.71 45.15
CA ALA C 46 -11.16 -14.88 46.03
C ALA C 46 -10.37 -16.06 45.43
N LYS C 47 -9.74 -16.89 46.30
CA LYS C 47 -9.00 -18.08 45.88
C LYS C 47 -9.79 -19.35 46.25
N VAL C 48 -9.91 -20.26 45.28
CA VAL C 48 -10.61 -21.53 45.48
C VAL C 48 -9.64 -22.64 45.15
N VAL C 49 -9.38 -23.49 46.13
CA VAL C 49 -8.50 -24.65 46.02
C VAL C 49 -9.38 -25.91 45.75
N PRO C 50 -9.24 -26.54 44.57
CA PRO C 50 -10.08 -27.71 44.27
C PRO C 50 -9.69 -28.96 45.07
N PRO C 51 -10.63 -29.91 45.33
CA PRO C 51 -10.25 -31.13 46.06
C PRO C 51 -9.07 -31.86 45.40
N LYS C 52 -8.16 -32.41 46.23
CA LYS C 52 -6.93 -33.09 45.81
C LYS C 52 -7.10 -34.05 44.60
N GLU C 53 -8.21 -34.81 44.58
CA GLU C 53 -8.56 -35.78 43.52
C GLU C 53 -8.82 -35.12 42.15
N TRP C 54 -9.40 -33.91 42.12
CA TRP C 54 -9.77 -33.21 40.90
C TRP C 54 -8.59 -32.75 40.03
N LYS C 55 -8.63 -33.12 38.73
CA LYS C 55 -7.67 -32.77 37.67
C LYS C 55 -8.44 -32.50 36.35
N PRO C 56 -8.36 -31.28 35.75
CA PRO C 56 -9.13 -31.00 34.51
C PRO C 56 -8.58 -31.64 33.22
N ARG C 57 -7.29 -32.02 33.24
CA ARG C 57 -6.58 -32.65 32.13
C ARG C 57 -5.60 -33.70 32.68
N ALA C 58 -5.44 -34.83 31.95
CA ALA C 58 -4.58 -35.93 32.34
C ALA C 58 -3.10 -35.54 32.33
N SER C 59 -2.63 -34.90 31.22
CA SER C 59 -1.25 -34.45 31.05
C SER C 59 -1.16 -33.26 30.12
N TYR C 60 -0.30 -32.28 30.50
CA TYR C 60 -0.05 -31.05 29.73
C TYR C 60 1.23 -31.17 28.83
N ASP C 61 1.61 -32.41 28.47
CA ASP C 61 2.80 -32.75 27.67
C ASP C 61 2.58 -32.71 26.15
N ASP C 62 1.31 -32.79 25.70
CA ASP C 62 0.88 -32.84 24.31
C ASP C 62 0.61 -31.47 23.66
N ILE C 63 0.67 -30.41 24.44
CA ILE C 63 0.33 -29.07 23.94
C ILE C 63 1.52 -28.29 23.34
N ASP C 64 2.68 -28.91 23.11
CA ASP C 64 3.84 -28.20 22.52
C ASP C 64 3.60 -27.62 21.11
N ASP C 65 2.74 -28.29 20.30
CA ASP C 65 2.44 -27.85 18.95
C ASP C 65 1.11 -27.06 18.84
N LEU C 66 0.70 -26.47 19.97
CA LEU C 66 -0.47 -25.60 20.06
C LEU C 66 0.00 -24.24 19.58
N VAL C 67 -0.86 -23.55 18.80
CA VAL C 67 -0.53 -22.24 18.23
C VAL C 67 -1.12 -21.08 19.01
N ILE C 68 -0.26 -20.12 19.36
CA ILE C 68 -0.59 -18.86 20.00
C ILE C 68 -0.54 -17.91 18.80
N PRO C 69 -1.70 -17.54 18.24
CA PRO C 69 -1.70 -16.75 17.00
C PRO C 69 -1.24 -15.30 17.11
N ALA C 70 -1.51 -14.68 18.26
CA ALA C 70 -1.15 -13.29 18.46
C ALA C 70 -0.34 -13.03 19.72
N PRO C 71 0.96 -13.42 19.74
CA PRO C 71 1.78 -13.16 20.92
C PRO C 71 1.99 -11.65 21.03
N ILE C 72 1.94 -11.10 22.22
CA ILE C 72 2.11 -9.66 22.32
C ILE C 72 3.33 -9.32 23.16
N GLN C 73 4.26 -8.52 22.60
CA GLN C 73 5.41 -8.05 23.32
C GLN C 73 4.92 -6.84 24.10
N GLN C 74 5.03 -6.91 25.42
CA GLN C 74 4.53 -5.92 26.34
C GLN C 74 5.58 -4.89 26.64
N LEU C 75 5.38 -3.69 26.11
CA LEU C 75 6.28 -2.57 26.33
C LEU C 75 5.72 -1.62 27.33
N VAL C 76 6.44 -1.41 28.40
CA VAL C 76 5.99 -0.53 29.47
C VAL C 76 6.86 0.71 29.52
N THR C 77 6.20 1.87 29.64
CA THR C 77 6.81 3.18 29.72
C THR C 77 6.30 3.87 31.00
N GLY C 78 7.20 4.54 31.69
CA GLY C 78 6.83 5.20 32.94
C GLY C 78 7.92 5.27 33.98
N GLN C 79 7.56 5.94 35.10
CA GLN C 79 8.45 6.16 36.22
C GLN C 79 7.67 6.36 37.48
N SER C 80 8.39 6.21 38.61
CA SER C 80 7.93 6.42 39.99
C SER C 80 6.58 5.79 40.29
N GLY C 81 6.44 4.51 39.98
CA GLY C 81 5.26 3.73 40.26
C GLY C 81 4.08 3.88 39.33
N LEU C 82 4.22 4.74 38.31
CA LEU C 82 3.20 4.98 37.30
C LEU C 82 3.64 4.64 35.89
N PHE C 83 2.91 3.70 35.25
CA PHE C 83 3.30 3.17 33.95
C PHE C 83 2.15 2.96 32.97
N THR C 84 2.51 2.80 31.67
CA THR C 84 1.60 2.52 30.54
C THR C 84 2.17 1.39 29.73
N GLN C 85 1.33 0.37 29.51
CA GLN C 85 1.67 -0.81 28.73
C GLN C 85 1.23 -0.66 27.27
N TYR C 86 2.09 -1.04 26.37
CA TYR C 86 1.84 -1.02 24.95
C TYR C 86 2.00 -2.44 24.45
N ASN C 87 0.93 -2.99 23.87
CA ASN C 87 0.94 -4.38 23.39
C ASN C 87 1.32 -4.47 21.92
N ILE C 88 2.58 -4.83 21.63
CA ILE C 88 3.12 -4.98 20.26
C ILE C 88 2.82 -6.39 19.76
N GLN C 89 1.92 -6.55 18.77
CA GLN C 89 1.62 -7.91 18.26
C GLN C 89 2.77 -8.50 17.46
N LYS C 90 3.05 -9.78 17.71
CA LYS C 90 4.11 -10.53 17.09
C LYS C 90 3.53 -11.65 16.22
N LYS C 91 4.43 -12.30 15.48
CA LYS C 91 4.09 -13.39 14.58
C LYS C 91 3.64 -14.58 15.44
N ALA C 92 2.65 -15.35 14.91
CA ALA C 92 2.12 -16.55 15.54
C ALA C 92 3.25 -17.51 15.87
N MET C 93 3.24 -18.08 17.07
CA MET C 93 4.25 -19.03 17.50
C MET C 93 3.65 -20.19 18.27
N THR C 94 4.37 -21.32 18.35
CA THR C 94 3.87 -22.47 19.09
C THR C 94 4.16 -22.32 20.58
N VAL C 95 3.59 -23.22 21.36
CA VAL C 95 3.81 -23.26 22.80
C VAL C 95 5.27 -23.65 23.06
N ARG C 96 5.87 -24.49 22.18
CA ARG C 96 7.26 -24.92 22.26
C ARG C 96 8.20 -23.73 22.06
N GLU C 97 7.94 -22.89 21.02
CA GLU C 97 8.71 -21.68 20.70
C GLU C 97 8.60 -20.71 21.90
N PHE C 98 7.36 -20.62 22.46
CA PHE C 98 7.05 -19.81 23.61
C PHE C 98 7.85 -20.22 24.87
N ARG C 99 7.82 -21.53 25.23
CA ARG C 99 8.50 -22.11 26.39
C ARG C 99 10.02 -21.88 26.36
N LYS C 100 10.63 -21.99 25.15
CA LYS C 100 12.07 -21.79 24.90
C LYS C 100 12.47 -20.34 25.22
N ILE C 101 11.66 -19.36 24.79
CA ILE C 101 11.95 -17.95 25.03
C ILE C 101 11.77 -17.69 26.52
N ALA C 102 10.63 -18.16 27.07
CA ALA C 102 10.23 -18.02 28.46
C ALA C 102 11.29 -18.50 29.46
N ASN C 103 12.02 -19.57 29.11
CA ASN C 103 13.06 -20.16 29.93
C ASN C 103 14.48 -19.69 29.54
N SER C 104 14.61 -18.92 28.45
CA SER C 104 15.92 -18.44 27.99
C SER C 104 16.61 -17.53 29.01
N ASP C 105 17.94 -17.43 28.93
CA ASP C 105 18.75 -16.58 29.82
C ASP C 105 18.28 -15.11 29.82
N LYS C 106 17.74 -14.63 28.67
CA LYS C 106 17.24 -13.26 28.50
C LYS C 106 15.95 -13.02 29.25
N TYR C 107 15.03 -14.00 29.23
CA TYR C 107 13.69 -13.87 29.77
C TYR C 107 13.33 -14.73 31.02
N CYS C 108 14.27 -15.54 31.56
CA CYS C 108 13.97 -16.40 32.72
C CYS C 108 13.79 -15.62 34.02
N THR C 109 13.08 -16.25 34.98
CA THR C 109 12.76 -15.71 36.32
C THR C 109 14.06 -15.47 37.10
N PRO C 110 14.24 -14.30 37.76
CA PRO C 110 15.47 -14.11 38.56
C PRO C 110 15.47 -14.98 39.84
N ARG C 111 16.66 -15.17 40.44
CA ARG C 111 16.78 -15.94 41.69
C ARG C 111 16.23 -15.09 42.81
N TYR C 112 15.41 -15.68 43.67
CA TYR C 112 14.79 -14.94 44.75
C TYR C 112 14.36 -15.89 45.86
N SER C 113 14.13 -15.33 47.03
CA SER C 113 13.68 -16.11 48.16
C SER C 113 12.22 -15.80 48.43
N GLU C 114 11.99 -14.72 49.17
CA GLU C 114 10.64 -14.29 49.51
C GLU C 114 9.99 -13.63 48.31
N PHE C 115 8.67 -13.68 48.25
CA PHE C 115 7.92 -13.07 47.16
C PHE C 115 8.18 -11.59 47.20
N GLU C 116 8.29 -11.05 48.39
CA GLU C 116 8.59 -9.62 48.54
C GLU C 116 9.81 -9.19 47.67
N GLU C 117 10.81 -10.10 47.52
CA GLU C 117 12.01 -9.90 46.69
C GLU C 117 11.66 -9.87 45.21
N LEU C 118 10.87 -10.86 44.73
CA LEU C 118 10.46 -10.91 43.32
C LEU C 118 9.50 -9.76 42.97
N GLU C 119 8.58 -9.43 43.91
CA GLU C 119 7.65 -8.32 43.75
C GLU C 119 8.47 -7.05 43.52
N ARG C 120 9.48 -6.77 44.40
CA ARG C 120 10.42 -5.64 44.35
C ARG C 120 11.12 -5.57 43.00
N LYS C 121 11.66 -6.73 42.54
CA LYS C 121 12.37 -6.90 41.26
C LYS C 121 11.46 -6.62 40.09
N TYR C 122 10.17 -7.02 40.19
CA TYR C 122 9.21 -6.82 39.12
C TYR C 122 9.00 -5.33 38.89
N TRP C 123 8.71 -4.59 39.96
CA TRP C 123 8.45 -3.16 39.88
C TRP C 123 9.74 -2.31 39.59
N LYS C 124 10.93 -2.91 39.70
CA LYS C 124 12.15 -2.20 39.35
C LYS C 124 12.40 -2.37 37.85
N ASN C 125 12.20 -3.58 37.35
CA ASN C 125 12.53 -3.94 35.99
C ASN C 125 11.39 -4.03 34.98
N LEU C 126 10.14 -3.71 35.32
CA LEU C 126 9.05 -3.91 34.34
C LEU C 126 9.20 -3.10 33.07
N THR C 127 9.88 -1.96 33.11
CA THR C 127 10.09 -1.18 31.90
C THR C 127 11.15 -1.77 30.96
N PHE C 128 12.11 -2.57 31.49
CA PHE C 128 13.21 -3.17 30.70
C PHE C 128 12.89 -4.55 30.21
N ASN C 129 13.66 -5.03 29.20
CA ASN C 129 13.53 -6.38 28.60
C ASN C 129 12.06 -6.74 28.34
N PRO C 130 11.35 -6.05 27.40
CA PRO C 130 9.92 -6.33 27.22
C PRO C 130 9.62 -7.81 26.91
N PRO C 131 8.82 -8.47 27.77
CA PRO C 131 8.56 -9.89 27.52
C PRO C 131 7.46 -10.08 26.49
N ILE C 132 7.20 -11.35 26.12
CA ILE C 132 6.14 -11.73 25.21
C ILE C 132 5.10 -12.49 26.02
N TYR C 133 3.82 -12.09 25.86
CA TYR C 133 2.70 -12.72 26.54
C TYR C 133 1.80 -13.40 25.51
N GLY C 134 1.62 -14.70 25.65
CA GLY C 134 0.76 -15.48 24.77
C GLY C 134 -0.67 -15.42 25.24
N ALA C 135 -1.23 -14.25 25.16
CA ALA C 135 -2.53 -13.94 25.69
C ALA C 135 -3.69 -13.99 24.68
N ASP C 136 -4.90 -14.18 25.24
CA ASP C 136 -6.19 -14.26 24.59
C ASP C 136 -6.21 -15.33 23.49
N VAL C 137 -5.76 -16.55 23.80
CA VAL C 137 -5.73 -17.67 22.86
C VAL C 137 -7.05 -18.41 22.98
N ASN C 138 -7.89 -18.37 21.95
CA ASN C 138 -9.19 -19.04 22.01
C ASN C 138 -9.02 -20.56 22.11
N GLY C 139 -9.34 -21.09 23.27
CA GLY C 139 -9.24 -22.51 23.54
C GLY C 139 -9.45 -22.89 24.99
N THR C 140 -9.41 -24.20 25.26
CA THR C 140 -9.54 -24.83 26.57
C THR C 140 -8.55 -25.99 26.74
N LEU C 141 -8.04 -26.18 27.96
CA LEU C 141 -7.18 -27.32 28.25
C LEU C 141 -7.93 -28.38 29.06
N TYR C 142 -9.20 -28.13 29.38
CA TYR C 142 -10.04 -29.09 30.07
C TYR C 142 -10.33 -30.24 29.13
N GLU C 143 -10.40 -31.49 29.65
CA GLU C 143 -10.75 -32.64 28.81
C GLU C 143 -12.28 -32.63 28.74
N LYS C 144 -12.86 -33.09 27.61
CA LYS C 144 -14.30 -33.08 27.36
C LYS C 144 -15.16 -33.53 28.56
N HIS C 145 -14.84 -34.71 29.14
CA HIS C 145 -15.52 -35.42 30.22
C HIS C 145 -15.60 -34.70 31.59
N VAL C 146 -14.62 -33.80 31.93
CA VAL C 146 -14.59 -33.11 33.24
C VAL C 146 -15.78 -32.15 33.36
N ASP C 147 -16.74 -32.49 34.25
CA ASP C 147 -17.98 -31.74 34.48
C ASP C 147 -17.87 -30.68 35.57
N GLU C 148 -17.03 -30.91 36.58
CA GLU C 148 -16.86 -29.99 37.70
C GLU C 148 -15.97 -28.80 37.31
N TRP C 149 -16.52 -27.56 37.49
CA TRP C 149 -15.85 -26.27 37.26
C TRP C 149 -15.23 -26.10 35.87
N ASN C 150 -15.91 -26.63 34.85
CA ASN C 150 -15.46 -26.54 33.46
C ASN C 150 -15.71 -25.14 32.93
N ILE C 151 -14.62 -24.36 32.75
CA ILE C 151 -14.69 -23.00 32.23
C ILE C 151 -15.57 -22.96 30.96
N GLY C 152 -15.27 -23.83 30.00
CA GLY C 152 -15.99 -23.94 28.74
C GLY C 152 -17.51 -23.94 28.84
N ARG C 153 -18.05 -24.52 29.95
CA ARG C 153 -19.48 -24.68 30.21
C ARG C 153 -19.85 -24.55 31.70
N LEU C 154 -19.83 -23.31 32.23
CA LEU C 154 -20.18 -23.04 33.64
C LEU C 154 -21.69 -23.03 33.89
N ARG C 155 -22.48 -22.80 32.83
CA ARG C 155 -23.97 -22.80 32.80
C ARG C 155 -24.63 -21.77 33.79
N THR C 156 -23.98 -20.59 33.95
CA THR C 156 -24.44 -19.45 34.78
C THR C 156 -25.55 -18.70 34.02
N ILE C 157 -26.22 -17.70 34.66
CA ILE C 157 -27.28 -16.91 34.01
C ILE C 157 -26.74 -16.09 32.81
N LEU C 158 -25.39 -16.02 32.63
CA LEU C 158 -24.74 -15.32 31.52
C LEU C 158 -25.19 -15.89 30.18
N ASP C 159 -25.32 -17.22 30.11
CA ASP C 159 -25.78 -17.99 28.94
C ASP C 159 -27.04 -17.43 28.24
N LEU C 160 -27.84 -16.61 28.95
CA LEU C 160 -29.07 -16.01 28.43
C LEU C 160 -28.82 -15.19 27.16
N VAL C 161 -27.62 -14.55 27.07
CA VAL C 161 -27.18 -13.75 25.91
C VAL C 161 -27.21 -14.62 24.64
N GLU C 162 -26.63 -15.83 24.73
CA GLU C 162 -26.55 -16.80 23.66
C GLU C 162 -27.93 -17.26 23.20
N LYS C 163 -28.82 -17.60 24.17
CA LYS C 163 -30.18 -18.08 23.93
C LYS C 163 -30.91 -17.35 22.80
N GLU C 164 -30.97 -16.01 22.87
CA GLU C 164 -31.66 -15.17 21.90
C GLU C 164 -30.72 -14.35 21.00
N VAL C 172 -16.28 -13.73 24.71
CA VAL C 172 -16.15 -13.31 26.12
C VAL C 172 -16.79 -14.34 27.05
N ASN C 173 -17.91 -14.91 26.61
CA ASN C 173 -18.70 -15.99 27.21
C ASN C 173 -17.95 -17.35 27.03
N THR C 174 -17.05 -17.43 26.00
CA THR C 174 -16.14 -18.52 25.56
C THR C 174 -14.78 -18.53 26.35
N PRO C 175 -13.98 -19.61 26.32
CA PRO C 175 -12.71 -19.62 27.07
C PRO C 175 -11.46 -19.10 26.36
N TYR C 176 -10.50 -18.51 27.12
CA TYR C 176 -9.24 -18.04 26.57
C TYR C 176 -8.08 -18.51 27.42
N LEU C 177 -6.94 -18.70 26.76
CA LEU C 177 -5.72 -19.19 27.38
C LEU C 177 -4.56 -18.20 27.39
N TYR C 178 -3.90 -18.09 28.55
CA TYR C 178 -2.80 -17.15 28.73
C TYR C 178 -1.49 -17.83 29.11
N PHE C 179 -0.56 -17.90 28.12
CA PHE C 179 0.78 -18.48 28.23
C PHE C 179 1.68 -17.33 28.68
N GLY C 180 2.13 -17.40 29.94
CA GLY C 180 2.93 -16.36 30.54
C GLY C 180 4.40 -16.66 30.69
N MET C 181 5.18 -15.62 30.86
CA MET C 181 6.60 -15.71 31.15
C MET C 181 6.90 -14.68 32.20
N TRP C 182 8.06 -14.76 32.82
CA TRP C 182 8.44 -13.82 33.86
C TRP C 182 8.20 -12.39 33.42
N LYS C 183 7.60 -11.57 34.31
CA LYS C 183 7.40 -10.13 34.14
C LYS C 183 6.26 -9.76 33.20
N THR C 184 5.54 -10.75 32.63
CA THR C 184 4.39 -10.41 31.79
C THR C 184 3.29 -9.96 32.73
N SER C 185 2.46 -9.00 32.34
CA SER C 185 1.48 -8.51 33.27
C SER C 185 0.11 -8.16 32.77
N PHE C 186 -0.84 -8.08 33.69
CA PHE C 186 -2.17 -7.62 33.34
C PHE C 186 -2.42 -6.33 34.12
N ALA C 187 -2.80 -5.28 33.41
CA ALA C 187 -3.02 -3.96 33.98
C ALA C 187 -4.29 -3.80 34.79
N TRP C 188 -4.41 -2.68 35.49
CA TRP C 188 -5.60 -2.44 36.34
C TRP C 188 -6.91 -2.35 35.54
N HIS C 189 -7.88 -3.20 35.90
CA HIS C 189 -9.17 -3.23 35.22
C HIS C 189 -10.18 -4.07 36.00
N THR C 190 -11.46 -3.83 35.72
CA THR C 190 -12.58 -4.67 36.13
C THR C 190 -12.87 -5.43 34.83
N GLU C 191 -13.66 -6.50 34.91
CA GLU C 191 -14.03 -7.25 33.70
C GLU C 191 -15.00 -6.41 32.84
N ASP C 192 -15.12 -6.73 31.55
CA ASP C 192 -16.06 -6.07 30.67
C ASP C 192 -17.48 -6.35 31.16
N MET C 193 -18.40 -5.36 31.02
CA MET C 193 -19.77 -5.38 31.57
C MET C 193 -19.72 -5.48 33.11
N ASP C 194 -18.50 -5.30 33.68
CA ASP C 194 -18.16 -5.42 35.10
C ASP C 194 -18.60 -6.79 35.64
N LEU C 195 -18.36 -7.81 34.84
CA LEU C 195 -18.72 -9.18 35.16
C LEU C 195 -17.76 -9.85 36.13
N TYR C 196 -18.11 -11.07 36.49
CA TYR C 196 -17.29 -11.94 37.32
C TYR C 196 -16.28 -12.63 36.40
N SER C 197 -15.27 -13.26 36.97
CA SER C 197 -14.33 -14.03 36.17
C SER C 197 -13.78 -15.25 36.90
N ILE C 198 -13.41 -16.29 36.16
CA ILE C 198 -12.78 -17.48 36.73
C ILE C 198 -11.41 -17.65 36.08
N ASN C 199 -10.35 -17.86 36.88
CA ASN C 199 -9.00 -18.03 36.34
C ASN C 199 -8.37 -19.26 36.98
N TYR C 200 -8.09 -20.31 36.17
CA TYR C 200 -7.46 -21.53 36.66
C TYR C 200 -6.02 -21.58 36.19
N LEU C 201 -5.04 -21.88 37.09
CA LEU C 201 -3.64 -21.96 36.68
C LEU C 201 -3.36 -23.40 36.35
N HIS C 202 -3.42 -23.73 35.06
CA HIS C 202 -3.24 -25.09 34.56
C HIS C 202 -1.94 -25.74 35.01
N PHE C 203 -0.80 -25.06 34.86
CA PHE C 203 0.53 -25.55 35.23
C PHE C 203 1.48 -24.38 35.23
N GLY C 204 2.72 -24.63 35.67
CA GLY C 204 3.78 -23.66 35.63
C GLY C 204 4.02 -22.84 36.88
N GLU C 205 4.92 -21.83 36.74
CA GLU C 205 5.33 -20.92 37.78
C GLU C 205 4.13 -20.02 38.18
N PRO C 206 4.10 -19.43 39.40
CA PRO C 206 2.86 -18.76 39.82
C PRO C 206 2.53 -17.45 39.13
N LYS C 207 1.31 -16.98 39.40
CA LYS C 207 0.72 -15.72 38.98
C LYS C 207 0.39 -14.92 40.26
N SER C 208 0.91 -13.68 40.39
CA SER C 208 0.59 -12.81 41.53
C SER C 208 -0.45 -11.78 41.18
N TRP C 209 -1.32 -11.48 42.13
CA TRP C 209 -2.48 -10.60 41.93
C TRP C 209 -2.55 -9.52 42.98
N TYR C 210 -3.15 -8.39 42.58
CA TYR C 210 -3.48 -7.22 43.39
C TYR C 210 -4.95 -6.95 43.16
N SER C 211 -5.67 -6.58 44.23
CA SER C 211 -7.10 -6.34 44.19
C SER C 211 -7.53 -5.14 45.03
N VAL C 212 -8.44 -4.33 44.47
CA VAL C 212 -9.04 -3.18 45.14
C VAL C 212 -10.54 -3.53 45.39
N PRO C 213 -11.01 -3.50 46.68
CA PRO C 213 -12.41 -3.87 46.97
C PRO C 213 -13.40 -3.05 46.18
N PRO C 214 -14.42 -3.67 45.53
CA PRO C 214 -15.39 -2.87 44.75
C PRO C 214 -15.93 -1.59 45.44
N GLU C 215 -16.00 -1.59 46.79
CA GLU C 215 -16.46 -0.42 47.55
C GLU C 215 -15.50 0.79 47.45
N HIS C 216 -14.27 0.55 46.98
CA HIS C 216 -13.23 1.56 46.81
C HIS C 216 -12.76 1.75 45.36
N GLY C 217 -13.38 1.04 44.42
CA GLY C 217 -13.06 1.13 43.00
C GLY C 217 -13.08 2.54 42.43
N LYS C 218 -14.05 3.38 42.90
CA LYS C 218 -14.18 4.78 42.49
C LYS C 218 -12.97 5.63 42.94
N ARG C 219 -12.33 5.26 44.08
CA ARG C 219 -11.10 5.93 44.58
C ARG C 219 -9.91 5.60 43.65
N LEU C 220 -9.85 4.35 43.11
CA LEU C 220 -8.79 3.96 42.17
C LEU C 220 -9.03 4.70 40.88
N GLU C 221 -10.30 4.68 40.37
CA GLU C 221 -10.72 5.38 39.16
C GLU C 221 -10.33 6.87 39.24
N ARG C 222 -10.64 7.54 40.40
CA ARG C 222 -10.34 8.95 40.66
C ARG C 222 -8.83 9.18 40.60
N LEU C 223 -8.03 8.32 41.27
CA LEU C 223 -6.56 8.38 41.29
C LEU C 223 -6.01 8.32 39.88
N ALA C 224 -6.48 7.32 39.11
CA ALA C 224 -6.13 7.06 37.72
C ALA C 224 -6.35 8.28 36.87
N LYS C 225 -7.52 8.92 37.01
CA LYS C 225 -7.91 10.12 36.27
C LYS C 225 -6.95 11.28 36.52
N GLY C 226 -6.48 11.38 37.76
CA GLY C 226 -5.55 12.42 38.17
C GLY C 226 -4.22 12.30 37.46
N PHE C 227 -3.74 11.05 37.30
CA PHE C 227 -2.45 10.74 36.67
C PHE C 227 -2.44 10.76 35.17
N PHE C 228 -3.56 10.33 34.55
CA PHE C 228 -3.65 10.25 33.11
C PHE C 228 -4.83 11.10 32.65
N PRO C 229 -4.69 12.45 32.70
CA PRO C 229 -5.82 13.32 32.31
C PRO C 229 -6.10 13.30 30.82
N GLY C 230 -5.05 13.11 30.00
CA GLY C 230 -5.18 13.04 28.56
C GLY C 230 -6.05 11.86 28.15
N SER C 231 -5.75 10.68 28.73
CA SER C 231 -6.47 9.41 28.52
C SER C 231 -7.93 9.51 28.98
N ALA C 232 -8.16 10.18 30.13
CA ALA C 232 -9.46 10.38 30.76
C ALA C 232 -10.34 11.31 29.95
N GLN C 233 -9.77 12.40 29.38
CA GLN C 233 -10.48 13.36 28.54
C GLN C 233 -10.86 12.73 27.18
N SER C 234 -10.06 11.73 26.72
CA SER C 234 -10.25 10.98 25.48
C SER C 234 -11.26 9.81 25.66
N CYS C 235 -11.26 9.14 26.85
CA CYS C 235 -12.20 8.06 27.16
C CYS C 235 -12.54 8.03 28.63
N GLU C 236 -13.86 8.11 28.97
CA GLU C 236 -14.35 8.08 30.36
C GLU C 236 -13.87 6.83 31.10
N ALA C 237 -14.00 5.64 30.47
CA ALA C 237 -13.57 4.37 31.05
C ALA C 237 -12.25 3.92 30.41
N PHE C 238 -11.20 4.74 30.55
CA PHE C 238 -9.90 4.46 29.90
C PHE C 238 -9.17 3.26 30.50
N LEU C 239 -9.49 2.90 31.74
CA LEU C 239 -8.85 1.78 32.38
C LEU C 239 -9.08 0.50 31.62
N ARG C 240 -10.30 0.32 31.11
CA ARG C 240 -10.81 -0.78 30.27
C ARG C 240 -9.80 -1.19 29.18
N HIS C 241 -9.00 -0.20 28.70
CA HIS C 241 -8.01 -0.40 27.65
C HIS C 241 -6.94 -1.39 28.09
N LYS C 242 -6.87 -1.64 29.42
CA LYS C 242 -6.01 -2.57 30.16
C LYS C 242 -4.53 -2.27 29.90
N MET C 243 -4.20 -0.96 30.00
CA MET C 243 -2.87 -0.42 29.74
C MET C 243 -2.25 0.25 30.95
N THR C 244 -3.03 0.54 31.99
CA THR C 244 -2.51 1.28 33.14
C THR C 244 -1.97 0.36 34.25
N LEU C 245 -0.70 0.60 34.62
CA LEU C 245 -0.02 -0.13 35.66
C LEU C 245 0.33 0.82 36.82
N ILE C 246 -0.12 0.47 38.05
CA ILE C 246 0.06 1.26 39.29
C ILE C 246 0.64 0.41 40.43
N SER C 247 1.84 0.83 40.91
CA SER C 247 2.63 0.20 41.98
C SER C 247 1.87 0.11 43.32
N PRO C 248 2.01 -1.00 44.11
CA PRO C 248 1.32 -1.05 45.42
C PRO C 248 1.77 0.10 46.34
N LEU C 249 3.03 0.55 46.21
CA LEU C 249 3.58 1.68 46.95
C LEU C 249 2.82 2.99 46.58
N MET C 250 2.46 3.15 45.29
CA MET C 250 1.68 4.30 44.82
C MET C 250 0.27 4.20 45.43
N LEU C 251 -0.34 3.00 45.42
CA LEU C 251 -1.67 2.81 46.03
C LEU C 251 -1.65 3.12 47.53
N LYS C 252 -0.61 2.64 48.24
CA LYS C 252 -0.40 2.88 49.66
C LYS C 252 -0.21 4.38 49.91
N LYS C 253 0.59 5.08 49.05
CA LYS C 253 0.87 6.51 49.16
C LYS C 253 -0.40 7.35 49.03
N TYR C 254 -1.32 6.93 48.14
CA TYR C 254 -2.56 7.66 47.88
C TYR C 254 -3.74 7.08 48.63
N GLY C 255 -3.43 6.27 49.65
CA GLY C 255 -4.39 5.66 50.54
C GLY C 255 -5.47 4.81 49.90
N ILE C 256 -5.17 4.17 48.77
CA ILE C 256 -6.12 3.29 48.12
C ILE C 256 -6.04 1.94 48.84
N PRO C 257 -7.17 1.45 49.41
CA PRO C 257 -7.11 0.13 50.07
C PRO C 257 -7.06 -0.98 49.03
N PHE C 258 -6.08 -1.87 49.19
CA PHE C 258 -5.84 -3.01 48.31
C PHE C 258 -5.34 -4.20 49.14
N ASP C 259 -5.17 -5.35 48.49
CA ASP C 259 -4.65 -6.61 49.02
C ASP C 259 -3.95 -7.37 47.89
N LYS C 260 -3.04 -8.31 48.26
CA LYS C 260 -2.31 -9.13 47.31
C LYS C 260 -2.41 -10.61 47.66
N VAL C 261 -2.33 -11.45 46.62
CA VAL C 261 -2.39 -12.91 46.69
C VAL C 261 -1.57 -13.50 45.55
N THR C 262 -1.01 -14.70 45.77
CA THR C 262 -0.26 -15.46 44.76
C THR C 262 -0.98 -16.77 44.47
N GLN C 263 -1.45 -16.90 43.22
CA GLN C 263 -2.17 -18.07 42.73
C GLN C 263 -1.10 -19.04 42.23
N GLU C 264 -1.11 -20.31 42.75
CA GLU C 264 -0.16 -21.35 42.34
C GLU C 264 -0.81 -22.35 41.44
N ALA C 265 -0.01 -23.06 40.62
CA ALA C 265 -0.52 -24.06 39.67
C ALA C 265 -1.54 -25.01 40.37
N GLY C 266 -2.71 -25.16 39.75
CA GLY C 266 -3.83 -25.95 40.23
C GLY C 266 -4.82 -25.22 41.13
N GLU C 267 -4.81 -23.85 41.09
CA GLU C 267 -5.70 -23.02 41.91
C GLU C 267 -6.61 -22.14 41.09
N PHE C 268 -7.75 -21.76 41.64
CA PHE C 268 -8.75 -20.92 40.96
C PHE C 268 -8.85 -19.52 41.56
N MET C 269 -9.01 -18.52 40.71
CA MET C 269 -9.20 -17.15 41.18
C MET C 269 -10.51 -16.64 40.64
N ILE C 270 -11.32 -16.08 41.54
CA ILE C 270 -12.59 -15.49 41.18
C ILE C 270 -12.51 -13.99 41.39
N THR C 271 -12.90 -13.23 40.37
CA THR C 271 -13.02 -11.77 40.42
C THR C 271 -14.51 -11.51 40.44
N PHE C 272 -14.91 -10.51 41.20
CA PHE C 272 -16.29 -10.14 41.43
C PHE C 272 -16.65 -8.82 40.73
N PRO C 273 -17.97 -8.62 40.44
CA PRO C 273 -18.36 -7.39 39.75
C PRO C 273 -17.75 -6.14 40.36
N TYR C 274 -17.07 -5.39 39.52
CA TYR C 274 -16.44 -4.13 39.88
C TYR C 274 -15.21 -4.27 40.75
N GLY C 275 -14.64 -5.46 40.80
CA GLY C 275 -13.44 -5.65 41.59
C GLY C 275 -12.23 -5.51 40.73
N TYR C 276 -11.56 -4.39 40.84
CA TYR C 276 -10.37 -4.11 40.08
C TYR C 276 -9.26 -5.02 40.48
N HIS C 277 -8.46 -5.38 39.50
CA HIS C 277 -7.33 -6.26 39.67
C HIS C 277 -6.28 -5.99 38.65
N ALA C 278 -5.05 -6.36 38.99
CA ALA C 278 -3.83 -6.28 38.19
C ALA C 278 -2.85 -7.26 38.79
N GLY C 279 -1.87 -7.66 38.03
CA GLY C 279 -0.86 -8.60 38.50
C GLY C 279 0.13 -8.93 37.41
N PHE C 280 0.97 -9.93 37.69
CA PHE C 280 2.06 -10.36 36.78
C PHE C 280 2.36 -11.84 37.00
N ASN C 281 3.08 -12.42 36.03
CA ASN C 281 3.51 -13.83 36.03
C ASN C 281 4.97 -13.97 36.51
N HIS C 282 5.21 -14.98 37.37
CA HIS C 282 6.50 -15.27 37.94
C HIS C 282 7.42 -15.87 36.92
N GLY C 283 6.90 -16.79 36.11
CA GLY C 283 7.68 -17.43 35.06
C GLY C 283 6.78 -18.13 34.08
N PHE C 284 7.34 -19.12 33.33
CA PHE C 284 6.55 -19.85 32.34
C PHE C 284 5.37 -20.60 32.99
N ASN C 285 4.14 -20.27 32.53
CA ASN C 285 2.92 -20.87 33.02
C ASN C 285 1.80 -20.74 32.00
N CYS C 286 0.68 -21.37 32.27
CA CYS C 286 -0.49 -21.31 31.43
C CYS C 286 -1.72 -21.33 32.31
N ALA C 287 -2.67 -20.39 32.03
CA ALA C 287 -3.94 -20.17 32.74
C ALA C 287 -5.13 -20.04 31.81
N GLU C 288 -6.29 -20.57 32.21
CA GLU C 288 -7.55 -20.51 31.46
C GLU C 288 -8.55 -19.57 32.13
N SER C 289 -9.18 -18.68 31.34
CA SER C 289 -10.13 -17.69 31.88
C SER C 289 -11.40 -17.56 31.03
N THR C 290 -12.48 -17.11 31.68
CA THR C 290 -13.78 -16.80 31.08
C THR C 290 -14.59 -15.89 32.03
N ASN C 291 -15.70 -15.35 31.54
CA ASN C 291 -16.55 -14.49 32.34
C ASN C 291 -17.82 -15.27 32.67
N PHE C 292 -18.48 -14.89 33.78
CA PHE C 292 -19.73 -15.52 34.24
C PHE C 292 -20.52 -14.49 35.02
N ALA C 293 -21.78 -14.82 35.32
CA ALA C 293 -22.67 -13.91 36.05
C ALA C 293 -23.58 -14.60 37.05
N THR C 294 -24.19 -13.80 37.94
CA THR C 294 -25.24 -14.17 38.91
C THR C 294 -26.34 -13.10 38.87
N ARG C 295 -27.44 -13.29 39.67
CA ARG C 295 -28.53 -12.31 39.77
C ARG C 295 -28.00 -10.92 40.25
N ARG C 296 -27.02 -10.95 41.18
CA ARG C 296 -26.36 -9.77 41.72
C ARG C 296 -25.72 -8.93 40.63
N TRP C 297 -25.04 -9.59 39.64
CA TRP C 297 -24.36 -8.92 38.53
C TRP C 297 -25.27 -8.04 37.68
N ILE C 298 -26.55 -8.42 37.52
CA ILE C 298 -27.50 -7.71 36.67
C ILE C 298 -27.49 -6.19 36.91
N GLU C 299 -27.51 -5.72 38.17
CA GLU C 299 -27.45 -4.27 38.42
C GLU C 299 -26.09 -3.67 38.06
N TYR C 300 -25.01 -4.48 38.08
CA TYR C 300 -23.66 -4.02 37.71
C TYR C 300 -23.54 -3.80 36.22
N GLY C 301 -24.14 -4.68 35.41
CA GLY C 301 -24.13 -4.56 33.96
C GLY C 301 -24.94 -3.38 33.50
N LYS C 302 -26.14 -3.23 34.13
CA LYS C 302 -27.06 -2.14 33.89
C LYS C 302 -26.37 -0.79 34.15
N GLN C 303 -25.63 -0.67 35.27
CA GLN C 303 -24.94 0.55 35.70
C GLN C 303 -23.54 0.78 35.12
N ALA C 304 -22.85 -0.29 34.65
CA ALA C 304 -21.47 -0.29 34.14
C ALA C 304 -21.09 0.85 33.23
N VAL C 305 -19.93 1.48 33.51
CA VAL C 305 -19.35 2.57 32.69
C VAL C 305 -18.46 1.87 31.63
N LEU C 306 -18.85 2.00 30.37
CA LEU C 306 -18.18 1.32 29.25
C LEU C 306 -17.20 2.20 28.49
N CYS C 307 -16.36 1.54 27.70
CA CYS C 307 -15.36 2.20 26.87
C CYS C 307 -16.04 2.74 25.61
N SER C 308 -15.90 4.05 25.41
CA SER C 308 -16.47 4.83 24.29
C SER C 308 -15.80 4.56 22.93
N CYS C 309 -14.48 4.83 22.84
CA CYS C 309 -13.58 4.78 21.68
C CYS C 309 -13.43 3.38 20.99
N ARG C 310 -13.87 2.29 21.63
C MET C 313 -16.46 -3.96 23.18
N VAL C 314 -16.26 -4.83 24.21
CA VAL C 314 -17.28 -5.79 24.67
C VAL C 314 -18.49 -5.08 25.32
N LYS C 315 -19.66 -5.27 24.71
CA LYS C 315 -20.93 -4.70 25.15
C LYS C 315 -22.04 -5.74 25.01
N ILE C 316 -22.89 -5.87 26.05
CA ILE C 316 -24.04 -6.79 26.11
C ILE C 316 -25.32 -5.96 26.27
N SER C 317 -26.38 -6.31 25.50
CA SER C 317 -27.69 -5.65 25.61
C SER C 317 -28.33 -6.20 26.87
N MET C 318 -28.40 -5.36 27.92
CA MET C 318 -28.93 -5.72 29.23
C MET C 318 -30.43 -6.07 29.23
N ASP C 319 -31.18 -5.57 28.22
CA ASP C 319 -32.62 -5.73 28.00
C ASP C 319 -33.17 -7.12 28.38
N VAL C 320 -32.55 -8.21 27.88
CA VAL C 320 -32.97 -9.60 28.14
C VAL C 320 -32.99 -9.93 29.65
N PHE C 321 -31.95 -9.52 30.40
CA PHE C 321 -31.82 -9.75 31.85
C PHE C 321 -32.82 -8.95 32.66
N VAL C 322 -33.03 -7.67 32.24
CA VAL C 322 -33.93 -6.75 32.90
C VAL C 322 -35.33 -7.29 32.91
N ARG C 323 -35.73 -8.02 31.86
CA ARG C 323 -37.06 -8.62 31.71
C ARG C 323 -37.19 -9.84 32.60
N LYS C 324 -36.23 -10.77 32.48
CA LYS C 324 -36.25 -12.04 33.20
C LYS C 324 -36.14 -11.90 34.72
N PHE C 325 -35.32 -10.96 35.22
CA PHE C 325 -35.09 -10.86 36.68
C PHE C 325 -35.64 -9.60 37.33
N GLN C 326 -35.80 -8.49 36.59
CA GLN C 326 -36.38 -7.27 37.18
C GLN C 326 -37.64 -6.85 36.38
N PRO C 327 -38.68 -7.72 36.17
CA PRO C 327 -39.81 -7.31 35.33
C PRO C 327 -40.59 -6.09 35.82
N GLU C 328 -40.59 -5.88 37.15
CA GLU C 328 -41.24 -4.75 37.82
C GLU C 328 -40.60 -3.43 37.39
N ARG C 329 -39.27 -3.35 37.50
CA ARG C 329 -38.48 -2.16 37.19
C ARG C 329 -38.14 -1.99 35.70
N TYR C 330 -38.61 -2.91 34.81
CA TYR C 330 -38.31 -2.87 33.38
C TYR C 330 -38.72 -1.57 32.68
N LYS C 331 -40.00 -1.16 32.80
CA LYS C 331 -40.52 0.06 32.17
C LYS C 331 -39.75 1.29 32.68
N LEU C 332 -39.57 1.34 34.01
CA LEU C 332 -38.86 2.39 34.73
C LEU C 332 -37.41 2.53 34.22
N TRP C 333 -36.70 1.40 34.04
CA TRP C 333 -35.32 1.34 33.55
C TRP C 333 -35.19 1.76 32.09
N LYS C 334 -36.10 1.26 31.22
CA LYS C 334 -36.14 1.56 29.78
C LYS C 334 -36.26 3.07 29.60
N ALA C 335 -37.11 3.72 30.46
CA ALA C 335 -37.37 5.15 30.51
C ALA C 335 -36.14 5.94 30.98
N GLY C 336 -35.34 5.32 31.85
CA GLY C 336 -34.14 5.92 32.44
C GLY C 336 -34.43 6.50 33.81
N LYS C 337 -35.49 5.98 34.45
CA LYS C 337 -35.96 6.38 35.77
C LYS C 337 -35.50 5.43 36.89
N ASP C 338 -34.85 4.30 36.53
CA ASP C 338 -34.33 3.35 37.53
C ASP C 338 -33.05 3.92 38.20
N ASN C 339 -33.25 4.68 39.29
CA ASN C 339 -32.20 5.34 40.05
C ASN C 339 -31.56 4.46 41.16
N THR C 340 -31.54 3.11 40.97
CA THR C 340 -30.99 2.11 41.92
C THR C 340 -29.53 2.40 42.26
N VAL C 341 -29.16 2.16 43.54
CA VAL C 341 -27.80 2.34 44.04
C VAL C 341 -27.26 1.00 44.55
N ILE C 342 -26.14 0.56 43.95
CA ILE C 342 -25.48 -0.71 44.23
C ILE C 342 -24.80 -0.76 45.62
N ASP C 343 -25.10 -1.81 46.40
CA ASP C 343 -24.48 -2.05 47.71
C ASP C 343 -23.47 -3.18 47.50
N HIS C 344 -22.19 -2.82 47.49
CA HIS C 344 -21.08 -3.76 47.22
C HIS C 344 -20.86 -4.78 48.35
N THR C 345 -21.36 -4.50 49.57
CA THR C 345 -21.21 -5.41 50.70
C THR C 345 -22.23 -6.55 50.63
N LEU C 346 -23.41 -6.29 50.00
CA LEU C 346 -24.53 -7.23 49.85
C LEU C 346 -24.20 -8.45 48.99
N PRO C 347 -24.46 -9.67 49.53
CA PRO C 347 -24.23 -10.89 48.73
C PRO C 347 -25.34 -11.12 47.74
N THR C 348 -25.06 -11.97 46.74
CA THR C 348 -26.00 -12.37 45.69
C THR C 348 -27.29 -12.97 46.30
N PRO C 349 -28.48 -12.77 45.67
CA PRO C 349 -29.70 -13.38 46.23
C PRO C 349 -29.58 -14.90 46.46
N GLU C 350 -28.91 -15.61 45.53
CA GLU C 350 -28.63 -17.05 45.50
C GLU C 350 -28.06 -17.64 46.83
N ALA C 351 -27.43 -16.79 47.66
CA ALA C 351 -26.86 -17.14 48.96
C ALA C 351 -27.93 -17.20 50.09
N ALA C 352 -29.22 -17.23 49.69
CA ALA C 352 -30.38 -17.31 50.58
C ALA C 352 -30.26 -18.53 51.51
N GLU C 353 -30.02 -19.73 50.94
CA GLU C 353 -29.87 -21.01 51.64
C GLU C 353 -28.66 -21.08 52.60
N PHE C 354 -27.71 -20.13 52.48
CA PHE C 354 -26.47 -20.05 53.28
C PHE C 354 -26.48 -18.91 54.33
N LEU C 355 -27.62 -18.22 54.51
CA LEU C 355 -27.75 -17.11 55.45
C LEU C 355 -28.92 -17.34 56.39
N SER D 6 -9.31 5.40 -37.98
CA SER D 6 -7.95 5.86 -38.23
C SER D 6 -7.33 5.31 -39.53
N GLU D 7 -7.93 4.23 -40.10
CA GLU D 7 -7.50 3.54 -41.35
C GLU D 7 -7.97 4.28 -42.65
N THR D 8 -8.90 5.27 -42.50
CA THR D 8 -9.44 6.11 -43.58
C THR D 8 -8.54 7.34 -43.83
N LEU D 9 -7.81 7.81 -42.79
CA LEU D 9 -6.89 8.96 -42.86
C LEU D 9 -5.55 8.48 -43.45
N ASN D 10 -5.24 8.94 -44.69
CA ASN D 10 -4.11 8.57 -45.56
C ASN D 10 -4.02 7.03 -45.78
N PRO D 11 -5.02 6.38 -46.44
CA PRO D 11 -4.95 4.92 -46.64
C PRO D 11 -3.89 4.47 -47.66
N SER D 12 -3.54 5.33 -48.64
N SER D 12 -3.56 5.38 -48.59
CA SER D 12 -2.53 4.94 -49.62
CA SER D 12 -2.58 5.23 -49.67
C SER D 12 -1.10 5.10 -49.07
C SER D 12 -1.14 5.26 -49.13
N ALA D 13 -0.97 5.78 -47.88
CA ALA D 13 0.28 5.97 -47.11
C ALA D 13 1.42 6.62 -47.88
N ARG D 14 1.05 7.72 -48.56
CA ARG D 14 1.93 8.57 -49.35
C ARG D 14 2.46 9.70 -48.49
N ILE D 15 3.64 10.18 -48.88
CA ILE D 15 4.30 11.32 -48.26
C ILE D 15 3.46 12.58 -48.54
N MET D 16 3.02 13.22 -47.46
CA MET D 16 2.22 14.43 -47.49
C MET D 16 3.10 15.67 -47.29
N THR D 17 2.67 16.80 -47.88
CA THR D 17 3.34 18.09 -47.77
C THR D 17 2.40 19.06 -47.08
N PHE D 18 2.94 19.82 -46.10
CA PHE D 18 2.16 20.79 -45.30
C PHE D 18 2.72 22.18 -45.42
N TYR D 19 1.84 23.19 -45.50
CA TYR D 19 2.26 24.58 -45.63
C TYR D 19 1.70 25.42 -44.48
N PRO D 20 2.23 25.24 -43.24
CA PRO D 20 1.65 25.94 -42.09
C PRO D 20 1.81 27.43 -42.19
N THR D 21 0.77 28.16 -41.73
CA THR D 21 0.73 29.61 -41.64
C THR D 21 1.58 29.92 -40.41
N MET D 22 2.11 31.14 -40.31
CA MET D 22 2.93 31.56 -39.17
C MET D 22 2.33 31.17 -37.77
N GLU D 23 1.00 31.33 -37.59
CA GLU D 23 0.30 30.99 -36.34
C GLU D 23 0.30 29.49 -36.03
N GLU D 24 0.11 28.66 -37.08
CA GLU D 24 0.13 27.19 -37.02
C GLU D 24 1.53 26.64 -36.68
N PHE D 25 2.55 27.28 -37.33
CA PHE D 25 3.97 26.98 -37.30
C PHE D 25 4.68 27.36 -35.99
N ARG D 26 4.09 28.31 -35.21
CA ARG D 26 4.67 28.78 -33.94
C ARG D 26 4.90 27.64 -32.92
N ASN D 27 3.89 26.76 -32.74
CA ASN D 27 4.00 25.61 -31.83
C ASN D 27 4.34 24.34 -32.64
N PHE D 28 5.48 23.72 -32.28
CA PHE D 28 6.04 22.52 -32.92
C PHE D 28 5.26 21.24 -32.63
N SER D 29 5.24 20.82 -31.34
CA SER D 29 4.54 19.62 -30.85
C SER D 29 3.06 19.65 -31.26
N ARG D 30 2.46 20.87 -31.29
CA ARG D 30 1.06 21.05 -31.69
C ARG D 30 0.93 20.76 -33.17
N TYR D 31 1.81 21.33 -34.03
CA TYR D 31 1.74 21.06 -35.47
C TYR D 31 2.04 19.61 -35.78
N ILE D 32 3.00 19.00 -35.04
CA ILE D 32 3.34 17.59 -35.22
C ILE D 32 2.09 16.76 -34.95
N ALA D 33 1.30 17.13 -33.91
CA ALA D 33 0.03 16.49 -33.55
C ALA D 33 -1.02 16.69 -34.67
N TYR D 34 -1.08 17.90 -35.26
CA TYR D 34 -2.00 18.23 -36.34
C TYR D 34 -1.74 17.40 -37.57
N ILE D 35 -0.48 17.40 -38.07
CA ILE D 35 -0.09 16.64 -39.27
C ILE D 35 -0.37 15.14 -39.05
N GLU D 36 -0.21 14.67 -37.80
CA GLU D 36 -0.51 13.30 -37.44
C GLU D 36 -2.02 13.01 -37.50
N SER D 37 -2.87 14.00 -37.16
CA SER D 37 -4.32 13.88 -37.26
C SER D 37 -4.73 13.74 -38.74
N GLN D 38 -3.89 14.26 -39.66
CA GLN D 38 -4.06 14.22 -41.13
C GLN D 38 -3.61 12.88 -41.73
N GLY D 39 -2.93 12.07 -40.93
CA GLY D 39 -2.41 10.74 -41.30
C GLY D 39 -1.01 10.72 -41.87
N ALA D 40 -0.23 11.81 -41.67
CA ALA D 40 1.12 12.00 -42.19
C ALA D 40 2.07 10.88 -41.77
N HIS D 41 1.99 10.47 -40.48
CA HIS D 41 2.77 9.41 -39.83
C HIS D 41 2.65 8.02 -40.49
N ARG D 42 1.61 7.81 -41.31
CA ARG D 42 1.37 6.54 -41.98
C ARG D 42 2.36 6.27 -43.07
N ALA D 43 2.90 7.34 -43.70
CA ALA D 43 3.90 7.29 -44.75
C ALA D 43 5.29 6.99 -44.22
N GLY D 44 5.56 7.40 -42.97
CA GLY D 44 6.85 7.28 -42.28
C GLY D 44 7.69 8.52 -42.44
N LEU D 45 7.31 9.40 -43.40
CA LEU D 45 7.99 10.63 -43.78
C LEU D 45 6.98 11.70 -44.20
N ALA D 46 7.19 12.96 -43.79
CA ALA D 46 6.35 14.11 -44.13
C ALA D 46 7.21 15.35 -44.46
N LYS D 47 6.74 16.22 -45.40
CA LYS D 47 7.40 17.48 -45.75
C LYS D 47 6.64 18.67 -45.19
N VAL D 48 7.38 19.56 -44.51
CA VAL D 48 6.81 20.76 -43.95
C VAL D 48 7.52 21.96 -44.55
N VAL D 49 6.76 22.84 -45.17
CA VAL D 49 7.26 24.06 -45.79
C VAL D 49 6.98 25.22 -44.80
N PRO D 50 8.04 25.88 -44.29
CA PRO D 50 7.80 26.99 -43.35
C PRO D 50 7.30 28.25 -44.04
N PRO D 51 6.51 29.12 -43.32
CA PRO D 51 6.01 30.36 -43.95
C PRO D 51 7.15 31.17 -44.57
N LYS D 52 6.89 31.80 -45.76
CA LYS D 52 7.87 32.58 -46.53
C LYS D 52 8.73 33.54 -45.68
N GLU D 53 8.11 34.21 -44.69
CA GLU D 53 8.75 35.16 -43.78
C GLU D 53 9.82 34.53 -42.87
N TRP D 54 9.63 33.27 -42.44
CA TRP D 54 10.54 32.53 -41.54
C TRP D 54 11.93 32.22 -42.13
N LYS D 55 12.99 32.66 -41.40
CA LYS D 55 14.42 32.47 -41.71
C LYS D 55 15.15 32.15 -40.38
N PRO D 56 15.78 30.94 -40.20
CA PRO D 56 16.48 30.65 -38.91
C PRO D 56 17.81 31.41 -38.75
N ARG D 57 18.43 31.79 -39.86
CA ARG D 57 19.71 32.46 -39.91
C ARG D 57 19.65 33.55 -40.97
N ALA D 58 20.29 34.68 -40.68
CA ALA D 58 20.30 35.82 -41.57
C ALA D 58 21.11 35.58 -42.84
N SER D 59 22.32 34.99 -42.70
CA SER D 59 23.22 34.69 -43.81
C SER D 59 24.12 33.49 -43.50
N TYR D 60 24.28 32.61 -44.49
CA TYR D 60 25.13 31.41 -44.41
C TYR D 60 26.51 31.66 -45.07
N ASP D 61 26.97 32.93 -45.10
CA ASP D 61 28.23 33.39 -45.71
C ASP D 61 29.46 33.33 -44.78
N ASP D 62 29.21 33.28 -43.47
CA ASP D 62 30.22 33.28 -42.41
C ASP D 62 30.71 31.87 -41.99
N ILE D 63 30.10 30.82 -42.52
CA ILE D 63 30.42 29.46 -42.09
C ILE D 63 31.58 28.77 -42.87
N ASP D 64 32.30 29.48 -43.75
CA ASP D 64 33.42 28.86 -44.50
C ASP D 64 34.57 28.31 -43.62
N ASP D 65 34.80 28.93 -42.45
CA ASP D 65 35.89 28.56 -41.55
C ASP D 65 35.43 27.65 -40.40
N LEU D 66 34.26 27.01 -40.59
CA LEU D 66 33.67 26.05 -39.68
C LEU D 66 34.37 24.73 -39.94
N VAL D 67 34.69 23.99 -38.86
CA VAL D 67 35.39 22.73 -38.95
C VAL D 67 34.46 21.49 -38.92
N ILE D 68 34.64 20.62 -39.96
CA ILE D 68 34.03 19.32 -40.12
C ILE D 68 35.16 18.41 -39.52
N PRO D 69 35.04 17.91 -38.26
CA PRO D 69 36.14 17.12 -37.68
C PRO D 69 36.33 15.69 -38.23
N ALA D 70 35.23 15.05 -38.63
CA ALA D 70 35.33 13.68 -39.11
C ALA D 70 34.63 13.47 -40.45
N PRO D 71 35.24 13.98 -41.55
CA PRO D 71 34.64 13.77 -42.87
C PRO D 71 34.71 12.28 -43.21
N ILE D 72 33.67 11.72 -43.81
CA ILE D 72 33.74 10.31 -44.12
C ILE D 72 33.62 10.07 -45.63
N GLN D 73 34.60 9.34 -46.19
CA GLN D 73 34.57 8.94 -47.60
C GLN D 73 33.70 7.67 -47.65
N GLN D 74 32.66 7.71 -48.48
CA GLN D 74 31.64 6.64 -48.57
C GLN D 74 31.89 5.64 -49.67
N LEU D 75 32.42 4.51 -49.25
CA LEU D 75 32.71 3.45 -50.18
C LEU D 75 31.59 2.46 -50.25
N VAL D 76 31.02 2.28 -51.44
CA VAL D 76 29.91 1.38 -51.65
C VAL D 76 30.36 0.19 -52.51
N THR D 77 29.97 -0.99 -52.07
CA THR D 77 30.23 -2.25 -52.74
C THR D 77 28.93 -2.97 -52.97
N GLY D 78 28.76 -3.57 -54.14
CA GLY D 78 27.53 -4.27 -54.43
C GLY D 78 27.10 -4.29 -55.88
N GLN D 79 26.00 -5.00 -56.14
CA GLN D 79 25.45 -5.16 -57.47
C GLN D 79 23.97 -5.40 -57.43
N SER D 80 23.35 -5.21 -58.59
CA SER D 80 21.94 -5.41 -58.90
C SER D 80 21.00 -4.89 -57.83
N GLY D 81 21.17 -3.63 -57.49
CA GLY D 81 20.28 -2.98 -56.52
C GLY D 81 20.53 -3.18 -55.04
N LEU D 82 21.52 -4.03 -54.71
CA LEU D 82 21.91 -4.35 -53.33
C LEU D 82 23.34 -3.97 -53.05
N PHE D 83 23.53 -3.10 -52.06
CA PHE D 83 24.85 -2.55 -51.74
C PHE D 83 25.15 -2.47 -50.24
N THR D 84 26.45 -2.23 -49.92
CA THR D 84 27.00 -2.03 -48.57
C THR D 84 27.88 -0.83 -48.60
N GLN D 85 27.60 0.12 -47.71
CA GLN D 85 28.37 1.34 -47.53
C GLN D 85 29.43 1.16 -46.41
N TYR D 86 30.63 1.63 -46.69
CA TYR D 86 31.71 1.62 -45.75
C TYR D 86 32.11 3.09 -45.57
N ASN D 87 32.04 3.57 -44.31
CA ASN D 87 32.40 4.96 -44.00
C ASN D 87 33.86 5.09 -43.57
N ILE D 88 34.74 5.53 -44.49
CA ILE D 88 36.18 5.72 -44.27
C ILE D 88 36.41 7.13 -43.68
N GLN D 89 36.83 7.22 -42.39
CA GLN D 89 37.08 8.52 -41.77
C GLN D 89 38.32 9.21 -42.34
N LYS D 90 38.18 10.51 -42.61
CA LYS D 90 39.22 11.35 -43.17
C LYS D 90 39.64 12.41 -42.16
N LYS D 91 40.71 13.14 -42.52
CA LYS D 91 41.27 14.20 -41.68
C LYS D 91 40.27 15.34 -41.64
N ALA D 92 40.19 16.03 -40.48
CA ALA D 92 39.33 17.17 -40.25
C ALA D 92 39.57 18.23 -41.32
N MET D 93 38.48 18.77 -41.89
CA MET D 93 38.57 19.83 -42.90
C MET D 93 37.56 20.93 -42.68
N THR D 94 37.79 22.11 -43.28
CA THR D 94 36.82 23.21 -43.14
C THR D 94 35.66 23.03 -44.15
N VAL D 95 34.58 23.83 -43.98
CA VAL D 95 33.47 23.87 -44.92
C VAL D 95 33.97 24.43 -46.30
N ARG D 96 35.00 25.31 -46.27
CA ARG D 96 35.60 25.85 -47.50
C ARG D 96 36.34 24.74 -48.29
N GLU D 97 37.14 23.90 -47.59
CA GLU D 97 37.87 22.76 -48.16
C GLU D 97 36.87 21.76 -48.76
N PHE D 98 35.74 21.54 -48.06
CA PHE D 98 34.66 20.66 -48.49
C PHE D 98 33.96 21.22 -49.73
N ARG D 99 33.53 22.50 -49.70
CA ARG D 99 32.82 23.14 -50.82
C ARG D 99 33.63 23.04 -52.13
N LYS D 100 34.98 23.20 -52.05
CA LYS D 100 35.90 23.12 -53.18
C LYS D 100 35.92 21.71 -53.78
N ILE D 101 35.90 20.67 -52.93
CA ILE D 101 35.87 19.28 -53.39
C ILE D 101 34.50 18.99 -53.99
N ALA D 102 33.41 19.34 -53.26
CA ALA D 102 32.03 19.13 -53.69
C ALA D 102 31.83 19.66 -55.12
N ASN D 103 32.32 20.88 -55.39
CA ASN D 103 32.13 21.53 -56.66
C ASN D 103 33.17 21.16 -57.71
N SER D 104 34.20 20.39 -57.32
CA SER D 104 35.27 20.03 -58.25
C SER D 104 34.77 19.18 -59.43
N ASP D 105 35.49 19.20 -60.56
CA ASP D 105 35.16 18.43 -61.75
C ASP D 105 34.99 16.91 -61.45
N LYS D 106 35.74 16.39 -60.44
CA LYS D 106 35.71 14.98 -60.02
C LYS D 106 34.42 14.63 -59.29
N TYR D 107 33.96 15.54 -58.41
CA TYR D 107 32.82 15.27 -57.52
C TYR D 107 31.53 16.08 -57.75
N CYS D 108 31.48 16.98 -58.74
CA CYS D 108 30.29 17.81 -58.99
C CYS D 108 29.09 16.99 -59.50
N THR D 109 27.87 17.58 -59.37
CA THR D 109 26.61 17.01 -59.81
C THR D 109 26.60 16.87 -61.34
N PRO D 110 26.19 15.72 -61.92
CA PRO D 110 26.15 15.62 -63.38
C PRO D 110 25.02 16.45 -63.99
N ARG D 111 25.09 16.71 -65.32
CA ARG D 111 24.04 17.45 -66.02
C ARG D 111 22.81 16.55 -66.14
N TYR D 112 21.64 17.09 -65.83
CA TYR D 112 20.41 16.32 -65.90
C TYR D 112 19.14 17.11 -66.16
N SER D 113 18.27 16.58 -67.00
CA SER D 113 16.98 17.19 -67.27
C SER D 113 15.95 17.12 -66.13
N GLU D 114 15.84 15.97 -65.48
CA GLU D 114 14.84 15.79 -64.45
C GLU D 114 15.33 14.83 -63.39
N PHE D 115 14.64 14.78 -62.25
CA PHE D 115 15.09 13.92 -61.18
C PHE D 115 15.14 12.46 -61.60
N GLU D 116 14.13 12.00 -62.33
CA GLU D 116 14.18 10.59 -62.76
C GLU D 116 15.56 10.25 -63.37
N GLU D 117 16.16 11.20 -64.12
CA GLU D 117 17.49 11.10 -64.76
C GLU D 117 18.58 11.08 -63.70
N LEU D 118 18.51 12.01 -62.70
CA LEU D 118 19.46 12.12 -61.58
C LEU D 118 19.36 10.94 -60.65
N GLU D 119 18.15 10.40 -60.44
CA GLU D 119 17.90 9.22 -59.62
C GLU D 119 18.60 8.03 -60.27
N ARG D 120 18.32 7.82 -61.58
CA ARG D 120 18.89 6.77 -62.44
C ARG D 120 20.41 6.78 -62.35
N LYS D 121 21.02 7.99 -62.44
CA LYS D 121 22.47 8.22 -62.39
C LYS D 121 23.06 7.85 -61.04
N TYR D 122 22.33 8.17 -59.94
CA TYR D 122 22.77 7.82 -58.58
C TYR D 122 22.94 6.30 -58.47
N TRP D 123 21.87 5.53 -58.80
CA TRP D 123 21.86 4.08 -58.72
C TRP D 123 22.78 3.36 -59.76
N LYS D 124 23.25 4.06 -60.80
CA LYS D 124 24.20 3.47 -61.76
C LYS D 124 25.62 3.64 -61.23
N ASN D 125 25.90 4.84 -60.71
CA ASN D 125 27.23 5.23 -60.30
C ASN D 125 27.56 5.23 -58.81
N LEU D 126 26.65 4.78 -57.90
CA LEU D 126 26.99 4.95 -56.48
C LEU D 126 28.28 4.24 -56.05
N THR D 127 28.57 3.09 -56.69
CA THR D 127 29.77 2.33 -56.35
C THR D 127 31.08 3.01 -56.79
N PHE D 128 31.03 3.89 -57.82
CA PHE D 128 32.21 4.60 -58.35
C PHE D 128 32.43 5.96 -57.72
N ASN D 129 33.67 6.46 -57.81
CA ASN D 129 34.08 7.77 -57.30
C ASN D 129 33.52 8.03 -55.87
N PRO D 130 33.97 7.28 -54.85
CA PRO D 130 33.44 7.48 -53.50
C PRO D 130 33.51 8.93 -53.01
N PRO D 131 32.35 9.56 -52.71
CA PRO D 131 32.37 10.96 -52.28
C PRO D 131 32.71 11.09 -50.81
N ILE D 132 32.84 12.33 -50.33
CA ILE D 132 33.10 12.65 -48.92
C ILE D 132 31.86 13.31 -48.37
N TYR D 133 31.42 12.85 -47.20
CA TYR D 133 30.25 13.40 -46.53
C TYR D 133 30.70 14.02 -45.18
N GLY D 134 30.41 15.29 -45.00
CA GLY D 134 30.74 16.03 -43.79
C GLY D 134 29.63 15.85 -42.78
N ALA D 135 29.44 14.59 -42.36
CA ALA D 135 28.35 14.23 -41.49
C ALA D 135 28.69 14.17 -39.98
N ASP D 136 27.61 14.25 -39.20
CA ASP D 136 27.54 14.20 -37.75
C ASP D 136 28.42 15.27 -37.09
N VAL D 137 28.28 16.53 -37.57
CA VAL D 137 29.04 17.66 -37.04
C VAL D 137 28.20 18.25 -35.92
N ASN D 138 28.69 18.15 -34.67
CA ASN D 138 27.96 18.68 -33.52
C ASN D 138 27.89 20.20 -33.59
N GLY D 139 26.70 20.71 -33.86
CA GLY D 139 26.44 22.14 -33.95
C GLY D 139 25.09 22.51 -34.52
N THR D 140 24.81 23.83 -34.55
CA THR D 140 23.57 24.43 -35.07
C THR D 140 23.84 25.68 -35.93
N LEU D 141 22.98 25.91 -36.95
CA LEU D 141 23.05 27.10 -37.80
C LEU D 141 21.92 28.08 -37.45
N TYR D 142 21.07 27.74 -36.45
CA TYR D 142 19.99 28.59 -35.97
C TYR D 142 20.55 29.76 -35.17
N GLU D 143 19.98 30.93 -35.40
CA GLU D 143 20.38 32.05 -34.59
C GLU D 143 19.69 31.82 -33.25
N LYS D 144 20.35 32.20 -32.13
CA LYS D 144 19.87 32.03 -30.76
C LYS D 144 18.37 32.37 -30.56
N HIS D 145 17.97 33.60 -30.99
CA HIS D 145 16.63 34.20 -30.86
C HIS D 145 15.47 33.47 -31.55
N VAL D 146 15.76 32.71 -32.63
CA VAL D 146 14.80 31.95 -33.44
C VAL D 146 14.15 30.86 -32.58
N ASP D 147 12.85 31.06 -32.25
CA ASP D 147 12.09 30.14 -31.41
C ASP D 147 11.35 29.08 -32.21
N GLU D 148 10.77 29.45 -33.36
CA GLU D 148 9.96 28.55 -34.18
C GLU D 148 10.80 27.48 -34.85
N TRP D 149 10.53 26.24 -34.42
CA TRP D 149 11.12 25.03 -34.94
C TRP D 149 12.66 25.04 -34.79
N ASN D 150 13.18 25.59 -33.68
CA ASN D 150 14.61 25.57 -33.41
C ASN D 150 15.00 24.14 -33.05
N ILE D 151 15.76 23.46 -33.94
CA ILE D 151 16.24 22.08 -33.80
C ILE D 151 17.03 21.89 -32.48
N GLY D 152 17.88 22.84 -32.13
CA GLY D 152 18.66 22.82 -30.88
C GLY D 152 17.84 22.69 -29.63
N ARG D 153 16.61 23.26 -29.64
CA ARG D 153 15.69 23.26 -28.50
C ARG D 153 14.21 23.10 -28.92
N LEU D 154 13.80 21.89 -29.29
CA LEU D 154 12.42 21.64 -29.70
C LEU D 154 11.40 21.55 -28.52
N ARG D 155 11.94 21.31 -27.30
CA ARG D 155 11.23 21.21 -26.01
C ARG D 155 10.10 20.13 -26.00
N THR D 156 10.33 18.99 -26.69
CA THR D 156 9.43 17.82 -26.75
C THR D 156 9.60 17.00 -25.47
N ILE D 157 8.79 15.94 -25.27
CA ILE D 157 8.88 15.08 -24.07
C ILE D 157 10.24 14.33 -23.98
N LEU D 158 11.02 14.37 -25.09
CA LEU D 158 12.34 13.74 -25.17
C LEU D 158 13.28 14.31 -24.10
N ASP D 159 13.20 15.63 -23.86
CA ASP D 159 13.97 16.40 -22.87
C ASP D 159 14.03 15.76 -21.47
N LEU D 160 13.09 14.85 -21.14
CA LEU D 160 13.03 14.15 -19.84
C LEU D 160 14.33 13.40 -19.54
N VAL D 161 15.01 12.90 -20.59
CA VAL D 161 16.32 12.20 -20.53
C VAL D 161 17.37 13.12 -19.85
N GLU D 162 17.44 14.39 -20.31
CA GLU D 162 18.35 15.42 -19.81
C GLU D 162 18.03 15.78 -18.35
N GLY D 171 23.50 13.74 -25.56
CA GLY D 171 23.57 12.71 -26.57
C GLY D 171 22.84 13.08 -27.84
N VAL D 172 21.65 12.53 -28.03
CA VAL D 172 20.86 12.81 -29.22
C VAL D 172 19.75 13.84 -29.01
N ASN D 173 19.81 14.53 -27.87
CA ASN D 173 18.95 15.67 -27.62
C ASN D 173 19.42 16.82 -28.53
N THR D 174 20.74 16.89 -28.67
CA THR D 174 21.49 17.83 -29.49
C THR D 174 21.42 17.66 -31.02
N PRO D 175 21.54 18.78 -31.75
CA PRO D 175 21.55 18.94 -33.20
C PRO D 175 22.87 18.57 -33.86
N TYR D 176 22.81 18.10 -35.10
CA TYR D 176 23.98 17.70 -35.86
C TYR D 176 23.88 18.29 -37.25
N LEU D 177 25.02 18.68 -37.81
CA LEU D 177 25.15 19.25 -39.14
C LEU D 177 25.72 18.25 -40.09
N TYR D 178 25.23 18.32 -41.34
CA TYR D 178 25.56 17.44 -42.47
C TYR D 178 25.82 18.25 -43.71
N PHE D 179 27.08 18.26 -44.12
CA PHE D 179 27.57 18.97 -45.30
C PHE D 179 27.67 17.88 -46.38
N GLY D 180 26.78 17.96 -47.38
CA GLY D 180 26.69 16.96 -48.43
C GLY D 180 27.27 17.36 -49.77
N MET D 181 27.56 16.37 -50.59
CA MET D 181 27.99 16.56 -51.96
C MET D 181 27.28 15.54 -52.80
N TRP D 182 27.31 15.71 -54.11
CA TRP D 182 26.62 14.79 -55.00
C TRP D 182 26.95 13.34 -54.67
N LYS D 183 25.92 12.47 -54.67
CA LYS D 183 26.03 11.02 -54.51
C LYS D 183 26.29 10.57 -53.08
N THR D 184 26.44 11.50 -52.10
CA THR D 184 26.61 11.10 -50.70
C THR D 184 25.25 10.58 -50.26
N SER D 185 25.20 9.51 -49.49
CA SER D 185 23.91 8.99 -49.13
C SER D 185 23.75 8.40 -47.75
N PHE D 186 22.52 8.31 -47.29
CA PHE D 186 22.22 7.70 -46.01
C PHE D 186 21.52 6.37 -46.28
N ALA D 187 22.00 5.32 -45.64
CA ALA D 187 21.47 3.96 -45.84
C ALA D 187 20.14 3.71 -45.15
N TRP D 188 19.47 2.60 -45.47
CA TRP D 188 18.17 2.29 -44.88
C TRP D 188 18.23 2.11 -43.38
N HIS D 189 17.38 2.87 -42.67
CA HIS D 189 17.35 2.83 -41.20
C HIS D 189 16.14 3.57 -40.66
N THR D 190 15.77 3.24 -39.42
CA THR D 190 14.80 3.98 -38.63
C THR D 190 15.75 4.72 -37.68
N GLU D 191 15.24 5.73 -36.97
CA GLU D 191 16.08 6.43 -35.99
C GLU D 191 16.34 5.51 -34.78
N ASP D 192 17.39 5.78 -34.03
CA ASP D 192 17.70 5.00 -32.82
C ASP D 192 16.57 5.17 -31.83
N MET D 193 16.28 4.12 -31.07
CA MET D 193 15.18 4.06 -30.10
C MET D 193 13.81 4.21 -30.78
N ASP D 194 13.80 4.13 -32.11
CA ASP D 194 12.65 4.27 -33.02
C ASP D 194 11.96 5.62 -32.75
N LEU D 195 12.77 6.67 -32.70
CA LEU D 195 12.33 8.02 -32.46
C LEU D 195 11.93 8.76 -33.71
N TYR D 196 11.39 9.96 -33.54
CA TYR D 196 11.05 10.88 -34.61
C TYR D 196 12.31 11.66 -34.99
N SER D 197 12.31 12.29 -36.15
CA SER D 197 13.44 13.14 -36.55
C SER D 197 13.01 14.37 -37.34
N ILE D 198 13.76 15.47 -37.20
CA ILE D 198 13.51 16.70 -37.93
C ILE D 198 14.76 16.99 -38.77
N ASN D 199 14.57 17.26 -40.07
CA ASN D 199 15.67 17.55 -40.95
C ASN D 199 15.38 18.84 -41.71
N TYR D 200 16.18 19.90 -41.48
CA TYR D 200 16.01 21.17 -42.18
C TYR D 200 17.14 21.35 -43.19
N LEU D 201 16.83 21.71 -44.46
CA LEU D 201 17.88 21.94 -45.47
C LEU D 201 18.20 23.43 -45.45
N HIS D 202 19.29 23.78 -44.76
CA HIS D 202 19.70 25.16 -44.57
C HIS D 202 19.91 25.93 -45.89
N PHE D 203 20.66 25.34 -46.82
CA PHE D 203 20.98 25.90 -48.13
C PHE D 203 21.51 24.80 -49.05
N GLY D 204 21.72 25.13 -50.32
CA GLY D 204 22.32 24.24 -51.29
C GLY D 204 21.41 23.40 -52.15
N GLU D 205 21.97 22.40 -52.79
CA GLU D 205 21.29 21.47 -53.69
C GLU D 205 20.31 20.52 -52.96
N PRO D 206 19.26 19.98 -53.63
CA PRO D 206 18.28 19.18 -52.91
C PRO D 206 18.80 17.88 -52.31
N LYS D 207 18.00 17.30 -51.41
CA LYS D 207 18.28 16.03 -50.78
C LYS D 207 17.06 15.16 -51.11
N SER D 208 17.28 14.02 -51.80
CA SER D 208 16.19 13.09 -52.14
C SER D 208 16.01 11.95 -51.11
N TRP D 209 14.78 11.58 -50.84
CA TRP D 209 14.43 10.61 -49.81
C TRP D 209 13.53 9.52 -50.34
N TYR D 210 13.63 8.34 -49.67
CA TYR D 210 12.82 7.14 -49.88
C TYR D 210 12.34 6.75 -48.51
N SER D 211 11.06 6.32 -48.43
N SER D 211 11.05 6.34 -48.39
CA SER D 211 10.35 5.99 -47.19
CA SER D 211 10.45 5.94 -47.10
C SER D 211 9.53 4.71 -47.34
C SER D 211 9.43 4.82 -47.23
N VAL D 212 9.52 3.87 -46.27
CA VAL D 212 8.69 2.68 -46.20
C VAL D 212 7.74 2.89 -45.01
N PRO D 213 6.40 2.77 -45.25
CA PRO D 213 5.44 3.01 -44.17
C PRO D 213 5.70 2.14 -42.95
N PRO D 214 5.75 2.70 -41.70
CA PRO D 214 6.01 1.84 -40.52
C PRO D 214 5.21 0.53 -40.48
N GLU D 215 4.00 0.50 -41.08
CA GLU D 215 3.17 -0.72 -41.12
C GLU D 215 3.79 -1.85 -41.98
N HIS D 216 4.80 -1.53 -42.79
CA HIS D 216 5.52 -2.46 -43.68
C HIS D 216 7.02 -2.59 -43.38
N GLY D 217 7.49 -1.94 -42.30
CA GLY D 217 8.88 -1.94 -41.85
C GLY D 217 9.45 -3.32 -41.59
N LYS D 218 8.59 -4.26 -41.15
CA LYS D 218 8.96 -5.65 -40.89
C LYS D 218 9.22 -6.41 -42.21
N ARG D 219 8.53 -6.01 -43.32
CA ARG D 219 8.73 -6.62 -44.64
C ARG D 219 10.09 -6.18 -45.16
N LEU D 220 10.50 -4.93 -44.87
CA LEU D 220 11.82 -4.47 -45.26
C LEU D 220 12.86 -5.25 -44.50
N GLU D 221 12.72 -5.30 -43.16
CA GLU D 221 13.59 -6.03 -42.23
C GLU D 221 13.79 -7.48 -42.69
N ARG D 222 12.66 -8.17 -43.04
CA ARG D 222 12.63 -9.56 -43.52
C ARG D 222 13.45 -9.69 -44.80
N LEU D 223 13.19 -8.81 -45.76
CA LEU D 223 13.90 -8.73 -47.05
C LEU D 223 15.43 -8.62 -46.84
N ALA D 224 15.87 -7.60 -46.05
CA ALA D 224 17.25 -7.33 -45.68
C ALA D 224 17.93 -8.52 -45.03
N LYS D 225 17.21 -9.29 -44.20
CA LYS D 225 17.72 -10.50 -43.52
C LYS D 225 18.03 -11.59 -44.54
N GLY D 226 17.19 -11.69 -45.56
CA GLY D 226 17.34 -12.65 -46.64
C GLY D 226 18.60 -12.42 -47.44
N PHE D 227 18.92 -11.14 -47.72
CA PHE D 227 20.06 -10.72 -48.51
C PHE D 227 21.38 -10.72 -47.78
N PHE D 228 21.35 -10.37 -46.49
CA PHE D 228 22.57 -10.27 -45.68
C PHE D 228 22.43 -11.20 -44.47
N PRO D 229 22.52 -12.54 -44.70
CA PRO D 229 22.36 -13.49 -43.59
C PRO D 229 23.53 -13.48 -42.59
N GLY D 230 24.74 -13.19 -43.09
CA GLY D 230 25.93 -13.10 -42.26
C GLY D 230 25.80 -11.99 -41.25
N SER D 231 25.36 -10.81 -41.73
CA SER D 231 25.13 -9.59 -40.94
C SER D 231 24.01 -9.79 -39.90
N ALA D 232 22.93 -10.49 -40.31
CA ALA D 232 21.77 -10.79 -39.48
C ALA D 232 22.09 -11.75 -38.36
N GLN D 233 22.92 -12.79 -38.64
CA GLN D 233 23.37 -13.78 -37.64
C GLN D 233 24.33 -13.13 -36.63
N SER D 234 25.07 -12.08 -37.07
CA SER D 234 26.03 -11.30 -36.27
C SER D 234 25.33 -10.21 -35.42
N CYS D 235 24.28 -9.57 -35.96
CA CYS D 235 23.52 -8.56 -35.25
C CYS D 235 22.04 -8.57 -35.65
N GLU D 236 21.15 -8.74 -34.65
CA GLU D 236 19.69 -8.77 -34.86
C GLU D 236 19.20 -7.50 -35.60
N ALA D 237 19.63 -6.32 -35.14
CA ALA D 237 19.27 -5.04 -35.72
C ALA D 237 20.44 -4.49 -36.57
N PHE D 238 20.85 -5.24 -37.59
CA PHE D 238 22.02 -4.86 -38.41
C PHE D 238 21.78 -3.63 -39.29
N LEU D 239 20.50 -3.30 -39.65
CA LEU D 239 20.20 -2.12 -40.47
C LEU D 239 20.55 -0.84 -39.73
N ARG D 240 20.61 -0.91 -38.36
CA ARG D 240 21.00 0.15 -37.42
C ARG D 240 22.41 0.66 -37.68
N HIS D 241 23.30 -0.18 -38.29
CA HIS D 241 24.69 0.13 -38.64
C HIS D 241 24.74 1.20 -39.73
N LYS D 242 23.59 1.42 -40.42
CA LYS D 242 23.33 2.41 -41.48
C LYS D 242 24.29 2.23 -42.64
N MET D 243 24.45 0.96 -43.06
CA MET D 243 25.34 0.51 -44.13
C MET D 243 24.60 -0.09 -45.31
N THR D 244 23.31 -0.48 -45.15
CA THR D 244 22.57 -1.21 -46.19
C THR D 244 21.83 -0.29 -47.14
N LEU D 245 22.15 -0.40 -48.42
CA LEU D 245 21.53 0.41 -49.47
C LEU D 245 20.69 -0.52 -50.33
N ILE D 246 19.42 -0.15 -50.61
CA ILE D 246 18.50 -0.98 -51.42
C ILE D 246 17.80 -0.12 -52.44
N SER D 247 17.92 -0.50 -53.74
CA SER D 247 17.37 0.18 -54.92
C SER D 247 15.82 0.19 -54.92
N PRO D 248 15.14 1.32 -55.31
CA PRO D 248 13.66 1.29 -55.40
C PRO D 248 13.15 0.15 -56.31
N LEU D 249 13.92 -0.19 -57.37
CA LEU D 249 13.64 -1.31 -58.25
C LEU D 249 13.62 -2.67 -57.50
N MET D 250 14.57 -2.87 -56.55
CA MET D 250 14.63 -4.07 -55.70
C MET D 250 13.42 -4.05 -54.77
N LEU D 251 13.06 -2.88 -54.19
CA LEU D 251 11.86 -2.80 -53.34
C LEU D 251 10.58 -3.17 -54.12
N LYS D 252 10.44 -2.62 -55.33
CA LYS D 252 9.33 -2.88 -56.24
C LYS D 252 9.28 -4.37 -56.60
N LYS D 253 10.45 -4.98 -56.90
CA LYS D 253 10.58 -6.41 -57.27
C LYS D 253 10.12 -7.34 -56.16
N TYR D 254 10.42 -6.98 -54.91
CA TYR D 254 10.07 -7.79 -53.74
C TYR D 254 8.78 -7.30 -53.04
N GLY D 255 8.01 -6.48 -53.76
CA GLY D 255 6.72 -5.94 -53.33
C GLY D 255 6.71 -5.15 -52.05
N ILE D 256 7.82 -4.48 -51.72
CA ILE D 256 7.89 -3.64 -50.54
C ILE D 256 7.26 -2.29 -50.89
N PRO D 257 6.20 -1.85 -50.19
CA PRO D 257 5.61 -0.54 -50.48
C PRO D 257 6.53 0.56 -49.94
N PHE D 258 6.83 1.53 -50.81
CA PHE D 258 7.65 2.69 -50.50
C PHE D 258 7.09 3.90 -51.25
N ASP D 259 7.69 5.08 -51.01
CA ASP D 259 7.41 6.38 -51.64
C ASP D 259 8.70 7.21 -51.67
N LYS D 260 8.76 8.20 -52.59
CA LYS D 260 9.92 9.10 -52.71
C LYS D 260 9.50 10.56 -52.69
N VAL D 261 10.43 11.42 -52.23
CA VAL D 261 10.24 12.87 -52.14
C VAL D 261 11.61 13.55 -52.24
N THR D 262 11.61 14.79 -52.77
CA THR D 262 12.80 15.62 -52.88
C THR D 262 12.65 16.88 -52.03
N GLN D 263 13.50 17.01 -51.04
CA GLN D 263 13.50 18.13 -50.13
C GLN D 263 14.42 19.21 -50.73
N GLU D 264 13.92 20.45 -50.82
CA GLU D 264 14.70 21.56 -51.37
C GLU D 264 15.11 22.52 -50.28
N ALA D 265 16.17 23.29 -50.52
CA ALA D 265 16.67 24.24 -49.53
C ALA D 265 15.53 25.09 -48.93
N GLY D 266 15.48 25.16 -47.60
CA GLY D 266 14.46 25.85 -46.83
C GLY D 266 13.25 24.99 -46.46
N GLU D 267 13.36 23.64 -46.56
CA GLU D 267 12.27 22.73 -46.25
C GLU D 267 12.59 21.77 -45.11
N PHE D 268 11.54 21.29 -44.43
CA PHE D 268 11.64 20.38 -43.29
C PHE D 268 11.16 18.99 -43.62
N MET D 269 11.87 17.98 -43.11
CA MET D 269 11.43 16.60 -43.27
C MET D 269 11.25 16.01 -41.90
N ILE D 270 10.10 15.36 -41.69
CA ILE D 270 9.82 14.67 -40.44
C ILE D 270 9.76 13.19 -40.71
N THR D 271 10.48 12.41 -39.89
CA THR D 271 10.48 10.95 -39.93
C THR D 271 9.77 10.57 -38.65
N PHE D 272 8.95 9.53 -38.74
CA PHE D 272 8.10 9.05 -37.67
C PHE D 272 8.60 7.75 -37.08
N PRO D 273 8.21 7.44 -35.81
CA PRO D 273 8.67 6.20 -35.19
C PRO D 273 8.51 4.98 -36.10
N TYR D 274 9.61 4.29 -36.27
CA TYR D 274 9.72 3.10 -37.07
C TYR D 274 9.47 3.31 -38.55
N GLY D 275 9.84 4.46 -39.07
CA GLY D 275 9.70 4.69 -40.50
C GLY D 275 11.05 4.63 -41.18
N TYR D 276 11.30 3.53 -41.88
CA TYR D 276 12.55 3.33 -42.57
C TYR D 276 12.70 4.27 -43.71
N HIS D 277 13.85 4.92 -43.76
CA HIS D 277 14.23 5.90 -44.79
C HIS D 277 15.66 5.73 -45.22
N ALA D 278 15.95 6.20 -46.43
CA ALA D 278 17.25 6.20 -47.09
C ALA D 278 17.15 7.27 -48.17
N GLY D 279 18.27 7.79 -48.59
CA GLY D 279 18.27 8.79 -49.63
C GLY D 279 19.69 9.18 -49.96
N PHE D 280 19.85 10.26 -50.75
CA PHE D 280 21.12 10.79 -51.23
C PHE D 280 21.01 12.31 -51.48
N ASN D 281 22.16 12.97 -51.57
CA ASN D 281 22.32 14.40 -51.86
C ASN D 281 22.62 14.64 -53.34
N HIS D 282 21.94 15.66 -53.89
CA HIS D 282 22.09 16.09 -55.28
C HIS D 282 23.41 16.78 -55.51
N GLY D 283 23.82 17.65 -54.60
CA GLY D 283 25.08 18.36 -54.72
C GLY D 283 25.47 18.98 -53.40
N PHE D 284 26.34 20.03 -53.46
CA PHE D 284 26.77 20.70 -52.24
C PHE D 284 25.59 21.37 -51.50
N ASN D 285 25.38 20.94 -50.25
CA ASN D 285 24.32 21.45 -49.40
C ASN D 285 24.67 21.25 -47.92
N CYS D 286 23.83 21.82 -47.07
CA CYS D 286 23.99 21.71 -45.62
C CYS D 286 22.65 21.57 -44.92
N ALA D 287 22.51 20.48 -44.11
CA ALA D 287 21.30 20.15 -43.37
C ALA D 287 21.52 20.06 -41.87
N GLU D 288 20.49 20.35 -41.08
CA GLU D 288 20.53 20.22 -39.59
C GLU D 288 19.49 19.18 -39.13
N SER D 289 19.92 18.25 -38.27
CA SER D 289 19.04 17.19 -37.80
C SER D 289 19.15 16.92 -36.30
N THR D 290 18.06 16.40 -35.71
CA THR D 290 17.97 15.97 -34.31
C THR D 290 16.80 14.99 -34.15
N ASN D 291 16.70 14.37 -32.97
CA ASN D 291 15.62 13.46 -32.67
C ASN D 291 14.67 14.14 -31.71
N PHE D 292 13.40 13.71 -31.70
CA PHE D 292 12.35 14.25 -30.84
C PHE D 292 11.31 13.17 -30.59
N ALA D 293 10.41 13.39 -29.63
CA ALA D 293 9.40 12.42 -29.27
C ALA D 293 8.07 13.08 -28.93
N THR D 294 7.00 12.27 -28.95
CA THR D 294 5.60 12.54 -28.56
C THR D 294 5.24 11.38 -27.65
N ARG D 295 4.07 11.45 -26.97
CA ARG D 295 3.54 10.40 -26.10
C ARG D 295 3.44 9.07 -26.87
N ARG D 296 3.12 9.14 -28.19
CA ARG D 296 3.00 8.00 -29.10
C ARG D 296 4.30 7.21 -29.19
N TRP D 297 5.45 7.92 -29.23
CA TRP D 297 6.75 7.29 -29.32
C TRP D 297 7.10 6.36 -28.15
N ILE D 298 6.61 6.66 -26.93
CA ILE D 298 6.95 5.89 -25.74
C ILE D 298 6.81 4.37 -25.97
N GLU D 299 5.72 3.88 -26.62
CA GLU D 299 5.60 2.44 -26.89
C GLU D 299 6.62 1.93 -27.91
N TYR D 300 7.08 2.81 -28.81
CA TYR D 300 8.08 2.45 -29.83
C TYR D 300 9.46 2.27 -29.21
N GLY D 301 9.85 3.16 -28.28
CA GLY D 301 11.11 3.11 -27.55
C GLY D 301 11.19 1.89 -26.65
N LYS D 302 10.05 1.58 -25.98
CA LYS D 302 9.87 0.41 -25.10
C LYS D 302 10.05 -0.90 -25.90
N GLN D 303 9.42 -0.99 -27.10
CA GLN D 303 9.43 -2.18 -27.97
C GLN D 303 10.66 -2.31 -28.88
N ALA D 304 11.32 -1.18 -29.26
CA ALA D 304 12.49 -1.07 -30.18
C ALA D 304 13.55 -2.15 -30.07
N VAL D 305 13.94 -2.71 -31.23
CA VAL D 305 14.99 -3.73 -31.34
C VAL D 305 16.29 -2.97 -31.55
N LEU D 306 17.23 -3.09 -30.61
CA LEU D 306 18.49 -2.34 -30.65
C LEU D 306 19.69 -3.09 -31.21
N CYS D 307 20.76 -2.34 -31.54
CA CYS D 307 22.00 -2.90 -32.05
C CYS D 307 22.83 -3.45 -30.87
N SER D 308 23.14 -4.75 -30.96
CA SER D 308 23.89 -5.53 -29.98
C SER D 308 25.41 -5.20 -29.93
N CYS D 309 26.09 -5.39 -31.08
CA CYS D 309 27.55 -5.28 -31.31
C CYS D 309 28.18 -3.87 -31.09
N ARG D 310 27.37 -2.80 -30.95
CA ARG D 310 27.90 -1.43 -30.78
N MET D 313 26.62 2.48 -29.51
CA MET D 313 25.24 2.37 -30.00
C MET D 313 24.21 3.05 -29.05
N VAL D 314 23.45 4.05 -29.58
CA VAL D 314 22.45 4.87 -28.86
C VAL D 314 21.36 4.01 -28.19
N LYS D 315 21.28 4.13 -26.85
CA LYS D 315 20.32 3.46 -26.01
C LYS D 315 19.84 4.43 -24.92
N ILE D 316 18.52 4.48 -24.68
CA ILE D 316 17.88 5.33 -23.66
C ILE D 316 17.14 4.42 -22.68
N SER D 317 17.29 4.70 -21.36
CA SER D 317 16.60 3.97 -20.29
C SER D 317 15.15 4.45 -20.33
N MET D 318 14.25 3.60 -20.85
CA MET D 318 12.82 3.89 -21.01
C MET D 318 12.07 4.10 -19.70
N ASP D 319 12.63 3.59 -18.59
CA ASP D 319 12.13 3.65 -17.21
C ASP D 319 11.46 4.97 -16.83
N VAL D 320 12.14 6.11 -17.08
CA VAL D 320 11.66 7.46 -16.76
C VAL D 320 10.31 7.78 -17.42
N PHE D 321 10.16 7.42 -18.73
CA PHE D 321 8.95 7.65 -19.53
C PHE D 321 7.78 6.78 -19.08
N VAL D 322 8.07 5.49 -18.78
CA VAL D 322 7.08 4.49 -18.35
C VAL D 322 6.46 4.90 -17.00
N ARG D 323 7.18 5.67 -16.18
CA ARG D 323 6.64 6.13 -14.91
C ARG D 323 5.74 7.33 -15.14
N LYS D 324 6.24 8.33 -15.88
CA LYS D 324 5.54 9.58 -16.13
C LYS D 324 4.26 9.44 -16.95
N PHE D 325 4.26 8.58 -17.99
CA PHE D 325 3.10 8.46 -18.88
C PHE D 325 2.32 7.15 -18.78
N GLN D 326 2.98 6.05 -18.38
CA GLN D 326 2.28 4.77 -18.24
C GLN D 326 2.40 4.25 -16.79
N PRO D 327 2.02 5.02 -15.72
CA PRO D 327 2.24 4.51 -14.35
C PRO D 327 1.51 3.22 -14.02
N GLU D 328 0.36 2.99 -14.68
CA GLU D 328 -0.48 1.80 -14.53
C GLU D 328 0.27 0.55 -14.97
N ARG D 329 0.83 0.60 -16.21
CA ARG D 329 1.56 -0.49 -16.85
C ARG D 329 3.02 -0.62 -16.41
N TYR D 330 3.52 0.26 -15.50
CA TYR D 330 4.92 0.26 -15.05
C TYR D 330 5.38 -1.07 -14.42
N LYS D 331 4.66 -1.57 -13.40
CA LYS D 331 5.01 -2.83 -12.73
C LYS D 331 4.98 -3.98 -13.74
N LEU D 332 3.92 -4.03 -14.57
CA LEU D 332 3.69 -5.03 -15.60
C LEU D 332 4.86 -5.06 -16.59
N TRP D 333 5.31 -3.87 -17.05
CA TRP D 333 6.42 -3.70 -18.00
C TRP D 333 7.75 -4.10 -17.42
N LYS D 334 8.05 -3.67 -16.17
CA LYS D 334 9.28 -3.98 -15.44
C LYS D 334 9.44 -5.49 -15.35
N ALA D 335 8.32 -6.21 -15.08
CA ALA D 335 8.22 -7.67 -15.01
C ALA D 335 8.45 -8.33 -16.37
N GLY D 336 8.05 -7.65 -17.45
CA GLY D 336 8.17 -8.12 -18.82
C GLY D 336 6.87 -8.72 -19.31
N LYS D 337 5.76 -8.32 -18.65
CA LYS D 337 4.40 -8.78 -18.91
C LYS D 337 3.60 -7.79 -19.78
N ASP D 338 4.17 -6.60 -20.11
CA ASP D 338 3.50 -5.62 -20.96
C ASP D 338 3.51 -6.09 -22.42
N ASN D 339 2.46 -6.85 -22.80
CA ASN D 339 2.27 -7.44 -24.12
C ASN D 339 1.51 -6.51 -25.10
N THR D 340 1.71 -5.17 -24.97
CA THR D 340 1.08 -4.14 -25.84
C THR D 340 1.46 -4.34 -27.30
N VAL D 341 0.50 -4.08 -28.20
CA VAL D 341 0.66 -4.22 -29.65
C VAL D 341 0.52 -2.84 -30.31
N ILE D 342 1.58 -2.43 -31.03
CA ILE D 342 1.63 -1.14 -31.68
C ILE D 342 0.74 -1.06 -32.95
N ASP D 343 -0.15 -0.04 -33.00
CA ASP D 343 -0.99 0.27 -34.17
C ASP D 343 -0.36 1.48 -34.86
N HIS D 344 0.30 1.23 -35.99
CA HIS D 344 1.02 2.26 -36.75
C HIS D 344 0.10 3.27 -37.44
N THR D 345 -1.18 2.94 -37.62
CA THR D 345 -2.15 3.85 -38.25
C THR D 345 -2.67 4.90 -37.26
N LEU D 346 -2.63 4.56 -35.94
CA LEU D 346 -3.11 5.41 -34.84
C LEU D 346 -2.28 6.68 -34.62
N PRO D 347 -2.94 7.87 -34.57
CA PRO D 347 -2.20 9.11 -34.32
C PRO D 347 -1.89 9.27 -32.83
N THR D 348 -0.92 10.17 -32.55
CA THR D 348 -0.45 10.52 -31.21
C THR D 348 -1.61 11.01 -30.34
N PRO D 349 -1.63 10.75 -29.00
CA PRO D 349 -2.76 11.24 -28.17
C PRO D 349 -3.01 12.75 -28.33
N GLU D 350 -1.91 13.55 -28.42
CA GLU D 350 -1.84 15.01 -28.60
C GLU D 350 -2.74 15.59 -29.73
N ALA D 351 -3.13 14.74 -30.72
CA ALA D 351 -4.01 15.10 -31.84
C ALA D 351 -5.52 15.07 -31.43
N ALA D 352 -5.80 15.01 -30.11
CA ALA D 352 -7.15 15.00 -29.53
C ALA D 352 -7.96 16.20 -30.00
N GLU D 353 -7.39 17.43 -29.85
CA GLU D 353 -8.00 18.70 -30.26
C GLU D 353 -8.26 18.85 -31.78
N PHE D 354 -7.65 17.96 -32.61
CA PHE D 354 -7.77 17.97 -34.08
C PHE D 354 -8.64 16.84 -34.64
N LEU D 355 -9.33 16.09 -33.75
CA LEU D 355 -10.18 14.95 -34.14
C LEU D 355 -11.58 15.12 -33.57
ZN ZN E . 21.34 6.66 7.91
ZN ZN F . 19.00 -9.25 11.18
C1 FQQ G . 19.86 9.38 8.62
C2 FQQ G . 18.44 7.56 8.39
C3 FQQ G . 17.39 8.28 9.03
C4 FQQ G . 17.63 9.62 9.41
C5 FQQ G . 16.57 10.38 10.08
C6 FQQ G . 15.29 8.36 9.87
C7 FQQ G . 18.80 4.61 6.69
C8 FQQ G . 17.40 4.56 6.86
C9 FQQ G . 17.11 5.69 7.57
C10 FQQ G . 16.41 3.53 6.37
C11 FQQ G . 15.96 3.78 4.93
C12 FQQ G . 14.12 2.26 5.33
C13 FQQ G . 13.40 1.02 4.84
C17 FQQ G . 12.37 -0.14 2.82
C14 FQQ G . 12.84 1.17 3.42
C23 FQQ G . 11.63 2.11 3.45
C15 FQQ G . 13.90 1.80 2.51
C16 FQQ G . 14.58 3.01 3.13
N5 FQQ G . 15.18 2.67 4.40
N4 FQQ G . 19.34 5.68 7.23
N3 FQQ G . 18.27 6.35 7.76
N FQQ G . 19.65 8.10 8.23
N2 FQQ G . 16.19 7.65 9.27
N1 FQQ G . 15.43 9.64 10.27
O FQQ G . 16.70 11.54 10.45
C FQQ G . 18.89 10.17 9.19
S DMS H . 4.57 24.05 7.11
O DMS H . 4.52 22.95 8.10
C1 DMS H . 3.77 25.40 7.96
C2 DMS H . 6.24 24.63 7.10
CL CL I . 19.88 19.93 32.46
ZN ZN J . -29.30 -6.30 -0.64
ZN ZN K . -34.21 9.24 1.28
C1 FQQ L . -30.38 -9.20 -0.07
C2 FQQ L . -31.09 -7.63 1.47
C3 FQQ L . -32.09 -8.53 1.93
C4 FQQ L . -32.17 -9.80 1.34
C5 FQQ L . -33.24 -10.71 1.75
C6 FQQ L . -33.92 -8.92 3.19
C7 FQQ L . -29.64 -4.65 2.42
C8 FQQ L . -30.53 -4.77 3.49
C9 FQQ L . -31.25 -5.90 3.22
C10 FQQ L . -30.62 -3.91 4.71
C11 FQQ L . -29.48 -4.19 5.68
C12 FQQ L . -30.70 -2.83 7.25
C13 FQQ L . -30.59 -1.75 8.32
CL FQQ L . -28.03 2.62 10.51
C19 FQQ L . -28.66 1.10 11.05
C18 FQQ L . -28.98 0.14 10.11
C20 FQQ L . -28.81 0.86 12.39
C21 FQQ L . -29.28 -0.37 12.80
C22 FQQ L . -29.58 -1.35 11.87
C17 FQQ L . -29.43 -1.10 10.52
C14 FQQ L . -29.71 -2.18 9.50
C23 FQQ L . -30.41 -3.32 10.23
C15 FQQ L . -28.38 -2.73 8.94
C16 FQQ L . -28.60 -3.77 7.86
N5 FQQ L . -29.37 -3.21 6.76
N4 FQQ L . -29.76 -5.64 1.55
N3 FQQ L . -30.76 -6.41 2.07
N FQQ L . -30.29 -7.98 0.46
N2 FQQ L . -32.98 -8.09 2.88
N1 FQQ L . -34.06 -10.16 2.68
O FQQ L . -33.35 -11.85 1.30
C FQQ L . -31.29 -10.15 0.34
S DMS M . -22.71 5.47 -9.03
O DMS M . -23.77 6.18 -8.27
C1 DMS M . -21.76 6.79 -9.78
C2 DMS M . -21.54 4.79 -7.83
S DMS N . -36.14 -26.16 11.24
O DMS N . -35.97 -24.79 11.76
C1 DMS N . -37.38 -26.05 9.96
C2 DMS N . -34.70 -26.49 10.25
ZN ZN O . -9.55 -9.53 34.64
ZN ZN P . -12.00 3.97 25.59
C1 FQQ Q . -7.25 -11.64 35.10
C2 FQQ Q . -7.43 -10.84 32.95
C3 FQQ Q . -6.15 -11.35 32.66
C4 FQQ Q . -5.44 -12.05 33.64
C5 FQQ Q . -4.13 -12.63 33.33
C6 FQQ Q . -4.47 -11.62 31.18
C7 FQQ Q . -10.04 -9.41 31.26
C8 FQQ Q . -9.24 -9.70 30.16
C9 FQQ Q . -8.12 -10.25 30.68
C10 FQQ Q . -9.53 -9.48 28.70
C11 FQQ Q . -10.36 -10.59 28.09
C12 FQQ Q . -9.94 -9.54 25.95
C13 FQQ Q . -10.55 -9.11 24.64
C17 FQQ Q . -11.89 -9.85 22.58
C14 FQQ Q . -11.15 -10.27 23.83
C23 FQQ Q . -10.01 -11.19 23.39
C15 FQQ Q . -12.05 -11.10 24.77
C16 FQQ Q . -11.35 -11.45 26.07
N5 FQQ Q . -10.92 -10.26 26.78
N4 FQQ Q . -9.47 -9.77 32.41
N3 FQQ Q . -8.28 -10.30 32.02
N FQQ Q . -7.96 -10.99 34.16
N2 FQQ Q . -5.64 -11.14 31.41
N1 FQQ Q . -3.74 -12.33 32.05
O FQQ Q . -3.49 -13.32 34.11
C FQQ Q . -6.01 -12.19 34.91
S DMS R . 5.15 -28.36 29.88
O DMS R . 4.48 -27.55 28.83
C1 DMS R . 6.51 -27.40 30.47
C2 DMS R . 4.14 -28.34 31.33
ZN ZN S . 17.38 9.01 -40.20
ZN ZN T . 24.77 -4.41 -34.50
C1 FQQ U . 17.98 11.39 -42.23
C2 FQQ U . 19.79 10.48 -41.09
C3 FQQ U . 20.66 11.08 -42.03
C4 FQQ U . 20.13 11.88 -43.05
C5 FQQ U . 21.03 12.58 -43.96
C6 FQQ U . 22.76 11.48 -42.71
C7 FQQ U . 19.92 8.95 -38.01
C8 FQQ U . 21.30 9.13 -38.20
C9 FQQ U . 21.41 9.65 -39.45
C10 FQQ U . 22.42 8.88 -37.21
C11 FQQ U . 22.75 10.09 -36.36
C12 FQQ U . 24.92 9.29 -35.64
C13 FQQ U . 25.76 8.81 -34.46
C17 FQQ U . 26.56 9.37 -32.10
C14 FQQ U . 25.91 9.89 -33.38
C23 FQQ U . 26.82 11.00 -33.92
C15 FQQ U . 24.54 10.51 -33.07
C16 FQQ U . 23.79 10.90 -34.33
N5 FQQ U . 23.61 9.75 -35.21
N4 FQQ U . 19.22 9.35 -39.06
N3 FQQ U . 20.16 9.81 -39.93
N FQQ U . 18.46 10.66 -41.21
N2 FQQ U . 21.99 10.88 -41.86
N1 FQQ U . 22.34 12.29 -43.70
O FQQ U . 20.65 13.40 -44.79
C FQQ U . 18.75 12.02 -43.16
#